data_5GOP
#
_entry.id   5GOP
#
_cell.length_a   99.866
_cell.length_b   178.923
_cell.length_c   181.324
_cell.angle_alpha   90.00
_cell.angle_beta   90.00
_cell.angle_gamma   90.00
#
_symmetry.space_group_name_H-M   'C 2 2 21'
#
loop_
_entity.id
_entity.type
_entity.pdbx_description
1 polymer 'Alkaline Invertase'
2 branched beta-D-fructofuranose-(2-1)-alpha-D-glucopyranose
3 non-polymer beta-D-fructofuranose
4 water water
#
_entity_poly.entity_id   1
_entity_poly.type   'polypeptide(L)'
_entity_poly.pdbx_seq_one_letter_code
;(MSE)GHHHHHH(MSE)KSLRETESWKLLESSIIYYEGNPIGTVAAQDPELAALNYDQCFLRDFVPSAFVFL(MSE)DGQ
TDIVRNFLIETLTLQSHEKE(MSE)DCFQPGAGL(MSE)PASFKVESDGSKEYLVADFGEKAIARVPPVDSC(MSE)WWI
LLLRAYEKATGDLTLAREPKFQAGIKLILDLCLAHRFS(MSE)YPT(MSE)LVPDGAF(MSE)IDRR(MSE)GVYEHPLE
IQVLFYAALRAARELLLPDGDGEQYLNKVHGRLGALQYHIRNYYWVDLKRLREIYRYKGNEFGKEIANKFNIFSQSIPDW
VIEWLPEKGGYLAGNLGPGR(MSE)DFRFFALGNL(MSE)AILAGLASEEESQRI(MSE)NLFAHRWEDLIGY(MSE)PV
KICYPALQGLEWQIVTGCDPKNIPWSYHNGGNWPVLLWLFTAAALKTGKVELAHEAIAIAEGRLSNDKFPEYYDGNNGRL
IGKEARIYQTWSIAGLLVAKQFLANPDHVEFISFPDT
;
_entity_poly.pdbx_strand_id   A,B,C
#
loop_
_chem_comp.id
_chem_comp.type
_chem_comp.name
_chem_comp.formula
FRU D-saccharide, beta linking beta-D-fructofuranose 'C6 H12 O6'
GLC D-saccharide, alpha linking alpha-D-glucopyranose 'C6 H12 O6'
#
# COMPACT_ATOMS: atom_id res chain seq x y z
N ARG A 13 -53.52 -24.01 -20.63
CA ARG A 13 -52.70 -23.80 -21.82
C ARG A 13 -52.36 -25.12 -22.50
N GLU A 14 -51.82 -25.02 -23.72
CA GLU A 14 -51.45 -26.19 -24.49
C GLU A 14 -49.93 -26.31 -24.55
N THR A 15 -49.24 -25.47 -23.81
CA THR A 15 -47.79 -25.46 -23.84
C THR A 15 -47.20 -26.57 -22.99
N GLU A 16 -45.95 -26.91 -23.32
CA GLU A 16 -45.15 -27.87 -22.57
C GLU A 16 -45.02 -27.52 -21.09
N SER A 17 -44.80 -26.23 -20.82
CA SER A 17 -44.61 -25.78 -19.45
C SER A 17 -45.86 -25.98 -18.62
N TRP A 18 -47.01 -25.69 -19.20
CA TRP A 18 -48.28 -25.89 -18.49
C TRP A 18 -48.47 -27.32 -18.02
N LYS A 19 -48.16 -28.27 -18.90
CA LYS A 19 -48.29 -29.69 -18.59
C LYS A 19 -47.29 -30.15 -17.53
N LEU A 20 -46.07 -29.62 -17.62
CA LEU A 20 -45.04 -29.96 -16.63
C LEU A 20 -45.45 -29.50 -15.22
N LEU A 21 -46.02 -28.30 -15.15
CA LEU A 21 -46.53 -27.77 -13.89
C LEU A 21 -47.68 -28.59 -13.34
N GLU A 22 -48.53 -29.06 -14.24
CA GLU A 22 -49.72 -29.84 -13.89
C GLU A 22 -49.37 -31.15 -13.20
N SER A 23 -48.29 -31.79 -13.63
CA SER A 23 -47.86 -33.05 -13.04
C SER A 23 -47.10 -32.85 -11.72
N SER A 24 -46.68 -31.62 -11.45
CA SER A 24 -46.01 -31.32 -10.19
C SER A 24 -47.01 -31.28 -9.04
N ILE A 25 -48.28 -31.05 -9.37
CA ILE A 25 -49.34 -30.89 -8.37
C ILE A 25 -49.43 -32.06 -7.39
N ILE A 26 -49.48 -31.74 -6.11
CA ILE A 26 -49.66 -32.75 -5.07
C ILE A 26 -51.14 -32.83 -4.70
N TYR A 27 -51.67 -34.04 -4.64
CA TYR A 27 -53.06 -34.23 -4.26
C TYR A 27 -53.15 -34.83 -2.87
N TYR A 28 -54.14 -34.36 -2.12
CA TYR A 28 -54.37 -34.82 -0.76
C TYR A 28 -55.87 -34.96 -0.55
N GLU A 29 -56.30 -36.18 -0.23
CA GLU A 29 -57.71 -36.52 -0.11
C GLU A 29 -58.50 -36.12 -1.35
N GLY A 30 -57.92 -36.40 -2.52
CA GLY A 30 -58.53 -36.09 -3.80
C GLY A 30 -58.52 -34.62 -4.16
N ASN A 31 -57.83 -33.81 -3.36
CA ASN A 31 -57.78 -32.37 -3.61
C ASN A 31 -56.36 -31.89 -3.91
N PRO A 32 -56.23 -30.94 -4.84
CA PRO A 32 -54.91 -30.33 -5.10
C PRO A 32 -54.54 -29.36 -3.99
N ILE A 33 -53.37 -29.51 -3.40
CA ILE A 33 -52.96 -28.66 -2.29
C ILE A 33 -51.59 -28.00 -2.46
N GLY A 34 -50.88 -28.33 -3.54
CA GLY A 34 -49.57 -27.76 -3.76
C GLY A 34 -48.80 -28.32 -4.94
N THR A 35 -47.52 -28.01 -5.01
CA THR A 35 -46.66 -28.53 -6.06
C THR A 35 -45.32 -29.00 -5.50
N VAL A 36 -44.76 -30.05 -6.10
CA VAL A 36 -43.46 -30.57 -5.71
C VAL A 36 -42.38 -29.56 -6.07
N ALA A 37 -41.23 -29.64 -5.40
CA ALA A 37 -40.13 -28.74 -5.70
C ALA A 37 -39.49 -29.09 -7.03
N ALA A 38 -39.47 -30.38 -7.37
CA ALA A 38 -38.88 -30.84 -8.62
C ALA A 38 -39.44 -32.20 -9.06
N GLN A 39 -39.36 -32.46 -10.35
CA GLN A 39 -39.73 -33.76 -10.90
C GLN A 39 -38.49 -34.40 -11.51
N ASP A 40 -37.36 -34.21 -10.82
CA ASP A 40 -36.11 -34.78 -11.28
C ASP A 40 -36.18 -36.28 -11.03
N PRO A 41 -35.96 -37.07 -12.08
CA PRO A 41 -35.98 -38.54 -11.95
C PRO A 41 -34.79 -39.19 -11.23
N GLU A 42 -33.57 -38.73 -11.48
CA GLU A 42 -32.38 -39.37 -10.91
C GLU A 42 -31.71 -38.84 -9.63
N LEU A 43 -32.01 -37.62 -9.20
CA LEU A 43 -31.37 -37.11 -7.98
C LEU A 43 -32.00 -37.69 -6.72
N ALA A 44 -31.21 -37.87 -5.67
CA ALA A 44 -31.73 -38.38 -4.41
C ALA A 44 -32.81 -37.38 -4.00
N ALA A 45 -33.91 -37.90 -3.46
CA ALA A 45 -35.05 -37.03 -3.14
C ALA A 45 -34.73 -35.93 -2.14
N LEU A 46 -33.98 -36.25 -1.08
CA LEU A 46 -33.66 -35.26 -0.05
C LEU A 46 -34.97 -34.58 0.36
N ASN A 47 -35.08 -33.27 0.18
CA ASN A 47 -36.32 -32.57 0.51
C ASN A 47 -37.03 -31.97 -0.71
N TYR A 48 -36.65 -32.42 -1.91
CA TYR A 48 -37.24 -31.90 -3.16
C TYR A 48 -38.55 -32.58 -3.57
N ASP A 49 -38.92 -33.64 -2.86
CA ASP A 49 -40.23 -34.27 -3.07
C ASP A 49 -41.31 -33.57 -2.23
N GLN A 50 -40.89 -32.58 -1.46
CA GLN A 50 -41.81 -31.82 -0.63
C GLN A 50 -42.38 -30.62 -1.37
N CYS A 51 -43.38 -29.98 -0.77
CA CYS A 51 -43.86 -28.70 -1.26
C CYS A 51 -43.28 -27.59 -0.40
N PHE A 52 -42.40 -26.77 -0.98
CA PHE A 52 -41.87 -25.62 -0.27
C PHE A 52 -42.84 -24.46 -0.38
N LEU A 53 -43.09 -23.77 0.72
CA LEU A 53 -43.99 -22.63 0.71
C LEU A 53 -43.48 -21.53 -0.22
N ARG A 54 -42.20 -21.18 -0.13
CA ARG A 54 -41.67 -20.16 -1.03
C ARG A 54 -41.75 -20.60 -2.50
N ASP A 55 -41.48 -21.86 -2.77
CA ASP A 55 -41.53 -22.37 -4.13
C ASP A 55 -42.94 -22.29 -4.72
N PHE A 56 -43.93 -22.62 -3.90
CA PHE A 56 -45.31 -22.65 -4.35
C PHE A 56 -45.84 -21.32 -4.87
N VAL A 57 -45.29 -20.21 -4.39
CA VAL A 57 -45.81 -18.88 -4.74
C VAL A 57 -45.86 -18.62 -6.27
N PRO A 58 -44.76 -18.84 -7.01
CA PRO A 58 -44.91 -18.64 -8.46
C PRO A 58 -45.87 -19.64 -9.12
N SER A 59 -45.96 -20.86 -8.61
CA SER A 59 -46.93 -21.81 -9.13
C SER A 59 -48.34 -21.29 -8.88
N ALA A 60 -48.57 -20.79 -7.67
CA ALA A 60 -49.85 -20.24 -7.28
C ALA A 60 -50.27 -19.11 -8.20
N PHE A 61 -49.32 -18.25 -8.57
CA PHE A 61 -49.60 -17.14 -9.49
C PHE A 61 -50.10 -17.64 -10.85
N VAL A 62 -49.50 -18.73 -11.34
CA VAL A 62 -49.92 -19.31 -12.61
C VAL A 62 -51.37 -19.76 -12.55
N PHE A 63 -51.71 -20.47 -11.48
CA PHE A 63 -53.06 -20.99 -11.30
C PHE A 63 -54.10 -19.89 -11.06
N LEU A 64 -53.70 -18.84 -10.34
CA LEU A 64 -54.59 -17.71 -10.14
C LEU A 64 -54.91 -17.00 -11.45
N MSE A 65 -53.92 -16.89 -12.32
CA MSE A 65 -54.12 -16.21 -13.59
C MSE A 65 -54.88 -17.07 -14.60
O MSE A 65 -55.55 -16.54 -15.49
CB MSE A 65 -52.77 -15.76 -14.15
CG MSE A 65 -52.17 -14.64 -13.32
SE MSE A 65 -50.59 -13.81 -14.08
CE MSE A 65 -49.26 -15.14 -13.55
N ASP A 66 -54.78 -18.38 -14.47
CA ASP A 66 -55.54 -19.29 -15.33
C ASP A 66 -57.00 -19.24 -14.89
N GLY A 67 -57.21 -19.06 -13.59
CA GLY A 67 -58.53 -19.05 -12.99
C GLY A 67 -58.90 -20.28 -12.20
N GLN A 68 -58.01 -21.27 -12.16
CA GLN A 68 -58.26 -22.46 -11.35
C GLN A 68 -57.61 -22.17 -9.99
N THR A 69 -58.41 -21.64 -9.07
CA THR A 69 -57.90 -21.21 -7.78
C THR A 69 -58.06 -22.13 -6.56
N ASP A 70 -58.68 -23.30 -6.72
CA ASP A 70 -58.87 -24.18 -5.57
C ASP A 70 -57.57 -24.71 -4.97
N ILE A 71 -56.57 -24.97 -5.82
CA ILE A 71 -55.28 -25.45 -5.34
C ILE A 71 -54.64 -24.40 -4.43
N VAL A 72 -54.80 -23.12 -4.79
CA VAL A 72 -54.24 -22.03 -4.02
C VAL A 72 -54.97 -21.95 -2.68
N ARG A 73 -56.29 -22.06 -2.74
CA ARG A 73 -57.12 -21.98 -1.54
C ARG A 73 -56.81 -23.15 -0.60
N ASN A 74 -56.70 -24.35 -1.15
CA ASN A 74 -56.43 -25.53 -0.35
C ASN A 74 -55.04 -25.45 0.28
N PHE A 75 -54.08 -24.93 -0.49
CA PHE A 75 -52.72 -24.70 0.01
C PHE A 75 -52.73 -23.79 1.23
N LEU A 76 -53.36 -22.63 1.08
CA LEU A 76 -53.46 -21.66 2.17
C LEU A 76 -54.12 -22.26 3.41
N ILE A 77 -55.15 -23.07 3.20
CA ILE A 77 -55.86 -23.69 4.31
C ILE A 77 -54.97 -24.72 5.01
N GLU A 78 -54.39 -25.63 4.24
CA GLU A 78 -53.56 -26.69 4.80
C GLU A 78 -52.32 -26.15 5.51
N THR A 79 -51.71 -25.13 4.93
CA THR A 79 -50.52 -24.53 5.54
C THR A 79 -50.90 -23.87 6.86
N LEU A 80 -52.09 -23.27 6.90
CA LEU A 80 -52.58 -22.64 8.11
C LEU A 80 -52.74 -23.71 9.20
N THR A 81 -53.25 -24.87 8.80
CA THR A 81 -53.46 -25.99 9.71
C THR A 81 -52.12 -26.49 10.24
N LEU A 82 -51.11 -26.51 9.37
CA LEU A 82 -49.77 -26.96 9.74
C LEU A 82 -49.21 -26.08 10.83
N GLN A 83 -49.52 -24.79 10.75
CA GLN A 83 -49.06 -23.81 11.73
C GLN A 83 -49.56 -24.17 13.14
N SER A 84 -50.79 -24.68 13.22
CA SER A 84 -51.39 -25.06 14.50
C SER A 84 -50.68 -26.23 15.19
N HIS A 85 -50.06 -27.12 14.41
CA HIS A 85 -49.39 -28.29 14.97
C HIS A 85 -48.24 -27.91 15.88
N GLU A 86 -48.07 -28.68 16.96
CA GLU A 86 -46.98 -28.42 17.89
C GLU A 86 -45.68 -28.65 17.14
N LYS A 87 -44.76 -27.70 17.30
CA LYS A 87 -43.46 -27.76 16.68
C LYS A 87 -42.49 -27.74 17.82
N GLU A 88 -41.56 -28.70 17.88
CA GLU A 88 -40.63 -28.66 18.98
C GLU A 88 -39.30 -29.37 18.72
N MSE A 89 -38.30 -28.94 19.48
CA MSE A 89 -36.99 -29.55 19.43
C MSE A 89 -36.42 -29.38 20.84
O MSE A 89 -36.15 -28.26 21.27
CB MSE A 89 -36.11 -28.92 18.36
CG MSE A 89 -34.87 -29.72 18.06
SE MSE A 89 -33.68 -28.98 16.71
CE MSE A 89 -32.04 -29.78 17.39
N ASP A 90 -36.24 -30.49 21.53
CA ASP A 90 -35.63 -30.51 22.88
C ASP A 90 -36.37 -29.65 23.91
N CYS A 91 -37.65 -29.92 24.10
CA CYS A 91 -38.46 -29.24 25.12
C CYS A 91 -38.65 -27.74 24.87
N PHE A 92 -38.31 -27.30 23.66
CA PHE A 92 -38.47 -25.89 23.34
C PHE A 92 -39.34 -25.66 22.12
N GLN A 93 -40.29 -24.74 22.26
CA GLN A 93 -41.17 -24.37 21.18
C GLN A 93 -40.87 -22.97 20.66
N PRO A 94 -40.77 -22.82 19.34
CA PRO A 94 -40.79 -21.48 18.75
C PRO A 94 -42.18 -20.86 18.88
N GLY A 95 -42.35 -19.64 18.39
CA GLY A 95 -43.64 -18.99 18.42
C GLY A 95 -44.66 -19.79 17.63
N ALA A 96 -45.91 -19.77 18.08
CA ALA A 96 -47.00 -20.49 17.42
C ALA A 96 -47.17 -20.09 15.95
N GLY A 97 -46.77 -18.87 15.60
CA GLY A 97 -47.00 -18.34 14.27
C GLY A 97 -46.11 -18.90 13.16
N LEU A 98 -45.13 -19.72 13.51
CA LEU A 98 -44.15 -20.20 12.55
C LEU A 98 -44.74 -21.11 11.47
N MSE A 99 -44.49 -20.76 10.20
CA MSE A 99 -44.83 -21.62 9.08
C MSE A 99 -43.65 -22.53 8.75
O MSE A 99 -42.51 -22.15 8.96
CB MSE A 99 -45.21 -20.78 7.85
CG MSE A 99 -46.52 -20.03 7.97
SE MSE A 99 -48.02 -21.27 7.88
CE MSE A 99 -49.51 -20.06 8.22
N PRO A 100 -43.93 -23.72 8.23
CA PRO A 100 -42.81 -24.61 7.91
C PRO A 100 -42.15 -24.22 6.59
N ALA A 101 -40.93 -24.69 6.35
CA ALA A 101 -40.26 -24.46 5.08
C ALA A 101 -40.94 -25.27 3.99
N SER A 102 -41.38 -26.47 4.35
CA SER A 102 -41.96 -27.39 3.38
C SER A 102 -42.82 -28.46 4.05
N PHE A 103 -43.70 -29.07 3.27
CA PHE A 103 -44.45 -30.24 3.71
C PHE A 103 -44.49 -31.30 2.62
N LYS A 104 -44.78 -32.53 3.01
CA LYS A 104 -45.09 -33.57 2.05
C LYS A 104 -46.30 -34.37 2.51
N VAL A 105 -46.85 -35.15 1.59
CA VAL A 105 -47.97 -36.00 1.90
C VAL A 105 -47.43 -37.41 2.11
N GLU A 106 -47.73 -37.99 3.27
CA GLU A 106 -47.24 -39.32 3.58
C GLU A 106 -48.38 -40.32 3.60
N SER A 107 -48.20 -41.42 2.89
CA SER A 107 -49.20 -42.48 2.90
C SER A 107 -48.69 -43.59 3.81
N ASP A 108 -49.25 -43.65 5.02
CA ASP A 108 -48.88 -44.68 5.97
C ASP A 108 -49.29 -46.01 5.36
N GLY A 109 -50.44 -45.94 4.71
CA GLY A 109 -51.12 -47.01 4.02
C GLY A 109 -52.51 -46.48 4.30
N SER A 110 -53.51 -46.86 3.51
CA SER A 110 -54.85 -46.35 3.76
C SER A 110 -54.83 -44.82 3.72
N LYS A 111 -55.22 -44.21 4.83
CA LYS A 111 -55.30 -42.74 4.97
C LYS A 111 -53.98 -41.97 4.84
N GLU A 112 -54.11 -40.77 4.25
CA GLU A 112 -53.05 -39.80 4.03
C GLU A 112 -52.90 -38.80 5.18
N TYR A 113 -51.71 -38.27 5.37
CA TYR A 113 -51.52 -37.20 6.34
C TYR A 113 -50.35 -36.30 5.93
N LEU A 114 -50.35 -35.08 6.46
CA LEU A 114 -49.35 -34.09 6.11
C LEU A 114 -48.25 -33.98 7.17
N VAL A 115 -47.00 -34.06 6.71
CA VAL A 115 -45.87 -33.88 7.61
C VAL A 115 -45.10 -32.65 7.16
N ALA A 116 -44.81 -31.76 8.11
CA ALA A 116 -44.16 -30.50 7.82
C ALA A 116 -42.74 -30.44 8.36
N ASP A 117 -41.90 -29.63 7.73
CA ASP A 117 -40.57 -29.32 8.26
C ASP A 117 -40.55 -27.85 8.67
N PHE A 118 -40.53 -27.62 9.97
CA PHE A 118 -40.56 -26.26 10.51
C PHE A 118 -39.15 -25.73 10.77
N GLY A 119 -38.15 -26.54 10.46
CA GLY A 119 -36.78 -26.23 10.84
C GLY A 119 -36.14 -27.32 11.66
N GLU A 120 -36.97 -28.19 12.25
CA GLU A 120 -36.48 -29.31 13.04
C GLU A 120 -35.93 -30.48 12.22
N LYS A 121 -36.34 -30.57 10.96
CA LYS A 121 -35.71 -31.52 10.03
C LYS A 121 -34.73 -30.84 9.07
N ALA A 122 -34.92 -29.53 8.85
CA ALA A 122 -34.14 -28.78 7.87
C ALA A 122 -32.63 -28.94 8.10
N ILE A 123 -31.88 -28.98 7.00
CA ILE A 123 -30.43 -29.04 7.06
C ILE A 123 -29.91 -27.78 7.74
N ALA A 124 -28.99 -27.95 8.69
CA ALA A 124 -28.47 -26.86 9.52
C ALA A 124 -29.56 -26.22 10.40
N ARG A 125 -30.74 -26.84 10.42
CA ARG A 125 -31.87 -26.33 11.21
C ARG A 125 -32.18 -24.86 10.99
N VAL A 126 -32.00 -24.41 9.74
CA VAL A 126 -32.35 -23.03 9.38
C VAL A 126 -33.85 -22.79 9.59
N PRO A 127 -34.21 -21.59 10.07
CA PRO A 127 -35.61 -21.24 10.28
C PRO A 127 -36.23 -20.64 9.03
N PRO A 128 -37.42 -21.11 8.64
CA PRO A 128 -37.99 -20.54 7.42
C PRO A 128 -38.73 -19.24 7.71
N VAL A 129 -37.97 -18.17 7.91
CA VAL A 129 -38.56 -16.88 8.26
C VAL A 129 -39.40 -16.30 7.14
N ASP A 130 -38.92 -16.44 5.91
CA ASP A 130 -39.62 -15.92 4.74
C ASP A 130 -40.91 -16.68 4.43
N SER A 131 -41.02 -17.92 4.93
CA SER A 131 -42.20 -18.74 4.70
C SER A 131 -43.49 -18.08 5.17
N CYS A 132 -43.50 -17.59 6.40
CA CYS A 132 -44.70 -16.99 6.97
C CYS A 132 -45.05 -15.68 6.26
N MSE A 133 -44.03 -15.00 5.74
CA MSE A 133 -44.25 -13.77 4.98
C MSE A 133 -44.86 -14.04 3.61
O MSE A 133 -45.79 -13.34 3.19
CB MSE A 133 -42.94 -12.99 4.86
CG MSE A 133 -42.76 -12.07 6.03
SE MSE A 133 -40.92 -11.69 6.43
CE MSE A 133 -41.10 -11.65 8.35
N TRP A 134 -44.34 -15.05 2.92
CA TRP A 134 -44.90 -15.44 1.64
C TRP A 134 -46.32 -15.94 1.80
N TRP A 135 -46.60 -16.57 2.94
CA TRP A 135 -47.93 -17.07 3.25
C TRP A 135 -48.95 -15.93 3.22
N ILE A 136 -48.60 -14.84 3.88
CA ILE A 136 -49.42 -13.62 3.91
C ILE A 136 -49.54 -12.96 2.53
N LEU A 137 -48.43 -12.92 1.79
CA LEU A 137 -48.43 -12.29 0.48
C LEU A 137 -49.25 -13.10 -0.52
N LEU A 138 -49.21 -14.42 -0.37
CA LEU A 138 -50.00 -15.31 -1.22
C LEU A 138 -51.49 -15.23 -0.85
N LEU A 139 -51.77 -15.11 0.45
CA LEU A 139 -53.12 -14.89 0.91
C LEU A 139 -53.71 -13.62 0.31
N ARG A 140 -52.95 -12.53 0.34
CA ARG A 140 -53.36 -11.29 -0.30
C ARG A 140 -53.55 -11.48 -1.81
N ALA A 141 -52.59 -12.15 -2.45
CA ALA A 141 -52.62 -12.35 -3.89
C ALA A 141 -53.84 -13.16 -4.30
N TYR A 142 -54.16 -14.18 -3.51
CA TYR A 142 -55.36 -14.99 -3.72
C TYR A 142 -56.59 -14.09 -3.73
N GLU A 143 -56.70 -13.27 -2.69
CA GLU A 143 -57.83 -12.37 -2.48
C GLU A 143 -58.02 -11.41 -3.65
N LYS A 144 -56.94 -10.83 -4.12
CA LYS A 144 -57.00 -9.84 -5.19
C LYS A 144 -57.24 -10.46 -6.56
N ALA A 145 -56.80 -11.69 -6.74
CA ALA A 145 -57.02 -12.40 -7.99
C ALA A 145 -58.45 -12.90 -8.11
N THR A 146 -59.01 -13.38 -7.01
CA THR A 146 -60.31 -14.04 -7.02
C THR A 146 -61.44 -13.13 -6.57
N GLY A 147 -61.11 -12.09 -5.81
CA GLY A 147 -62.13 -11.26 -5.19
C GLY A 147 -62.72 -11.88 -3.93
N ASP A 148 -62.28 -13.08 -3.58
CA ASP A 148 -62.80 -13.76 -2.40
C ASP A 148 -62.23 -13.18 -1.10
N LEU A 149 -63.05 -12.41 -0.41
CA LEU A 149 -62.66 -11.81 0.86
C LEU A 149 -62.92 -12.71 2.04
N THR A 150 -63.63 -13.82 1.84
CA THR A 150 -64.09 -14.63 2.97
C THR A 150 -62.97 -15.42 3.62
N LEU A 151 -62.04 -15.91 2.81
CA LEU A 151 -60.99 -16.80 3.32
C LEU A 151 -60.17 -16.12 4.42
N ALA A 152 -59.56 -14.99 4.09
CA ALA A 152 -58.74 -14.24 5.06
C ALA A 152 -59.51 -13.83 6.33
N ARG A 153 -60.76 -13.41 6.17
CA ARG A 153 -61.59 -12.96 7.29
C ARG A 153 -61.92 -14.06 8.29
N GLU A 154 -62.06 -15.30 7.81
CA GLU A 154 -62.46 -16.41 8.68
C GLU A 154 -61.62 -16.40 9.96
N PRO A 155 -62.24 -16.76 11.09
CA PRO A 155 -61.60 -16.75 12.40
C PRO A 155 -60.20 -17.37 12.44
N LYS A 156 -60.04 -18.55 11.84
CA LYS A 156 -58.76 -19.23 11.88
C LYS A 156 -57.68 -18.52 11.09
N PHE A 157 -58.08 -17.86 10.00
CA PHE A 157 -57.14 -17.12 9.18
C PHE A 157 -56.67 -15.84 9.88
N GLN A 158 -57.62 -15.10 10.43
CA GLN A 158 -57.32 -13.92 11.24
C GLN A 158 -56.33 -14.24 12.36
N ALA A 159 -56.62 -15.31 13.10
CA ALA A 159 -55.73 -15.77 14.16
C ALA A 159 -54.35 -16.13 13.63
N GLY A 160 -54.32 -16.80 12.47
CA GLY A 160 -53.07 -17.18 11.84
C GLY A 160 -52.18 -16.01 11.47
N ILE A 161 -52.78 -14.99 10.86
CA ILE A 161 -52.09 -13.75 10.54
C ILE A 161 -51.50 -13.08 11.79
N LYS A 162 -52.32 -12.99 12.83
CA LYS A 162 -51.91 -12.35 14.08
C LYS A 162 -50.74 -13.06 14.75
N LEU A 163 -50.75 -14.39 14.72
CA LEU A 163 -49.62 -15.16 15.22
C LEU A 163 -48.33 -14.83 14.47
N ILE A 164 -48.44 -14.64 13.16
CA ILE A 164 -47.28 -14.29 12.36
C ILE A 164 -46.80 -12.89 12.73
N LEU A 165 -47.74 -11.97 12.86
CA LEU A 165 -47.42 -10.60 13.26
C LEU A 165 -46.78 -10.53 14.64
N ASP A 166 -47.24 -11.36 15.57
CA ASP A 166 -46.65 -11.43 16.90
C ASP A 166 -45.15 -11.73 16.82
N LEU A 167 -44.80 -12.71 15.98
CA LEU A 167 -43.40 -13.07 15.77
C LEU A 167 -42.58 -11.96 15.11
N CYS A 168 -43.16 -11.35 14.08
CA CYS A 168 -42.49 -10.29 13.33
C CYS A 168 -42.29 -9.03 14.16
N LEU A 169 -43.33 -8.66 14.90
CA LEU A 169 -43.35 -7.40 15.63
C LEU A 169 -42.80 -7.55 17.04
N ALA A 170 -42.30 -8.74 17.36
CA ALA A 170 -41.78 -9.02 18.69
C ALA A 170 -40.72 -7.98 19.05
N HIS A 171 -40.68 -7.61 20.32
CA HIS A 171 -39.82 -6.51 20.75
C HIS A 171 -38.34 -6.81 20.65
N ARG A 172 -37.60 -5.81 20.19
CA ARG A 172 -36.17 -5.92 19.97
C ARG A 172 -35.37 -5.34 21.12
N PHE A 173 -34.10 -5.70 21.19
CA PHE A 173 -33.12 -5.00 22.01
C PHE A 173 -32.54 -3.83 21.23
N SER A 174 -32.39 -4.03 19.93
CA SER A 174 -31.81 -3.03 19.05
C SER A 174 -32.68 -1.80 18.92
N MSE A 175 -32.08 -0.75 18.38
CA MSE A 175 -32.75 0.52 18.17
C MSE A 175 -33.36 0.62 16.78
O MSE A 175 -33.71 1.71 16.33
CB MSE A 175 -31.77 1.66 18.39
CG MSE A 175 -31.47 1.88 19.85
SE MSE A 175 -32.90 2.95 20.60
CE MSE A 175 -32.58 2.54 22.45
N TYR A 176 -33.48 -0.50 16.09
CA TYR A 176 -33.89 -0.44 14.69
C TYR A 176 -35.13 -1.24 14.35
N PRO A 177 -35.93 -0.70 13.42
CA PRO A 177 -37.21 -1.27 13.03
C PRO A 177 -37.03 -2.52 12.17
N THR A 178 -35.80 -2.82 11.77
CA THR A 178 -35.59 -4.02 10.96
C THR A 178 -35.74 -5.26 11.81
N MSE A 179 -35.83 -6.38 11.12
CA MSE A 179 -36.04 -7.66 11.76
C MSE A 179 -34.75 -8.49 11.83
O MSE A 179 -34.05 -8.66 10.83
CB MSE A 179 -37.13 -8.38 11.03
CG MSE A 179 -37.42 -9.73 11.53
SE MSE A 179 -38.95 -10.32 10.54
CE MSE A 179 -38.79 -12.13 11.07
N LEU A 180 -34.45 -9.01 13.01
CA LEU A 180 -33.23 -9.76 13.23
C LEU A 180 -33.41 -11.27 13.00
N VAL A 181 -32.51 -11.86 12.23
CA VAL A 181 -32.57 -13.29 11.94
C VAL A 181 -31.20 -13.96 12.04
N PRO A 182 -31.20 -15.28 12.21
CA PRO A 182 -29.96 -16.05 12.02
C PRO A 182 -29.61 -16.13 10.55
N ASP A 183 -28.45 -16.70 10.24
CA ASP A 183 -28.03 -16.89 8.85
C ASP A 183 -28.96 -17.88 8.15
N GLY A 184 -29.11 -17.74 6.83
CA GLY A 184 -29.88 -18.69 6.04
C GLY A 184 -31.37 -18.78 6.35
N ALA A 185 -32.00 -17.63 6.58
CA ALA A 185 -33.40 -17.58 7.01
C ALA A 185 -34.42 -17.25 5.90
N PHE A 186 -33.94 -17.08 4.67
CA PHE A 186 -34.85 -16.82 3.54
C PHE A 186 -34.58 -17.73 2.37
N MSE A 187 -34.70 -17.22 1.14
CA MSE A 187 -34.50 -18.05 -0.04
C MSE A 187 -33.12 -18.66 0.03
O MSE A 187 -32.92 -19.81 -0.38
CB MSE A 187 -34.63 -17.25 -1.33
CG MSE A 187 -34.31 -18.09 -2.57
SE MSE A 187 -34.72 -17.13 -4.19
CE MSE A 187 -33.88 -18.32 -5.50
N ILE A 188 -32.18 -17.89 0.53
CA ILE A 188 -30.85 -18.40 0.73
C ILE A 188 -30.99 -19.06 2.09
N ASP A 189 -31.08 -20.39 2.10
CA ASP A 189 -31.31 -21.14 3.32
C ASP A 189 -30.09 -21.88 3.86
N ARG A 190 -28.90 -21.39 3.50
CA ARG A 190 -27.66 -21.97 3.97
C ARG A 190 -26.77 -20.82 4.45
N ARG A 191 -25.68 -21.14 5.14
CA ARG A 191 -24.85 -20.10 5.75
C ARG A 191 -24.14 -19.28 4.67
N MSE A 192 -24.56 -18.03 4.52
CA MSE A 192 -24.08 -17.21 3.42
C MSE A 192 -23.74 -15.78 3.84
O MSE A 192 -23.67 -14.88 3.00
CB MSE A 192 -25.12 -17.17 2.31
CG MSE A 192 -24.99 -18.30 1.31
SE MSE A 192 -23.43 -18.04 0.19
CE MSE A 192 -23.94 -16.37 -0.66
N GLY A 193 -23.52 -15.57 5.12
CA GLY A 193 -23.24 -14.23 5.64
C GLY A 193 -24.43 -13.29 5.51
N VAL A 194 -25.63 -13.87 5.50
CA VAL A 194 -26.86 -13.09 5.39
C VAL A 194 -27.63 -13.10 6.73
N TYR A 195 -26.90 -13.36 7.80
CA TYR A 195 -27.36 -13.17 9.17
C TYR A 195 -27.62 -11.69 9.47
N GLU A 196 -28.25 -11.43 10.62
CA GLU A 196 -28.52 -10.08 11.15
C GLU A 196 -29.70 -9.41 10.44
N HIS A 197 -29.45 -8.51 9.52
CA HIS A 197 -30.56 -7.78 8.89
C HIS A 197 -30.55 -7.82 7.35
N PRO A 198 -30.61 -9.03 6.76
CA PRO A 198 -30.55 -9.20 5.31
C PRO A 198 -31.72 -8.52 4.60
N LEU A 199 -31.42 -7.86 3.48
CA LEU A 199 -32.42 -7.12 2.72
C LEU A 199 -33.72 -7.87 2.46
N GLU A 200 -33.61 -9.08 1.94
CA GLU A 200 -34.79 -9.87 1.56
C GLU A 200 -35.79 -10.03 2.70
N ILE A 201 -35.28 -10.29 3.91
CA ILE A 201 -36.14 -10.43 5.08
C ILE A 201 -36.86 -9.12 5.38
N GLN A 202 -36.13 -8.02 5.28
CA GLN A 202 -36.68 -6.70 5.58
C GLN A 202 -37.75 -6.29 4.56
N VAL A 203 -37.48 -6.55 3.29
CA VAL A 203 -38.41 -6.21 2.22
C VAL A 203 -39.69 -7.06 2.29
N LEU A 204 -39.53 -8.36 2.50
CA LEU A 204 -40.68 -9.26 2.66
C LEU A 204 -41.50 -8.91 3.91
N PHE A 205 -40.79 -8.58 4.99
CA PHE A 205 -41.39 -8.13 6.24
C PHE A 205 -42.26 -6.91 5.96
N TYR A 206 -41.68 -5.94 5.25
CA TYR A 206 -42.40 -4.71 4.87
C TYR A 206 -43.62 -5.00 4.00
N ALA A 207 -43.46 -5.87 3.02
CA ALA A 207 -44.57 -6.23 2.13
C ALA A 207 -45.69 -6.95 2.86
N ALA A 208 -45.33 -7.90 3.72
CA ALA A 208 -46.30 -8.64 4.51
C ALA A 208 -47.10 -7.73 5.45
N LEU A 209 -46.45 -6.69 5.96
CA LEU A 209 -47.10 -5.73 6.83
C LEU A 209 -48.18 -4.95 6.07
N ARG A 210 -47.86 -4.51 4.86
CA ARG A 210 -48.83 -3.80 4.04
C ARG A 210 -49.99 -4.72 3.69
N ALA A 211 -49.70 -5.98 3.43
CA ALA A 211 -50.73 -6.96 3.16
C ALA A 211 -51.66 -7.16 4.36
N ALA A 212 -51.05 -7.35 5.54
CA ALA A 212 -51.80 -7.50 6.79
C ALA A 212 -52.76 -6.32 7.02
N ARG A 213 -52.30 -5.14 6.63
CA ARG A 213 -53.08 -3.92 6.69
C ARG A 213 -54.38 -4.01 5.88
N GLU A 214 -54.32 -4.68 4.75
CA GLU A 214 -55.52 -4.95 3.94
C GLU A 214 -56.34 -6.11 4.47
N LEU A 215 -55.67 -7.07 5.10
CA LEU A 215 -56.29 -8.34 5.47
C LEU A 215 -56.99 -8.37 6.83
N LEU A 216 -56.54 -7.55 7.77
CA LEU A 216 -57.02 -7.66 9.14
C LEU A 216 -58.41 -7.06 9.34
N LEU A 217 -59.22 -7.77 10.12
CA LEU A 217 -60.49 -7.23 10.58
C LEU A 217 -60.21 -6.26 11.73
N PRO A 218 -60.92 -5.12 11.73
CA PRO A 218 -60.79 -4.15 12.81
C PRO A 218 -61.34 -4.67 14.13
N ASP A 219 -62.46 -5.37 14.09
CA ASP A 219 -63.12 -5.86 15.30
C ASP A 219 -62.21 -6.77 16.12
N GLY A 220 -62.28 -6.60 17.44
CA GLY A 220 -61.42 -7.36 18.33
C GLY A 220 -60.16 -6.57 18.60
N ASP A 221 -59.08 -7.29 18.87
CA ASP A 221 -57.78 -6.70 19.18
C ASP A 221 -57.07 -6.24 17.91
N GLY A 222 -57.73 -6.40 16.77
CA GLY A 222 -57.14 -6.03 15.51
C GLY A 222 -56.73 -4.56 15.43
N GLU A 223 -57.55 -3.67 15.98
CA GLU A 223 -57.21 -2.25 15.99
C GLU A 223 -55.78 -1.99 16.49
N GLN A 224 -55.38 -2.65 17.58
CA GLN A 224 -54.04 -2.45 18.13
C GLN A 224 -53.01 -3.01 17.16
N TYR A 225 -53.31 -4.18 16.57
CA TYR A 225 -52.44 -4.78 15.56
C TYR A 225 -52.21 -3.83 14.39
N LEU A 226 -53.30 -3.27 13.88
CA LEU A 226 -53.22 -2.34 12.74
C LEU A 226 -52.40 -1.09 13.05
N ASN A 227 -52.50 -0.59 14.28
CA ASN A 227 -51.71 0.57 14.67
C ASN A 227 -50.23 0.22 14.83
N LYS A 228 -49.96 -1.00 15.28
CA LYS A 228 -48.59 -1.51 15.36
C LYS A 228 -48.00 -1.61 13.96
N VAL A 229 -48.77 -2.23 13.07
CA VAL A 229 -48.39 -2.40 11.68
C VAL A 229 -48.10 -1.06 10.99
N HIS A 230 -49.03 -0.12 11.10
CA HIS A 230 -48.86 1.20 10.50
C HIS A 230 -47.62 1.91 11.06
N GLY A 231 -47.35 1.69 12.34
CA GLY A 231 -46.19 2.29 12.99
C GLY A 231 -44.89 1.68 12.48
N ARG A 232 -44.84 0.36 12.42
CA ARG A 232 -43.63 -0.33 12.00
C ARG A 232 -43.26 -0.02 10.56
N LEU A 233 -44.28 0.02 9.70
CA LEU A 233 -44.10 0.32 8.27
C LEU A 233 -43.37 1.62 8.01
N GLY A 234 -43.77 2.69 8.69
CA GLY A 234 -43.15 3.98 8.52
C GLY A 234 -41.70 3.95 8.93
N ALA A 235 -41.44 3.35 10.09
CA ALA A 235 -40.10 3.25 10.64
C ALA A 235 -39.22 2.39 9.71
N LEU A 236 -39.73 1.22 9.36
CA LEU A 236 -39.04 0.30 8.49
C LEU A 236 -38.67 0.96 7.15
N GLN A 237 -39.65 1.58 6.51
CA GLN A 237 -39.41 2.26 5.23
C GLN A 237 -38.35 3.35 5.33
N TYR A 238 -38.46 4.19 6.35
CA TYR A 238 -37.49 5.27 6.55
C TYR A 238 -36.09 4.71 6.69
N HIS A 239 -35.95 3.72 7.56
CA HIS A 239 -34.68 3.09 7.85
C HIS A 239 -34.06 2.44 6.61
N ILE A 240 -34.85 1.65 5.89
CA ILE A 240 -34.36 0.98 4.69
C ILE A 240 -33.89 2.00 3.65
N ARG A 241 -34.75 2.97 3.36
CA ARG A 241 -34.46 3.96 2.34
C ARG A 241 -33.23 4.82 2.66
N ASN A 242 -33.11 5.24 3.91
CA ASN A 242 -31.99 6.11 4.28
C ASN A 242 -30.65 5.40 4.50
N TYR A 243 -30.69 4.18 5.01
CA TYR A 243 -29.45 3.52 5.40
C TYR A 243 -28.98 2.43 4.44
N TYR A 244 -29.91 1.72 3.83
CA TYR A 244 -29.58 0.63 2.91
C TYR A 244 -29.25 1.14 1.52
N TRP A 245 -29.80 2.30 1.16
CA TRP A 245 -29.69 2.77 -0.21
C TRP A 245 -28.27 3.15 -0.60
N VAL A 246 -27.81 2.58 -1.71
CA VAL A 246 -26.46 2.83 -2.21
C VAL A 246 -26.47 3.38 -3.63
N ASP A 247 -25.76 4.49 -3.81
CA ASP A 247 -25.43 5.02 -5.12
C ASP A 247 -24.11 5.77 -4.99
N LEU A 248 -23.61 6.34 -6.09
CA LEU A 248 -22.33 7.04 -6.05
C LEU A 248 -22.28 8.13 -4.99
N LYS A 249 -23.33 8.93 -4.93
CA LYS A 249 -23.38 10.06 -4.00
C LYS A 249 -23.23 9.60 -2.56
N ARG A 250 -24.04 8.61 -2.18
CA ARG A 250 -24.02 8.05 -0.84
C ARG A 250 -22.71 7.33 -0.55
N LEU A 251 -22.18 6.64 -1.55
CA LEU A 251 -20.91 5.93 -1.41
C LEU A 251 -19.78 6.92 -1.14
N ARG A 252 -19.80 8.03 -1.86
CA ARG A 252 -18.85 9.11 -1.63
C ARG A 252 -18.92 9.63 -0.19
N GLU A 253 -20.13 9.75 0.33
CA GLU A 253 -20.33 10.17 1.71
C GLU A 253 -19.77 9.17 2.72
N ILE A 254 -20.18 7.91 2.57
CA ILE A 254 -19.74 6.84 3.47
C ILE A 254 -18.22 6.73 3.50
N TYR A 255 -17.62 6.75 2.31
CA TYR A 255 -16.17 6.64 2.16
C TYR A 255 -15.42 7.75 2.90
N ARG A 256 -16.06 8.90 3.04
CA ARG A 256 -15.47 10.02 3.76
C ARG A 256 -15.87 10.06 5.24
N TYR A 257 -16.61 9.05 5.70
CA TYR A 257 -16.96 8.96 7.12
C TYR A 257 -15.73 8.79 8.01
N LYS A 258 -15.84 9.30 9.23
CA LYS A 258 -14.78 9.15 10.22
C LYS A 258 -15.21 8.04 11.17
N GLY A 259 -14.30 7.16 11.54
CA GLY A 259 -14.65 6.05 12.40
C GLY A 259 -14.74 6.39 13.87
N ASN A 260 -15.37 5.50 14.63
CA ASN A 260 -15.48 5.61 16.08
C ASN A 260 -16.13 6.90 16.57
N GLU A 261 -17.20 7.31 15.89
CA GLU A 261 -17.97 8.47 16.32
C GLU A 261 -18.97 8.10 17.40
N PHE A 262 -19.04 8.90 18.45
CA PHE A 262 -19.95 8.65 19.58
C PHE A 262 -20.92 9.79 19.82
N GLY A 263 -22.18 9.45 20.02
CA GLY A 263 -23.23 10.43 20.27
C GLY A 263 -24.42 10.26 19.34
N LYS A 264 -25.47 11.01 19.62
CA LYS A 264 -26.71 10.91 18.84
C LYS A 264 -26.57 11.51 17.44
N GLU A 265 -26.01 12.71 17.38
CA GLU A 265 -25.91 13.45 16.13
C GLU A 265 -24.57 13.23 15.43
N ILE A 266 -24.42 12.05 14.82
CA ILE A 266 -23.20 11.75 14.08
C ILE A 266 -23.56 11.22 12.69
N ALA A 267 -22.62 11.33 11.77
CA ALA A 267 -22.84 10.88 10.40
C ALA A 267 -22.70 9.37 10.26
N ASN A 268 -21.62 8.81 10.82
CA ASN A 268 -21.37 7.39 10.74
C ASN A 268 -21.90 6.66 11.97
N LYS A 269 -23.21 6.38 11.94
CA LYS A 269 -23.91 5.83 13.10
C LYS A 269 -23.57 4.37 13.37
N PHE A 270 -23.36 3.60 12.32
CA PHE A 270 -23.11 2.17 12.45
C PHE A 270 -21.62 1.90 12.42
N ASN A 271 -20.83 2.96 12.50
CA ASN A 271 -19.37 2.89 12.56
C ASN A 271 -18.76 2.04 11.45
N ILE A 272 -19.13 2.35 10.21
CA ILE A 272 -18.50 1.75 9.05
C ILE A 272 -17.13 2.35 8.82
N PHE A 273 -16.13 1.49 8.60
CA PHE A 273 -14.79 1.97 8.31
C PHE A 273 -14.61 2.00 6.79
N SER A 274 -14.30 3.18 6.25
CA SER A 274 -14.25 3.36 4.82
C SER A 274 -13.26 2.41 4.16
N GLN A 275 -12.20 2.05 4.90
CA GLN A 275 -11.16 1.19 4.36
C GLN A 275 -11.71 -0.20 4.09
N SER A 276 -12.87 -0.50 4.67
CA SER A 276 -13.52 -1.79 4.47
C SER A 276 -14.46 -1.84 3.27
N ILE A 277 -14.80 -0.68 2.72
CA ILE A 277 -15.68 -0.66 1.55
C ILE A 277 -14.93 -1.40 0.45
N PRO A 278 -15.59 -2.33 -0.24
CA PRO A 278 -14.82 -3.10 -1.23
C PRO A 278 -14.56 -2.33 -2.51
N ASP A 279 -13.42 -2.60 -3.13
CA ASP A 279 -13.00 -1.92 -4.36
C ASP A 279 -13.96 -2.10 -5.54
N TRP A 280 -14.54 -3.29 -5.65
CA TRP A 280 -15.42 -3.61 -6.77
C TRP A 280 -16.65 -2.71 -6.92
N VAL A 281 -17.24 -2.26 -5.82
CA VAL A 281 -18.48 -1.49 -5.92
C VAL A 281 -18.30 -0.10 -6.52
N ILE A 282 -17.14 0.52 -6.29
CA ILE A 282 -16.91 1.85 -6.84
C ILE A 282 -16.92 1.79 -8.37
N GLU A 283 -16.22 0.80 -8.93
CA GLU A 283 -16.20 0.60 -10.37
C GLU A 283 -17.53 0.13 -10.93
N TRP A 284 -18.19 -0.76 -10.18
CA TRP A 284 -19.45 -1.38 -10.61
C TRP A 284 -20.64 -0.45 -10.82
N LEU A 285 -20.86 0.49 -9.91
CA LEU A 285 -22.00 1.40 -10.05
C LEU A 285 -21.87 2.30 -11.26
N PRO A 286 -22.95 2.41 -12.05
CA PRO A 286 -23.04 3.46 -13.05
C PRO A 286 -23.38 4.78 -12.37
N GLU A 287 -23.21 5.89 -13.07
CA GLU A 287 -23.54 7.20 -12.53
C GLU A 287 -25.01 7.29 -12.10
N LYS A 288 -25.90 6.83 -12.98
CA LYS A 288 -27.34 6.88 -12.72
C LYS A 288 -27.92 5.59 -12.14
N GLY A 289 -27.07 4.76 -11.54
CA GLY A 289 -27.52 3.51 -10.97
C GLY A 289 -27.56 3.56 -9.46
N GLY A 290 -28.09 2.49 -8.86
CA GLY A 290 -28.17 2.41 -7.41
C GLY A 290 -28.94 1.18 -6.96
N TYR A 291 -28.82 0.83 -5.69
CA TYR A 291 -29.51 -0.34 -5.15
C TYR A 291 -29.60 -0.29 -3.63
N LEU A 292 -30.42 -1.18 -3.07
CA LEU A 292 -30.50 -1.36 -1.63
C LEU A 292 -29.44 -2.36 -1.20
N ALA A 293 -28.63 -2.00 -0.22
CA ALA A 293 -27.57 -2.87 0.28
C ALA A 293 -28.11 -4.18 0.82
N GLY A 294 -27.26 -5.19 0.84
CA GLY A 294 -27.63 -6.52 1.30
C GLY A 294 -27.86 -6.66 2.79
N ASN A 295 -27.21 -5.82 3.59
CA ASN A 295 -27.32 -5.94 5.04
C ASN A 295 -26.78 -4.72 5.76
N LEU A 296 -27.24 -4.53 6.99
CA LEU A 296 -26.76 -3.44 7.82
C LEU A 296 -26.84 -3.87 9.29
N GLY A 297 -25.79 -3.53 10.04
CA GLY A 297 -25.73 -3.87 11.45
C GLY A 297 -24.51 -3.20 12.06
N PRO A 298 -24.22 -3.50 13.33
CA PRO A 298 -23.10 -2.86 14.02
C PRO A 298 -21.78 -3.06 13.28
N GLY A 299 -21.16 -1.96 12.86
CA GLY A 299 -19.87 -2.02 12.18
C GLY A 299 -19.94 -2.74 10.85
N ARG A 300 -21.13 -2.98 10.34
CA ARG A 300 -21.24 -3.76 9.12
C ARG A 300 -22.21 -3.29 8.06
N MSE A 301 -21.71 -3.26 6.84
CA MSE A 301 -22.53 -2.94 5.69
C MSE A 301 -22.20 -4.00 4.63
O MSE A 301 -21.03 -4.16 4.27
CB MSE A 301 -22.26 -1.52 5.19
CG MSE A 301 -23.38 -0.96 4.34
SE MSE A 301 -23.31 0.98 4.19
CE MSE A 301 -24.30 1.15 2.52
N ASP A 302 -23.22 -4.70 4.13
CA ASP A 302 -22.97 -5.71 3.09
C ASP A 302 -23.33 -5.03 1.78
N PHE A 303 -22.33 -4.84 0.93
CA PHE A 303 -22.55 -4.11 -0.32
C PHE A 303 -22.97 -5.03 -1.45
N ARG A 304 -22.96 -6.33 -1.20
CA ARG A 304 -23.43 -7.29 -2.20
C ARG A 304 -24.84 -6.93 -2.68
N PHE A 305 -25.05 -7.01 -3.99
CA PHE A 305 -26.36 -6.81 -4.57
C PHE A 305 -27.18 -8.09 -4.47
N PHE A 306 -28.34 -8.01 -3.82
CA PHE A 306 -29.25 -9.14 -3.73
C PHE A 306 -30.48 -8.88 -4.59
N ALA A 307 -30.73 -9.77 -5.55
CA ALA A 307 -31.70 -9.52 -6.59
C ALA A 307 -33.15 -9.53 -6.10
N LEU A 308 -33.52 -10.57 -5.34
CA LEU A 308 -34.90 -10.70 -4.86
C LEU A 308 -35.29 -9.52 -3.97
N GLY A 309 -34.44 -9.21 -3.01
CA GLY A 309 -34.69 -8.08 -2.12
C GLY A 309 -34.90 -6.79 -2.88
N ASN A 310 -34.05 -6.52 -3.85
CA ASN A 310 -34.15 -5.28 -4.62
C ASN A 310 -35.37 -5.23 -5.52
N LEU A 311 -35.70 -6.35 -6.15
CA LEU A 311 -36.83 -6.38 -7.07
C LEU A 311 -38.15 -6.29 -6.33
N MSE A 312 -38.27 -7.04 -5.24
CA MSE A 312 -39.48 -7.00 -4.43
C MSE A 312 -39.66 -5.62 -3.77
O MSE A 312 -40.78 -5.19 -3.51
CB MSE A 312 -39.46 -8.12 -3.39
CG MSE A 312 -40.79 -8.31 -2.66
SE MSE A 312 -42.21 -8.96 -3.85
CE MSE A 312 -41.44 -10.64 -4.41
N ALA A 313 -38.55 -4.94 -3.52
CA ALA A 313 -38.60 -3.59 -2.94
C ALA A 313 -39.28 -2.64 -3.91
N ILE A 314 -39.03 -2.85 -5.20
CA ILE A 314 -39.74 -2.11 -6.24
C ILE A 314 -41.24 -2.45 -6.20
N LEU A 315 -41.56 -3.75 -6.21
CA LEU A 315 -42.95 -4.19 -6.25
C LEU A 315 -43.73 -3.77 -5.00
N ALA A 316 -43.08 -3.79 -3.84
CA ALA A 316 -43.74 -3.47 -2.58
C ALA A 316 -43.92 -1.96 -2.36
N GLY A 317 -43.36 -1.15 -3.25
CA GLY A 317 -43.39 0.28 -3.09
C GLY A 317 -42.46 0.78 -2.00
N LEU A 318 -41.56 -0.08 -1.55
CA LEU A 318 -40.59 0.27 -0.52
C LEU A 318 -39.58 1.25 -1.10
N ALA A 319 -38.93 0.87 -2.20
CA ALA A 319 -38.07 1.79 -2.91
C ALA A 319 -38.93 2.89 -3.53
N SER A 320 -38.42 4.11 -3.56
CA SER A 320 -39.14 5.21 -4.19
C SER A 320 -39.19 4.98 -5.69
N GLU A 321 -40.01 5.77 -6.38
CA GLU A 321 -40.15 5.62 -7.83
C GLU A 321 -38.83 5.86 -8.54
N GLU A 322 -38.10 6.88 -8.12
CA GLU A 322 -36.79 7.17 -8.68
C GLU A 322 -35.79 6.06 -8.37
N GLU A 323 -35.79 5.62 -7.11
CA GLU A 323 -34.91 4.55 -6.67
C GLU A 323 -35.18 3.25 -7.44
N SER A 324 -36.45 2.97 -7.71
CA SER A 324 -36.80 1.85 -8.56
C SER A 324 -36.21 2.01 -9.96
N GLN A 325 -36.27 3.23 -10.50
CA GLN A 325 -35.67 3.51 -11.79
C GLN A 325 -34.16 3.26 -11.78
N ARG A 326 -33.51 3.64 -10.69
CA ARG A 326 -32.06 3.52 -10.59
C ARG A 326 -31.61 2.07 -10.42
N ILE A 327 -32.44 1.24 -9.78
CA ILE A 327 -32.17 -0.19 -9.71
C ILE A 327 -32.24 -0.83 -11.11
N MSE A 328 -33.28 -0.49 -11.86
CA MSE A 328 -33.43 -1.00 -13.22
C MSE A 328 -32.31 -0.47 -14.11
O MSE A 328 -31.80 -1.19 -14.98
CB MSE A 328 -34.79 -0.64 -13.80
CG MSE A 328 -35.98 -1.25 -13.05
SE MSE A 328 -35.92 -3.21 -12.88
CE MSE A 328 -35.70 -3.70 -14.75
N ASN A 329 -31.91 0.78 -13.88
CA ASN A 329 -30.78 1.36 -14.60
C ASN A 329 -29.50 0.55 -14.35
N LEU A 330 -29.37 0.04 -13.13
CA LEU A 330 -28.25 -0.81 -12.75
C LEU A 330 -28.27 -2.15 -13.49
N PHE A 331 -29.46 -2.75 -13.57
CA PHE A 331 -29.64 -4.00 -14.33
C PHE A 331 -29.23 -3.83 -15.78
N ALA A 332 -29.61 -2.70 -16.38
CA ALA A 332 -29.29 -2.42 -17.77
C ALA A 332 -27.78 -2.23 -17.98
N HIS A 333 -27.16 -1.45 -17.10
CA HIS A 333 -25.72 -1.17 -17.15
C HIS A 333 -24.82 -2.39 -16.93
N ARG A 334 -25.23 -3.28 -16.03
CA ARG A 334 -24.48 -4.48 -15.68
C ARG A 334 -25.24 -5.74 -16.08
N TRP A 335 -25.85 -5.71 -17.26
CA TRP A 335 -26.67 -6.79 -17.76
C TRP A 335 -25.96 -8.15 -17.73
N GLU A 336 -24.68 -8.16 -18.05
CA GLU A 336 -23.94 -9.43 -18.09
C GLU A 336 -23.68 -10.02 -16.71
N ASP A 337 -23.51 -9.15 -15.71
CA ASP A 337 -23.35 -9.60 -14.34
C ASP A 337 -24.65 -10.15 -13.73
N LEU A 338 -25.76 -9.46 -13.95
CA LEU A 338 -27.00 -9.78 -13.23
C LEU A 338 -28.00 -10.62 -14.02
N ILE A 339 -27.87 -10.62 -15.35
CA ILE A 339 -28.72 -11.47 -16.18
C ILE A 339 -27.87 -12.49 -16.91
N GLY A 340 -26.89 -12.01 -17.68
CA GLY A 340 -26.00 -12.88 -18.42
C GLY A 340 -26.72 -13.90 -19.29
N TYR A 341 -26.33 -15.16 -19.15
CA TYR A 341 -26.92 -16.23 -19.93
C TYR A 341 -28.13 -16.90 -19.28
N MSE A 342 -28.56 -16.38 -18.12
CA MSE A 342 -29.77 -16.87 -17.47
C MSE A 342 -30.20 -15.93 -16.35
O MSE A 342 -29.50 -15.77 -15.34
CB MSE A 342 -29.55 -18.27 -16.90
CG MSE A 342 -30.75 -18.80 -16.13
SE MSE A 342 -32.40 -18.81 -17.19
CE MSE A 342 -31.81 -19.83 -18.75
N PRO A 343 -31.36 -15.30 -16.52
CA PRO A 343 -31.91 -14.47 -15.43
C PRO A 343 -32.30 -15.38 -14.27
N VAL A 344 -32.05 -14.99 -13.02
CA VAL A 344 -31.36 -13.76 -12.63
C VAL A 344 -30.29 -14.15 -11.62
N LYS A 345 -29.12 -13.50 -11.63
CA LYS A 345 -28.14 -13.80 -10.60
C LYS A 345 -28.71 -13.43 -9.24
N ILE A 346 -28.62 -14.38 -8.31
CA ILE A 346 -29.25 -14.24 -7.00
C ILE A 346 -28.55 -13.17 -6.18
N CYS A 347 -27.22 -13.15 -6.23
CA CYS A 347 -26.48 -12.03 -5.65
C CYS A 347 -25.11 -11.85 -6.28
N TYR A 348 -24.59 -10.63 -6.16
CA TYR A 348 -23.36 -10.24 -6.81
C TYR A 348 -22.54 -9.33 -5.89
N PRO A 349 -21.22 -9.58 -5.78
CA PRO A 349 -20.47 -10.67 -6.42
C PRO A 349 -20.46 -11.93 -5.57
N ALA A 350 -19.82 -12.97 -6.09
CA ALA A 350 -19.66 -14.21 -5.35
C ALA A 350 -18.63 -14.03 -4.26
N LEU A 351 -18.80 -14.77 -3.16
CA LEU A 351 -17.76 -14.88 -2.15
C LEU A 351 -16.68 -15.80 -2.67
N GLN A 352 -15.43 -15.38 -2.59
CA GLN A 352 -14.33 -16.18 -3.11
C GLN A 352 -13.21 -16.43 -2.10
N GLY A 353 -12.52 -17.55 -2.30
CA GLY A 353 -11.31 -17.86 -1.57
C GLY A 353 -11.52 -17.98 -0.08
N LEU A 354 -10.69 -17.29 0.69
CA LEU A 354 -10.75 -17.38 2.14
C LEU A 354 -12.06 -16.79 2.65
N GLU A 355 -12.58 -15.80 1.94
CA GLU A 355 -13.88 -15.25 2.29
C GLU A 355 -14.97 -16.32 2.18
N TRP A 356 -14.95 -17.11 1.11
CA TRP A 356 -15.88 -18.23 0.98
C TRP A 356 -15.73 -19.21 2.15
N GLN A 357 -14.48 -19.47 2.54
CA GLN A 357 -14.18 -20.39 3.63
C GLN A 357 -14.71 -19.90 4.98
N ILE A 358 -14.46 -18.63 5.28
CA ILE A 358 -14.82 -18.06 6.58
C ILE A 358 -16.33 -17.83 6.70
N VAL A 359 -16.91 -17.22 5.66
CA VAL A 359 -18.32 -16.85 5.69
C VAL A 359 -19.29 -18.04 5.54
N THR A 360 -18.95 -19.01 4.68
CA THR A 360 -19.86 -20.15 4.49
C THR A 360 -19.44 -21.38 5.31
N GLY A 361 -18.30 -21.31 5.96
CA GLY A 361 -17.78 -22.47 6.67
C GLY A 361 -17.42 -23.58 5.70
N CYS A 362 -16.84 -23.19 4.57
CA CYS A 362 -16.46 -24.11 3.49
C CYS A 362 -17.63 -24.95 2.98
N ASP A 363 -18.78 -24.32 2.77
CA ASP A 363 -19.96 -25.00 2.24
C ASP A 363 -19.75 -25.34 0.76
N PRO A 364 -19.63 -26.65 0.45
CA PRO A 364 -19.31 -27.10 -0.91
C PRO A 364 -20.46 -26.90 -1.90
N LYS A 365 -21.68 -26.76 -1.41
CA LYS A 365 -22.78 -26.47 -2.33
C LYS A 365 -22.78 -25.01 -2.76
N ASN A 366 -22.12 -24.14 -1.99
CA ASN A 366 -22.09 -22.72 -2.33
C ASN A 366 -20.69 -22.21 -2.68
N ILE A 367 -19.96 -23.00 -3.46
CA ILE A 367 -18.68 -22.56 -4.01
C ILE A 367 -18.94 -21.34 -4.91
N PRO A 368 -17.88 -20.55 -5.19
CA PRO A 368 -18.03 -19.32 -5.99
C PRO A 368 -18.81 -19.48 -7.30
N TRP A 369 -19.79 -18.61 -7.48
CA TRP A 369 -20.64 -18.55 -8.68
C TRP A 369 -21.51 -19.80 -8.82
N SER A 370 -21.81 -20.44 -7.69
CA SER A 370 -22.71 -21.58 -7.68
C SER A 370 -23.83 -21.38 -6.67
N TYR A 371 -25.05 -21.73 -7.08
CA TYR A 371 -26.20 -21.82 -6.17
C TYR A 371 -26.48 -20.45 -5.53
N HIS A 372 -26.46 -20.38 -4.21
CA HIS A 372 -26.70 -19.13 -3.51
C HIS A 372 -25.56 -18.13 -3.67
N ASN A 373 -24.35 -18.66 -3.86
CA ASN A 373 -23.15 -17.84 -3.90
C ASN A 373 -22.87 -17.30 -5.30
N GLY A 374 -23.81 -16.53 -5.83
CA GLY A 374 -23.67 -15.91 -7.13
C GLY A 374 -24.09 -16.77 -8.31
N GLY A 375 -24.92 -17.77 -8.06
CA GLY A 375 -25.53 -18.53 -9.14
C GLY A 375 -26.67 -17.78 -9.79
N ASN A 376 -27.14 -18.28 -10.94
CA ASN A 376 -28.27 -17.66 -11.63
C ASN A 376 -29.53 -18.51 -11.43
N TRP A 377 -30.62 -17.86 -11.03
CA TRP A 377 -31.84 -18.57 -10.66
C TRP A 377 -33.03 -18.18 -11.53
N PRO A 378 -33.44 -19.10 -12.42
CA PRO A 378 -34.55 -18.91 -13.35
C PRO A 378 -35.83 -18.35 -12.71
N VAL A 379 -36.23 -18.88 -11.56
CA VAL A 379 -37.46 -18.42 -10.91
C VAL A 379 -37.52 -16.90 -10.76
N LEU A 380 -36.39 -16.28 -10.45
CA LEU A 380 -36.34 -14.84 -10.19
C LEU A 380 -36.75 -13.99 -11.39
N LEU A 381 -36.87 -14.63 -12.55
CA LEU A 381 -37.37 -13.96 -13.74
C LEU A 381 -38.77 -13.35 -13.55
N TRP A 382 -39.64 -14.03 -12.79
CA TRP A 382 -40.98 -13.49 -12.60
C TRP A 382 -40.96 -12.16 -11.85
N LEU A 383 -40.11 -12.06 -10.82
CA LEU A 383 -39.97 -10.79 -10.09
C LEU A 383 -39.39 -9.71 -10.99
N PHE A 384 -38.43 -10.09 -11.81
CA PHE A 384 -37.77 -9.15 -12.73
C PHE A 384 -38.73 -8.60 -13.76
N THR A 385 -39.54 -9.47 -14.34
CA THR A 385 -40.54 -9.05 -15.31
C THR A 385 -41.52 -8.07 -14.68
N ALA A 386 -42.02 -8.40 -13.50
CA ALA A 386 -42.97 -7.56 -12.79
C ALA A 386 -42.38 -6.17 -12.48
N ALA A 387 -41.16 -6.15 -11.96
CA ALA A 387 -40.46 -4.91 -11.67
C ALA A 387 -40.20 -4.09 -12.93
N ALA A 388 -39.81 -4.77 -14.01
CA ALA A 388 -39.59 -4.12 -15.30
C ALA A 388 -40.89 -3.48 -15.81
N LEU A 389 -41.99 -4.25 -15.73
CA LEU A 389 -43.30 -3.71 -16.10
C LEU A 389 -43.69 -2.52 -15.23
N LYS A 390 -43.46 -2.62 -13.92
CA LYS A 390 -43.84 -1.56 -12.99
C LYS A 390 -43.06 -0.28 -13.24
N THR A 391 -41.82 -0.43 -13.66
CA THR A 391 -40.94 0.70 -13.92
C THR A 391 -40.99 1.16 -15.37
N GLY A 392 -41.92 0.60 -16.14
CA GLY A 392 -42.03 0.95 -17.55
C GLY A 392 -40.80 0.60 -18.38
N LYS A 393 -40.22 -0.56 -18.11
CA LYS A 393 -39.07 -1.03 -18.87
C LYS A 393 -39.42 -2.40 -19.39
N VAL A 394 -40.40 -2.41 -20.28
CA VAL A 394 -40.90 -3.64 -20.88
C VAL A 394 -39.82 -4.36 -21.68
N GLU A 395 -39.00 -3.58 -22.38
CA GLU A 395 -37.95 -4.11 -23.25
C GLU A 395 -36.96 -5.01 -22.51
N LEU A 396 -36.63 -4.66 -21.28
CA LEU A 396 -35.74 -5.48 -20.45
C LEU A 396 -36.38 -6.82 -20.13
N ALA A 397 -37.70 -6.81 -19.89
CA ALA A 397 -38.44 -8.04 -19.65
C ALA A 397 -38.42 -8.94 -20.88
N HIS A 398 -38.59 -8.36 -22.07
CA HIS A 398 -38.54 -9.13 -23.30
C HIS A 398 -37.20 -9.85 -23.44
N GLU A 399 -36.13 -9.11 -23.20
CA GLU A 399 -34.79 -9.65 -23.40
C GLU A 399 -34.48 -10.75 -22.39
N ALA A 400 -34.83 -10.51 -21.12
CA ALA A 400 -34.63 -11.49 -20.07
C ALA A 400 -35.39 -12.77 -20.36
N ILE A 401 -36.67 -12.63 -20.71
CA ILE A 401 -37.51 -13.76 -21.09
C ILE A 401 -36.95 -14.51 -22.30
N ALA A 402 -36.50 -13.77 -23.31
CA ALA A 402 -35.94 -14.37 -24.51
C ALA A 402 -34.75 -15.28 -24.18
N ILE A 403 -33.86 -14.78 -23.32
CA ILE A 403 -32.69 -15.55 -22.90
C ILE A 403 -33.09 -16.83 -22.18
N ALA A 404 -34.02 -16.72 -21.22
CA ALA A 404 -34.46 -17.87 -20.45
C ALA A 404 -35.16 -18.91 -21.34
N GLU A 405 -36.00 -18.44 -22.25
CA GLU A 405 -36.69 -19.31 -23.20
C GLU A 405 -35.72 -20.09 -24.09
N GLY A 406 -34.62 -19.45 -24.44
CA GLY A 406 -33.64 -20.07 -25.31
C GLY A 406 -32.96 -21.29 -24.72
N ARG A 407 -32.92 -21.39 -23.39
CA ARG A 407 -32.23 -22.52 -22.77
C ARG A 407 -33.02 -23.44 -21.83
N LEU A 408 -34.05 -22.92 -21.16
CA LEU A 408 -34.77 -23.73 -20.15
C LEU A 408 -35.45 -25.01 -20.61
N SER A 409 -36.15 -24.98 -21.74
CA SER A 409 -36.82 -26.18 -22.21
C SER A 409 -35.77 -27.20 -22.63
N ASN A 410 -34.72 -26.73 -23.29
CA ASN A 410 -33.65 -27.59 -23.77
C ASN A 410 -32.83 -28.20 -22.62
N ASP A 411 -32.60 -27.41 -21.57
CA ASP A 411 -31.87 -27.91 -20.41
C ASP A 411 -32.79 -28.62 -19.41
N LYS A 412 -34.05 -28.79 -19.80
CA LYS A 412 -35.06 -29.44 -18.94
C LYS A 412 -35.34 -28.67 -17.65
N PHE A 413 -35.29 -27.34 -17.73
CA PHE A 413 -35.64 -26.46 -16.62
C PHE A 413 -34.88 -26.71 -15.33
N PRO A 414 -33.56 -26.43 -15.34
CA PRO A 414 -32.77 -26.67 -14.14
C PRO A 414 -33.09 -25.70 -13.01
N GLU A 415 -32.81 -26.16 -11.79
CA GLU A 415 -33.01 -25.39 -10.57
C GLU A 415 -32.23 -24.09 -10.55
N TYR A 416 -31.00 -24.15 -11.05
CA TYR A 416 -30.13 -22.98 -11.08
C TYR A 416 -28.99 -23.16 -12.07
N TYR A 417 -28.35 -22.05 -12.42
CA TYR A 417 -27.20 -22.06 -13.32
C TYR A 417 -26.00 -21.50 -12.59
N ASP A 418 -24.80 -21.88 -13.03
CA ASP A 418 -23.58 -21.48 -12.35
C ASP A 418 -22.65 -20.67 -13.26
N GLY A 419 -21.63 -20.07 -12.66
CA GLY A 419 -20.63 -19.31 -13.40
C GLY A 419 -20.85 -17.82 -13.26
N ASN A 420 -19.84 -17.05 -13.64
CA ASN A 420 -19.90 -15.59 -13.61
C ASN A 420 -21.10 -15.03 -14.36
N ASN A 421 -21.49 -15.70 -15.43
CA ASN A 421 -22.59 -15.24 -16.26
C ASN A 421 -23.65 -16.31 -16.49
N GLY A 422 -23.66 -17.33 -15.64
CA GLY A 422 -24.64 -18.40 -15.73
C GLY A 422 -24.49 -19.32 -16.93
N ARG A 423 -23.26 -19.47 -17.44
CA ARG A 423 -23.01 -20.36 -18.57
C ARG A 423 -23.30 -21.81 -18.25
N LEU A 424 -22.85 -22.25 -17.08
CA LEU A 424 -23.02 -23.63 -16.65
C LEU A 424 -24.35 -23.96 -15.99
N ILE A 425 -24.85 -25.16 -16.25
CA ILE A 425 -26.05 -25.64 -15.59
C ILE A 425 -25.55 -25.90 -14.17
N GLY A 426 -26.35 -25.58 -13.15
CA GLY A 426 -25.89 -25.69 -11.77
C GLY A 426 -25.27 -27.02 -11.39
N LYS A 427 -24.16 -26.94 -10.65
CA LYS A 427 -23.37 -28.10 -10.20
C LYS A 427 -24.23 -29.26 -9.67
N GLU A 428 -25.19 -28.92 -8.81
CA GLU A 428 -26.09 -29.90 -8.22
C GLU A 428 -27.57 -29.61 -8.50
N ALA A 429 -27.84 -28.87 -9.58
CA ALA A 429 -29.20 -28.48 -9.91
C ALA A 429 -30.12 -29.66 -10.21
N ARG A 430 -31.28 -29.68 -9.57
CA ARG A 430 -32.35 -30.57 -9.98
C ARG A 430 -32.86 -30.12 -11.33
N ILE A 431 -33.25 -31.06 -12.18
CA ILE A 431 -33.94 -30.71 -13.40
C ILE A 431 -35.45 -30.77 -13.14
N TYR A 432 -36.21 -30.14 -14.04
CA TYR A 432 -37.65 -29.96 -13.86
C TYR A 432 -37.97 -29.31 -12.51
N GLN A 433 -37.18 -28.31 -12.15
CA GLN A 433 -37.45 -27.51 -10.96
C GLN A 433 -38.71 -26.71 -11.21
N THR A 434 -39.73 -26.95 -10.38
CA THR A 434 -41.05 -26.40 -10.62
C THR A 434 -41.10 -24.88 -10.72
N TRP A 435 -40.40 -24.17 -9.83
CA TRP A 435 -40.48 -22.72 -9.85
C TRP A 435 -39.58 -22.12 -10.94
N SER A 436 -38.70 -22.92 -11.51
CA SER A 436 -38.01 -22.52 -12.73
C SER A 436 -39.03 -22.54 -13.87
N ILE A 437 -39.90 -23.56 -13.87
CA ILE A 437 -40.97 -23.67 -14.86
C ILE A 437 -42.03 -22.60 -14.63
N ALA A 438 -42.50 -22.48 -13.39
CA ALA A 438 -43.51 -21.48 -13.04
C ALA A 438 -43.01 -20.05 -13.24
N GLY A 439 -41.74 -19.81 -12.91
CA GLY A 439 -41.15 -18.50 -13.05
C GLY A 439 -41.25 -17.91 -14.45
N LEU A 440 -41.00 -18.74 -15.45
CA LEU A 440 -41.06 -18.31 -16.84
C LEU A 440 -42.51 -18.08 -17.26
N LEU A 441 -43.38 -19.01 -16.85
CA LEU A 441 -44.82 -18.94 -17.11
C LEU A 441 -45.42 -17.65 -16.57
N VAL A 442 -45.13 -17.37 -15.31
CA VAL A 442 -45.60 -16.15 -14.64
C VAL A 442 -45.10 -14.91 -15.39
N ALA A 443 -43.84 -14.93 -15.80
CA ALA A 443 -43.24 -13.79 -16.50
C ALA A 443 -43.96 -13.51 -17.82
N LYS A 444 -44.22 -14.57 -18.58
CA LYS A 444 -44.93 -14.44 -19.85
C LYS A 444 -46.36 -13.95 -19.62
N GLN A 445 -47.00 -14.46 -18.59
CA GLN A 445 -48.37 -14.08 -18.27
C GLN A 445 -48.48 -12.62 -17.82
N PHE A 446 -47.55 -12.19 -16.98
CA PHE A 446 -47.48 -10.79 -16.59
C PHE A 446 -47.34 -9.94 -17.84
N LEU A 447 -46.44 -10.38 -18.72
CA LEU A 447 -46.14 -9.66 -19.95
C LEU A 447 -47.39 -9.56 -20.83
N ALA A 448 -48.22 -10.61 -20.81
CA ALA A 448 -49.43 -10.64 -21.61
C ALA A 448 -50.50 -9.75 -21.00
N ASN A 449 -50.63 -9.78 -19.67
CA ASN A 449 -51.60 -8.96 -18.96
C ASN A 449 -50.94 -8.27 -17.75
N PRO A 450 -50.25 -7.16 -17.99
CA PRO A 450 -49.52 -6.40 -16.97
C PRO A 450 -50.30 -6.13 -15.69
N ASP A 451 -51.63 -6.01 -15.80
CA ASP A 451 -52.46 -5.73 -14.63
C ASP A 451 -52.31 -6.76 -13.51
N HIS A 452 -52.07 -8.01 -13.88
CA HIS A 452 -51.90 -9.09 -12.90
C HIS A 452 -50.79 -8.85 -11.88
N VAL A 453 -49.85 -7.97 -12.22
CA VAL A 453 -48.75 -7.64 -11.32
C VAL A 453 -49.28 -7.05 -10.01
N GLU A 454 -50.48 -6.48 -10.06
CA GLU A 454 -51.13 -5.91 -8.89
C GLU A 454 -51.47 -6.96 -7.82
N PHE A 455 -51.47 -8.23 -8.20
CA PHE A 455 -51.57 -9.32 -7.24
C PHE A 455 -50.42 -9.31 -6.25
N ILE A 456 -49.24 -8.91 -6.74
CA ILE A 456 -48.02 -8.96 -5.94
C ILE A 456 -47.43 -7.57 -5.65
N SER A 457 -47.84 -6.56 -6.38
CA SER A 457 -47.35 -5.22 -6.09
C SER A 457 -48.29 -4.44 -5.16
N PHE A 458 -47.75 -3.36 -4.60
CA PHE A 458 -48.51 -2.44 -3.76
C PHE A 458 -48.40 -1.03 -4.32
N PRO A 459 -49.50 -0.26 -4.26
CA PRO A 459 -49.51 1.10 -4.78
C PRO A 459 -48.69 2.04 -3.91
N THR B 15 50.43 -25.23 10.98
CA THR B 15 49.06 -24.73 11.14
C THR B 15 48.42 -24.47 9.78
N GLU B 16 47.37 -25.25 9.47
CA GLU B 16 46.64 -25.08 8.21
C GLU B 16 46.16 -23.66 7.99
N SER B 17 45.56 -23.06 9.02
CA SER B 17 45.02 -21.72 8.93
C SER B 17 46.06 -20.71 8.48
N TRP B 18 47.25 -20.78 9.08
CA TRP B 18 48.33 -19.87 8.71
C TRP B 18 48.80 -20.04 7.27
N LYS B 19 48.91 -21.28 6.82
CA LYS B 19 49.29 -21.55 5.44
C LYS B 19 48.33 -20.86 4.48
N LEU B 20 47.03 -21.03 4.75
CA LEU B 20 46.00 -20.45 3.89
C LEU B 20 46.08 -18.93 3.87
N LEU B 21 46.30 -18.34 5.04
CA LEU B 21 46.37 -16.90 5.15
C LEU B 21 47.57 -16.31 4.39
N GLU B 22 48.72 -16.99 4.44
CA GLU B 22 49.88 -16.54 3.69
C GLU B 22 49.66 -16.72 2.20
N SER B 23 49.02 -17.83 1.81
CA SER B 23 48.67 -18.05 0.42
C SER B 23 47.76 -16.95 -0.12
N SER B 24 46.96 -16.37 0.77
CA SER B 24 46.00 -15.33 0.38
C SER B 24 46.64 -13.97 0.12
N ILE B 25 47.91 -13.82 0.48
CA ILE B 25 48.56 -12.51 0.43
C ILE B 25 48.80 -12.01 -1.00
N ILE B 26 48.54 -10.73 -1.22
CA ILE B 26 48.77 -10.10 -2.50
C ILE B 26 50.06 -9.29 -2.46
N TYR B 27 50.95 -9.60 -3.38
CA TYR B 27 52.24 -8.93 -3.45
C TYR B 27 52.29 -7.87 -4.53
N TYR B 28 52.95 -6.78 -4.21
CA TYR B 28 53.08 -5.65 -5.12
C TYR B 28 54.50 -5.14 -5.05
N GLU B 29 55.18 -5.13 -6.20
CA GLU B 29 56.56 -4.71 -6.30
C GLU B 29 57.43 -5.41 -5.26
N GLY B 30 57.19 -6.70 -5.10
CA GLY B 30 57.91 -7.53 -4.16
C GLY B 30 57.43 -7.45 -2.73
N ASN B 31 56.41 -6.61 -2.48
CA ASN B 31 55.97 -6.37 -1.12
C ASN B 31 54.53 -6.80 -0.87
N PRO B 32 54.24 -7.35 0.33
CA PRO B 32 52.87 -7.72 0.68
C PRO B 32 52.01 -6.48 0.94
N ILE B 33 50.87 -6.36 0.27
CA ILE B 33 50.01 -5.19 0.48
C ILE B 33 48.57 -5.55 0.86
N GLY B 34 48.19 -6.81 0.76
CA GLY B 34 46.85 -7.21 1.11
C GLY B 34 46.57 -8.70 1.03
N THR B 35 45.30 -9.05 1.18
CA THR B 35 44.86 -10.44 1.05
C THR B 35 43.64 -10.58 0.15
N VAL B 36 43.60 -11.66 -0.64
CA VAL B 36 42.46 -11.94 -1.50
C VAL B 36 41.23 -12.25 -0.65
N ALA B 37 40.05 -12.01 -1.20
CA ALA B 37 38.81 -12.30 -0.48
C ALA B 37 38.64 -13.79 -0.24
N ALA B 38 38.95 -14.59 -1.25
CA ALA B 38 38.82 -16.04 -1.15
C ALA B 38 39.76 -16.75 -2.11
N GLN B 39 39.99 -18.03 -1.83
CA GLN B 39 40.85 -18.85 -2.66
C GLN B 39 40.04 -20.07 -3.05
N ASP B 40 39.06 -19.82 -3.90
CA ASP B 40 38.17 -20.87 -4.36
C ASP B 40 38.76 -21.42 -5.65
N PRO B 41 39.04 -22.72 -5.66
CA PRO B 41 39.66 -23.37 -6.82
C PRO B 41 38.71 -23.58 -7.99
N GLU B 42 37.41 -23.49 -7.75
CA GLU B 42 36.46 -23.86 -8.79
C GLU B 42 35.55 -22.71 -9.24
N LEU B 43 35.07 -21.92 -8.30
CA LEU B 43 34.19 -20.81 -8.65
C LEU B 43 34.91 -19.76 -9.47
N ALA B 44 34.14 -19.01 -10.26
CA ALA B 44 34.66 -17.89 -11.04
C ALA B 44 35.25 -16.83 -10.10
N ALA B 45 36.25 -16.10 -10.58
CA ALA B 45 36.92 -15.12 -9.75
C ALA B 45 35.98 -13.99 -9.31
N LEU B 46 35.22 -13.44 -10.27
CA LEU B 46 34.33 -12.31 -10.01
C LEU B 46 35.17 -11.23 -9.33
N ASN B 47 34.81 -10.83 -8.11
CA ASN B 47 35.66 -9.87 -7.39
C ASN B 47 36.25 -10.47 -6.11
N TYR B 48 36.23 -11.79 -6.01
CA TYR B 48 36.76 -12.51 -4.85
C TYR B 48 38.29 -12.67 -4.89
N ASP B 49 38.89 -12.30 -6.01
CA ASP B 49 40.35 -12.26 -6.10
C ASP B 49 40.89 -10.87 -5.78
N GLN B 50 40.02 -10.01 -5.23
CA GLN B 50 40.46 -8.68 -4.84
C GLN B 50 40.61 -8.55 -3.33
N CYS B 51 41.36 -7.52 -2.90
CA CYS B 51 41.46 -7.23 -1.47
C CYS B 51 40.43 -6.18 -1.10
N PHE B 52 39.45 -6.59 -0.29
CA PHE B 52 38.46 -5.64 0.21
C PHE B 52 39.01 -4.97 1.44
N LEU B 53 38.70 -3.69 1.60
CA LEU B 53 39.19 -2.95 2.77
C LEU B 53 38.54 -3.53 4.03
N ARG B 54 37.26 -3.89 3.95
CA ARG B 54 36.58 -4.46 5.12
C ARG B 54 37.12 -5.85 5.42
N ASP B 55 37.34 -6.66 4.37
CA ASP B 55 37.84 -8.02 4.55
C ASP B 55 39.23 -8.03 5.16
N PHE B 56 40.05 -7.07 4.77
CA PHE B 56 41.44 -7.05 5.22
C PHE B 56 41.59 -6.80 6.72
N VAL B 57 40.58 -6.18 7.34
CA VAL B 57 40.68 -5.82 8.75
C VAL B 57 40.98 -7.01 9.66
N PRO B 58 40.21 -8.12 9.56
CA PRO B 58 40.60 -9.24 10.42
C PRO B 58 41.96 -9.86 10.03
N SER B 59 42.29 -9.88 8.75
CA SER B 59 43.62 -10.35 8.34
C SER B 59 44.70 -9.49 8.99
N ALA B 60 44.49 -8.17 8.94
CA ALA B 60 45.41 -7.22 9.55
C ALA B 60 45.63 -7.49 11.03
N PHE B 61 44.56 -7.85 11.74
CA PHE B 61 44.66 -8.14 13.17
C PHE B 61 45.52 -9.38 13.46
N VAL B 62 45.36 -10.42 12.65
CA VAL B 62 46.17 -11.62 12.78
C VAL B 62 47.65 -11.24 12.62
N PHE B 63 47.92 -10.46 11.59
CA PHE B 63 49.28 -10.04 11.27
C PHE B 63 49.89 -9.10 12.31
N LEU B 64 49.09 -8.18 12.87
CA LEU B 64 49.61 -7.31 13.92
C LEU B 64 49.99 -8.11 15.16
N MSE B 65 49.14 -9.06 15.53
CA MSE B 65 49.38 -9.90 16.69
C MSE B 65 50.58 -10.82 16.49
O MSE B 65 51.23 -11.22 17.46
CB MSE B 65 48.11 -10.66 17.07
CG MSE B 65 47.12 -9.68 17.67
SE MSE B 65 45.40 -10.28 18.33
CE MSE B 65 44.45 -8.65 17.90
N ASP B 66 50.84 -11.19 15.24
CA ASP B 66 51.96 -12.08 14.93
C ASP B 66 53.27 -11.32 14.72
N GLY B 67 53.21 -9.99 14.82
CA GLY B 67 54.40 -9.17 14.60
C GLY B 67 54.75 -8.92 13.15
N GLN B 68 53.87 -9.33 12.24
CA GLN B 68 54.02 -9.04 10.83
C GLN B 68 53.32 -7.73 10.51
N THR B 69 54.06 -6.62 10.60
CA THR B 69 53.46 -5.31 10.48
C THR B 69 53.53 -4.69 9.08
N ASP B 70 54.50 -5.12 8.28
CA ASP B 70 54.72 -4.54 6.96
C ASP B 70 53.50 -4.59 6.04
N ILE B 71 52.86 -5.75 5.95
CA ILE B 71 51.67 -5.90 5.12
C ILE B 71 50.60 -4.87 5.50
N VAL B 72 50.40 -4.65 6.80
CA VAL B 72 49.38 -3.71 7.26
C VAL B 72 49.80 -2.28 6.93
N ARG B 73 51.08 -1.97 7.18
CA ARG B 73 51.63 -0.67 6.84
C ARG B 73 51.46 -0.38 5.34
N ASN B 74 51.88 -1.33 4.52
CA ASN B 74 51.83 -1.18 3.07
C ASN B 74 50.39 -1.01 2.58
N PHE B 75 49.50 -1.83 3.14
CA PHE B 75 48.08 -1.73 2.84
C PHE B 75 47.54 -0.32 3.08
N LEU B 76 47.91 0.26 4.21
CA LEU B 76 47.43 1.60 4.55
C LEU B 76 47.99 2.67 3.63
N ILE B 77 49.24 2.48 3.20
CA ILE B 77 49.88 3.40 2.28
C ILE B 77 49.26 3.31 0.88
N GLU B 78 49.13 2.10 0.36
CA GLU B 78 48.58 1.95 -0.99
C GLU B 78 47.12 2.39 -1.09
N THR B 79 46.32 2.05 -0.08
CA THR B 79 44.91 2.46 -0.10
C THR B 79 44.79 3.99 -0.02
N LEU B 80 45.69 4.63 0.74
CA LEU B 80 45.71 6.09 0.82
C LEU B 80 46.02 6.70 -0.55
N THR B 81 46.96 6.09 -1.27
CA THR B 81 47.32 6.52 -2.61
C THR B 81 46.11 6.37 -3.52
N LEU B 82 45.36 5.28 -3.32
CA LEU B 82 44.17 4.99 -4.10
C LEU B 82 43.11 6.07 -3.94
N GLN B 83 43.06 6.66 -2.74
CA GLN B 83 42.07 7.70 -2.45
C GLN B 83 42.23 8.88 -3.41
N SER B 84 43.47 9.22 -3.75
CA SER B 84 43.76 10.31 -4.68
C SER B 84 43.57 9.90 -6.13
N HIS B 85 43.36 8.61 -6.37
CA HIS B 85 43.16 8.11 -7.74
C HIS B 85 41.90 8.71 -8.33
N GLU B 86 41.89 8.88 -9.65
CA GLU B 86 40.73 9.44 -10.32
C GLU B 86 39.61 8.41 -10.36
N LYS B 87 38.46 8.79 -9.81
CA LYS B 87 37.32 7.88 -9.73
C LYS B 87 36.10 8.51 -10.41
N GLU B 88 35.50 7.79 -11.35
CA GLU B 88 34.51 8.40 -12.21
C GLU B 88 33.54 7.42 -12.85
N MSE B 89 32.30 7.86 -13.02
CA MSE B 89 31.30 7.14 -13.80
C MSE B 89 30.41 8.15 -14.52
O MSE B 89 29.78 8.99 -13.89
CB MSE B 89 30.47 6.21 -12.92
CG MSE B 89 29.33 5.50 -13.63
SE MSE B 89 28.31 4.34 -12.44
CE MSE B 89 26.49 4.89 -12.88
N ASP B 90 30.37 8.05 -15.85
CA ASP B 90 29.56 8.95 -16.69
C ASP B 90 29.77 10.43 -16.35
N CYS B 91 31.04 10.84 -16.28
CA CYS B 91 31.44 12.22 -16.02
C CYS B 91 31.12 12.70 -14.61
N PHE B 92 30.92 11.80 -13.66
CA PHE B 92 30.63 12.23 -12.30
C PHE B 92 31.59 11.63 -11.28
N GLN B 93 32.09 12.50 -10.41
CA GLN B 93 33.04 12.13 -9.39
C GLN B 93 32.41 12.19 -8.01
N PRO B 94 32.61 11.14 -7.20
CA PRO B 94 32.23 11.20 -5.78
C PRO B 94 33.20 12.07 -4.99
N GLY B 95 32.98 12.20 -3.69
CA GLY B 95 33.85 12.99 -2.84
C GLY B 95 35.28 12.48 -2.84
N ALA B 96 36.24 13.39 -2.68
CA ALA B 96 37.66 13.06 -2.77
C ALA B 96 38.10 12.05 -1.71
N GLY B 97 37.41 12.04 -0.58
CA GLY B 97 37.79 11.18 0.53
C GLY B 97 37.38 9.73 0.42
N LEU B 98 36.65 9.38 -0.64
CA LEU B 98 36.14 8.02 -0.80
C LEU B 98 37.26 6.97 -0.87
N MSE B 99 37.13 5.95 -0.04
CA MSE B 99 38.02 4.80 -0.09
C MSE B 99 37.37 3.71 -0.94
O MSE B 99 36.16 3.59 -0.97
CB MSE B 99 38.35 4.31 1.31
CG MSE B 99 39.34 5.21 2.07
SE MSE B 99 41.13 5.07 1.27
CE MSE B 99 42.15 6.31 2.40
N PRO B 100 38.20 2.89 -1.61
CA PRO B 100 37.60 1.93 -2.53
C PRO B 100 37.00 0.72 -1.81
N ALA B 101 36.13 0.00 -2.51
CA ALA B 101 35.60 -1.26 -1.99
C ALA B 101 36.71 -2.28 -1.93
N SER B 102 37.47 -2.37 -3.02
CA SER B 102 38.48 -3.40 -3.15
C SER B 102 39.50 -3.02 -4.22
N PHE B 103 40.59 -3.78 -4.26
CA PHE B 103 41.65 -3.54 -5.24
C PHE B 103 42.38 -4.85 -5.53
N LYS B 104 43.08 -4.87 -6.66
CA LYS B 104 43.95 -5.99 -7.00
C LYS B 104 45.16 -5.49 -7.76
N VAL B 105 46.14 -6.36 -7.94
CA VAL B 105 47.32 -5.99 -8.71
C VAL B 105 47.20 -6.47 -10.14
N GLU B 106 47.41 -5.55 -11.08
CA GLU B 106 47.39 -5.86 -12.49
C GLU B 106 48.78 -5.63 -13.02
N SER B 107 49.30 -6.57 -13.79
CA SER B 107 50.65 -6.46 -14.32
C SER B 107 50.65 -6.23 -15.81
N ASP B 108 51.24 -5.11 -16.24
CA ASP B 108 51.33 -4.81 -17.65
C ASP B 108 52.74 -5.17 -18.11
N GLY B 109 52.92 -6.38 -18.64
CA GLY B 109 54.22 -6.80 -19.11
C GLY B 109 55.37 -6.61 -18.14
N SER B 110 55.19 -7.05 -16.88
CA SER B 110 56.21 -6.94 -15.82
C SER B 110 56.15 -5.57 -15.13
N LYS B 111 55.30 -4.69 -15.66
CA LYS B 111 54.99 -3.44 -14.98
C LYS B 111 53.72 -3.67 -14.17
N GLU B 112 53.84 -3.51 -12.86
CA GLU B 112 52.70 -3.73 -11.97
C GLU B 112 52.03 -2.42 -11.61
N TYR B 113 50.71 -2.49 -11.44
CA TYR B 113 49.92 -1.33 -11.02
C TYR B 113 48.65 -1.80 -10.34
N LEU B 114 48.07 -0.95 -9.49
CA LEU B 114 46.91 -1.33 -8.71
C LEU B 114 45.63 -0.89 -9.42
N VAL B 115 44.63 -1.76 -9.43
CA VAL B 115 43.32 -1.39 -9.95
C VAL B 115 42.30 -1.47 -8.83
N ALA B 116 41.48 -0.45 -8.69
CA ALA B 116 40.57 -0.36 -7.56
C ALA B 116 39.12 -0.19 -8.00
N ASP B 117 38.22 -0.68 -7.17
CA ASP B 117 36.78 -0.53 -7.38
C ASP B 117 36.28 0.42 -6.31
N PHE B 118 35.85 1.60 -6.75
CA PHE B 118 35.29 2.60 -5.86
C PHE B 118 33.75 2.58 -5.91
N GLY B 119 33.19 1.51 -6.48
CA GLY B 119 31.77 1.43 -6.70
C GLY B 119 31.40 1.60 -8.16
N GLU B 120 32.37 2.00 -8.98
CA GLU B 120 32.12 2.17 -10.42
C GLU B 120 32.22 0.85 -11.19
N LYS B 121 32.90 -0.15 -10.62
CA LYS B 121 32.93 -1.50 -11.19
C LYS B 121 32.00 -2.46 -10.45
N ALA B 122 31.61 -2.06 -9.23
CA ALA B 122 30.87 -2.91 -8.31
C ALA B 122 29.50 -3.33 -8.84
N ILE B 123 29.10 -4.55 -8.47
CA ILE B 123 27.76 -5.04 -8.78
C ILE B 123 26.73 -4.11 -8.16
N ALA B 124 25.73 -3.72 -8.96
CA ALA B 124 24.65 -2.81 -8.54
C ALA B 124 25.19 -1.42 -8.20
N ARG B 125 26.47 -1.19 -8.51
CA ARG B 125 27.13 0.09 -8.24
C ARG B 125 26.98 0.58 -6.80
N VAL B 126 26.94 -0.37 -5.87
CA VAL B 126 26.86 -0.03 -4.45
C VAL B 126 28.07 0.77 -3.98
N PRO B 127 27.84 1.78 -3.13
CA PRO B 127 28.96 2.57 -2.61
C PRO B 127 29.56 1.93 -1.36
N PRO B 128 30.90 1.81 -1.30
CA PRO B 128 31.56 1.20 -0.15
C PRO B 128 31.72 2.17 1.01
N VAL B 129 30.61 2.59 1.60
CA VAL B 129 30.64 3.66 2.61
C VAL B 129 31.42 3.25 3.86
N ASP B 130 31.35 1.98 4.23
CA ASP B 130 32.04 1.49 5.42
C ASP B 130 33.55 1.41 5.24
N SER B 131 34.02 1.38 4.00
CA SER B 131 35.44 1.25 3.70
C SER B 131 36.29 2.35 4.33
N CYS B 132 35.87 3.60 4.14
CA CYS B 132 36.64 4.73 4.66
C CYS B 132 36.66 4.74 6.18
N MSE B 133 35.63 4.15 6.79
CA MSE B 133 35.56 4.09 8.25
C MSE B 133 36.44 2.97 8.78
O MSE B 133 37.12 3.12 9.79
CB MSE B 133 34.11 3.90 8.72
CG MSE B 133 33.23 5.13 8.51
SE MSE B 133 31.36 4.63 8.39
CE MSE B 133 30.76 6.18 7.37
N TRP B 134 36.43 1.83 8.08
CA TRP B 134 37.36 0.75 8.42
C TRP B 134 38.82 1.14 8.22
N TRP B 135 39.09 2.02 7.25
CA TRP B 135 40.44 2.49 7.00
C TRP B 135 40.99 3.26 8.21
N ILE B 136 40.21 4.22 8.68
CA ILE B 136 40.58 5.01 9.86
C ILE B 136 40.77 4.12 11.09
N LEU B 137 39.83 3.21 11.31
CA LEU B 137 39.89 2.31 12.46
C LEU B 137 41.11 1.38 12.40
N LEU B 138 41.52 1.01 11.19
CA LEU B 138 42.70 0.17 11.03
C LEU B 138 43.99 0.97 11.20
N LEU B 139 43.98 2.23 10.80
CA LEU B 139 45.11 3.11 11.03
C LEU B 139 45.35 3.25 12.53
N ARG B 140 44.25 3.42 13.28
CA ARG B 140 44.34 3.46 14.74
C ARG B 140 44.83 2.13 15.32
N ALA B 141 44.27 1.02 14.84
CA ALA B 141 44.66 -0.29 15.34
C ALA B 141 46.14 -0.56 15.07
N TYR B 142 46.59 -0.20 13.87
CA TYR B 142 47.99 -0.30 13.49
C TYR B 142 48.92 0.44 14.45
N GLU B 143 48.60 1.70 14.70
CA GLU B 143 49.38 2.55 15.59
C GLU B 143 49.45 1.98 17.01
N LYS B 144 48.30 1.60 17.55
CA LYS B 144 48.25 1.04 18.90
C LYS B 144 49.00 -0.28 19.00
N ALA B 145 48.93 -1.09 17.95
CA ALA B 145 49.53 -2.42 17.99
C ALA B 145 51.05 -2.38 17.78
N THR B 146 51.51 -1.44 16.95
CA THR B 146 52.90 -1.41 16.52
C THR B 146 53.82 -0.42 17.25
N GLY B 147 53.28 0.73 17.65
CA GLY B 147 54.08 1.75 18.28
C GLY B 147 54.65 2.71 17.25
N ASP B 148 54.31 2.50 15.99
CA ASP B 148 54.77 3.36 14.90
C ASP B 148 53.86 4.58 14.83
N LEU B 149 54.26 5.66 15.50
CA LEU B 149 53.51 6.90 15.49
C LEU B 149 53.68 7.65 14.19
N THR B 150 54.72 7.31 13.44
CA THR B 150 55.12 8.11 12.28
C THR B 150 54.13 8.05 11.14
N LEU B 151 53.49 6.90 10.95
CA LEU B 151 52.61 6.72 9.79
C LEU B 151 51.48 7.76 9.79
N ALA B 152 50.69 7.80 10.87
CA ALA B 152 49.54 8.71 10.96
C ALA B 152 49.94 10.19 10.96
N ARG B 153 51.10 10.50 11.55
CA ARG B 153 51.60 11.88 11.62
C ARG B 153 51.89 12.48 10.25
N GLU B 154 52.36 11.64 9.34
CA GLU B 154 52.73 12.07 7.99
C GLU B 154 51.59 12.90 7.38
N PRO B 155 51.94 14.01 6.71
CA PRO B 155 50.97 14.91 6.08
C PRO B 155 49.98 14.21 5.14
N LYS B 156 50.45 13.24 4.36
CA LYS B 156 49.56 12.48 3.47
C LYS B 156 48.39 11.87 4.24
N PHE B 157 48.70 11.33 5.41
CA PHE B 157 47.69 10.64 6.22
C PHE B 157 46.75 11.61 6.92
N GLN B 158 47.28 12.72 7.41
CA GLN B 158 46.44 13.74 8.04
C GLN B 158 45.43 14.26 7.03
N ALA B 159 45.91 14.54 5.81
CA ALA B 159 45.05 15.03 4.74
C ALA B 159 44.02 13.98 4.32
N GLY B 160 44.46 12.73 4.23
CA GLY B 160 43.59 11.62 3.89
C GLY B 160 42.45 11.48 4.89
N ILE B 161 42.80 11.51 6.18
CA ILE B 161 41.81 11.47 7.26
C ILE B 161 40.82 12.61 7.10
N LYS B 162 41.34 13.81 6.86
CA LYS B 162 40.51 15.00 6.72
C LYS B 162 39.55 14.93 5.52
N LEU B 163 40.01 14.35 4.41
CA LEU B 163 39.14 14.21 3.24
C LEU B 163 37.98 13.27 3.55
N ILE B 164 38.24 12.22 4.31
CA ILE B 164 37.19 11.30 4.75
C ILE B 164 36.19 12.04 5.64
N LEU B 165 36.71 12.82 6.59
CA LEU B 165 35.85 13.59 7.50
C LEU B 165 35.00 14.59 6.72
N ASP B 166 35.63 15.24 5.72
CA ASP B 166 34.93 16.16 4.84
C ASP B 166 33.73 15.49 4.16
N LEU B 167 33.95 14.27 3.68
CA LEU B 167 32.90 13.51 3.03
C LEU B 167 31.83 13.08 4.02
N CYS B 168 32.24 12.65 5.21
CA CYS B 168 31.30 12.20 6.22
C CYS B 168 30.48 13.34 6.83
N LEU B 169 31.11 14.49 7.05
CA LEU B 169 30.47 15.57 7.81
C LEU B 169 29.84 16.68 6.96
N ALA B 170 29.83 16.51 5.63
CA ALA B 170 29.25 17.52 4.75
C ALA B 170 27.79 17.82 5.12
N HIS B 171 27.43 19.10 5.06
CA HIS B 171 26.08 19.53 5.41
C HIS B 171 25.04 18.99 4.42
N ARG B 172 23.98 18.41 4.96
CA ARG B 172 22.94 17.81 4.11
C ARG B 172 21.54 18.16 4.64
N PHE B 173 20.52 17.74 3.91
CA PHE B 173 19.14 18.10 4.23
C PHE B 173 18.58 17.48 5.53
N SER B 174 19.33 16.57 6.14
CA SER B 174 18.85 15.89 7.35
C SER B 174 18.75 16.78 8.58
N MSE B 175 17.74 16.52 9.41
CA MSE B 175 17.59 17.18 10.71
C MSE B 175 18.34 16.44 11.83
O MSE B 175 18.42 16.94 12.94
CB MSE B 175 16.11 17.29 11.10
CG MSE B 175 15.24 18.28 10.30
SE MSE B 175 15.66 20.19 10.49
CE MSE B 175 16.34 20.21 12.31
N TYR B 176 18.88 15.25 11.53
CA TYR B 176 19.62 14.48 12.54
C TYR B 176 21.06 14.12 12.09
N PRO B 177 21.95 13.81 13.06
CA PRO B 177 23.37 13.51 12.83
C PRO B 177 23.71 12.23 12.05
N THR B 178 22.78 11.29 11.94
CA THR B 178 23.07 10.02 11.27
C THR B 178 23.38 10.19 9.79
N MSE B 179 24.15 9.26 9.24
CA MSE B 179 24.54 9.35 7.84
C MSE B 179 23.50 8.70 6.91
O MSE B 179 23.09 7.55 7.12
CB MSE B 179 25.87 8.68 7.64
CG MSE B 179 26.45 8.81 6.26
SE MSE B 179 28.27 8.19 6.37
CE MSE B 179 28.99 9.73 7.30
N LEU B 180 23.07 9.44 5.89
CA LEU B 180 22.16 8.90 4.90
C LEU B 180 22.92 8.13 3.81
N VAL B 181 22.44 6.94 3.45
CA VAL B 181 23.12 6.14 2.43
C VAL B 181 22.12 5.42 1.52
N PRO B 182 22.55 5.05 0.31
CA PRO B 182 21.73 4.14 -0.49
C PRO B 182 21.72 2.75 0.13
N ASP B 183 20.90 1.87 -0.42
CA ASP B 183 20.87 0.48 0.04
C ASP B 183 22.20 -0.20 -0.28
N GLY B 184 22.56 -1.21 0.50
CA GLY B 184 23.77 -1.99 0.24
C GLY B 184 25.08 -1.26 0.40
N ALA B 185 25.19 -0.39 1.40
CA ALA B 185 26.36 0.48 1.54
C ALA B 185 27.36 0.06 2.61
N PHE B 186 27.27 -1.17 3.09
CA PHE B 186 28.28 -1.67 4.03
C PHE B 186 28.60 -3.14 3.77
N MSE B 187 28.94 -3.89 4.82
CA MSE B 187 29.20 -5.32 4.66
C MSE B 187 28.09 -5.99 3.87
O MSE B 187 28.34 -6.79 2.97
CB MSE B 187 29.34 -6.01 6.01
CG MSE B 187 29.24 -7.53 5.91
SE MSE B 187 29.77 -8.35 7.58
CE MSE B 187 29.59 -10.23 7.11
N ILE B 188 26.85 -5.66 4.21
CA ILE B 188 25.72 -5.98 3.38
C ILE B 188 25.78 -5.06 2.16
N ASP B 189 26.31 -5.58 1.06
CA ASP B 189 26.55 -4.76 -0.12
C ASP B 189 25.61 -5.12 -1.28
N ARG B 190 24.41 -5.55 -0.92
CA ARG B 190 23.36 -5.79 -1.90
C ARG B 190 22.06 -5.19 -1.36
N ARG B 191 21.03 -5.12 -2.21
CA ARG B 191 19.80 -4.44 -1.83
C ARG B 191 19.02 -5.26 -0.80
N MSE B 192 18.97 -4.75 0.42
CA MSE B 192 18.48 -5.54 1.54
C MSE B 192 17.59 -4.76 2.48
O MSE B 192 17.30 -5.21 3.60
CB MSE B 192 19.66 -6.10 2.33
CG MSE B 192 20.12 -7.48 1.86
SE MSE B 192 18.82 -8.86 2.26
CE MSE B 192 18.72 -8.67 4.20
N GLY B 193 17.13 -3.60 2.04
CA GLY B 193 16.31 -2.75 2.88
C GLY B 193 17.14 -2.04 3.94
N VAL B 194 18.43 -1.90 3.69
CA VAL B 194 19.33 -1.27 4.67
C VAL B 194 19.74 0.12 4.20
N TYR B 195 18.89 0.69 3.36
CA TYR B 195 19.03 2.05 2.84
C TYR B 195 18.66 3.00 3.96
N GLU B 196 18.99 4.29 3.79
CA GLU B 196 18.66 5.34 4.75
C GLU B 196 19.67 5.45 5.89
N HIS B 197 19.28 5.06 7.10
CA HIS B 197 20.18 5.20 8.25
C HIS B 197 20.49 3.89 8.98
N PRO B 198 21.03 2.88 8.26
CA PRO B 198 21.31 1.57 8.86
C PRO B 198 22.26 1.67 10.04
N LEU B 199 22.06 0.81 11.04
CA LEU B 199 22.84 0.82 12.26
C LEU B 199 24.35 0.79 12.00
N GLU B 200 24.79 -0.22 11.27
CA GLU B 200 26.21 -0.46 10.99
C GLU B 200 26.94 0.78 10.51
N ILE B 201 26.34 1.52 9.59
CA ILE B 201 26.95 2.73 9.07
C ILE B 201 27.07 3.79 10.17
N GLN B 202 26.02 3.96 10.96
CA GLN B 202 26.03 4.90 12.08
C GLN B 202 27.09 4.55 13.12
N VAL B 203 27.18 3.26 13.45
CA VAL B 203 28.11 2.78 14.48
C VAL B 203 29.55 2.89 14.02
N LEU B 204 29.83 2.50 12.78
CA LEU B 204 31.18 2.60 12.25
C LEU B 204 31.58 4.06 12.07
N PHE B 205 30.59 4.89 11.76
CA PHE B 205 30.78 6.33 11.65
C PHE B 205 31.19 6.88 13.02
N TYR B 206 30.53 6.41 14.06
CA TYR B 206 30.85 6.80 15.43
C TYR B 206 32.27 6.38 15.82
N ALA B 207 32.59 5.11 15.63
CA ALA B 207 33.91 4.57 15.92
C ALA B 207 35.01 5.29 15.16
N ALA B 208 34.75 5.60 13.89
CA ALA B 208 35.73 6.26 13.04
C ALA B 208 35.99 7.70 13.49
N LEU B 209 34.94 8.36 13.97
CA LEU B 209 35.09 9.70 14.53
C LEU B 209 35.91 9.67 15.82
N ARG B 210 35.70 8.64 16.64
CA ARG B 210 36.47 8.49 17.85
C ARG B 210 37.94 8.25 17.51
N ALA B 211 38.16 7.36 16.54
CA ALA B 211 39.51 7.08 16.05
C ALA B 211 40.19 8.34 15.51
N ALA B 212 39.46 9.12 14.71
CA ALA B 212 40.01 10.33 14.11
C ALA B 212 40.44 11.33 15.19
N ARG B 213 39.66 11.36 16.27
CA ARG B 213 39.94 12.24 17.40
C ARG B 213 41.33 12.01 18.00
N GLU B 214 41.77 10.75 17.97
CA GLU B 214 43.10 10.38 18.48
C GLU B 214 44.20 10.58 17.44
N LEU B 215 43.84 10.45 16.17
CA LEU B 215 44.80 10.47 15.07
C LEU B 215 45.07 11.86 14.50
N LEU B 216 44.13 12.78 14.66
CA LEU B 216 44.33 14.14 14.18
C LEU B 216 45.41 14.88 14.95
N LEU B 217 46.33 15.50 14.21
CA LEU B 217 47.29 16.40 14.82
C LEU B 217 46.62 17.75 15.00
N PRO B 218 46.93 18.45 16.10
CA PRO B 218 46.30 19.73 16.43
C PRO B 218 46.64 20.85 15.47
N ASP B 219 47.82 20.81 14.89
CA ASP B 219 48.35 21.95 14.15
C ASP B 219 47.53 22.28 12.90
N GLY B 220 47.69 23.50 12.40
CA GLY B 220 46.93 23.98 11.26
C GLY B 220 45.44 23.96 11.49
N ASP B 221 44.69 23.36 10.57
CA ASP B 221 43.24 23.25 10.69
C ASP B 221 42.82 22.05 11.54
N GLY B 222 43.80 21.37 12.11
CA GLY B 222 43.58 20.24 12.99
C GLY B 222 42.57 20.53 14.09
N GLU B 223 42.64 21.73 14.66
CA GLU B 223 41.72 22.10 15.72
C GLU B 223 40.28 22.21 15.23
N GLN B 224 40.07 22.89 14.10
CA GLN B 224 38.73 22.99 13.52
C GLN B 224 38.16 21.60 13.25
N TYR B 225 38.98 20.70 12.75
CA TYR B 225 38.54 19.32 12.52
C TYR B 225 38.15 18.62 13.82
N LEU B 226 39.00 18.73 14.85
CA LEU B 226 38.70 18.09 16.13
C LEU B 226 37.39 18.56 16.75
N ASN B 227 37.13 19.87 16.68
CA ASN B 227 35.89 20.41 17.23
C ASN B 227 34.66 19.88 16.50
N LYS B 228 34.75 19.74 15.18
CA LYS B 228 33.67 19.16 14.39
C LYS B 228 33.42 17.71 14.80
N VAL B 229 34.52 16.98 15.00
CA VAL B 229 34.46 15.58 15.38
C VAL B 229 33.83 15.44 16.77
N HIS B 230 34.29 16.27 17.70
CA HIS B 230 33.74 16.29 19.06
C HIS B 230 32.26 16.60 19.03
N GLY B 231 31.87 17.58 18.21
CA GLY B 231 30.48 17.95 18.05
C GLY B 231 29.60 16.86 17.48
N ARG B 232 30.08 16.16 16.46
CA ARG B 232 29.27 15.11 15.83
C ARG B 232 29.16 13.89 16.75
N LEU B 233 30.25 13.57 17.43
CA LEU B 233 30.29 12.43 18.37
C LEU B 233 29.18 12.49 19.41
N GLY B 234 29.02 13.65 20.03
CA GLY B 234 27.99 13.86 21.03
C GLY B 234 26.60 13.67 20.47
N ALA B 235 26.32 14.35 19.36
CA ALA B 235 25.01 14.30 18.73
C ALA B 235 24.66 12.88 18.26
N LEU B 236 25.63 12.19 17.70
CA LEU B 236 25.44 10.84 17.17
C LEU B 236 25.17 9.82 18.28
N GLN B 237 25.90 9.94 19.39
CA GLN B 237 25.69 9.06 20.53
C GLN B 237 24.31 9.28 21.16
N TYR B 238 23.92 10.54 21.30
CA TYR B 238 22.61 10.84 21.83
C TYR B 238 21.53 10.27 20.93
N HIS B 239 21.61 10.59 19.64
CA HIS B 239 20.61 10.13 18.67
C HIS B 239 20.46 8.61 18.64
N ILE B 240 21.59 7.90 18.61
CA ILE B 240 21.54 6.44 18.47
C ILE B 240 21.02 5.79 19.74
N ARG B 241 21.58 6.14 20.89
CA ARG B 241 21.13 5.57 22.15
C ARG B 241 19.66 5.82 22.43
N ASN B 242 19.18 7.03 22.18
CA ASN B 242 17.79 7.35 22.52
C ASN B 242 16.76 6.88 21.48
N TYR B 243 17.14 6.78 20.21
CA TYR B 243 16.17 6.41 19.19
C TYR B 243 16.29 4.99 18.63
N TYR B 244 17.49 4.41 18.67
CA TYR B 244 17.67 3.06 18.14
C TYR B 244 17.52 1.97 19.21
N TRP B 245 17.58 2.34 20.49
CA TRP B 245 17.57 1.33 21.53
C TRP B 245 16.21 0.65 21.64
N VAL B 246 16.23 -0.68 21.70
CA VAL B 246 15.01 -1.45 21.81
C VAL B 246 15.06 -2.45 22.95
N ASP B 247 14.11 -2.32 23.87
CA ASP B 247 13.82 -3.32 24.89
C ASP B 247 12.30 -3.27 25.15
N LEU B 248 11.81 -4.18 26.00
CA LEU B 248 10.36 -4.28 26.25
C LEU B 248 9.73 -2.98 26.69
N LYS B 249 10.39 -2.32 27.64
CA LYS B 249 9.95 -1.02 28.13
C LYS B 249 9.75 -0.07 26.95
N ARG B 250 10.72 -0.09 26.04
CA ARG B 250 10.68 0.76 24.86
C ARG B 250 9.56 0.36 23.90
N LEU B 251 9.40 -0.94 23.66
CA LEU B 251 8.32 -1.43 22.81
C LEU B 251 6.94 -1.10 23.36
N ARG B 252 6.78 -1.18 24.68
CA ARG B 252 5.51 -0.85 25.31
C ARG B 252 5.16 0.63 25.09
N GLU B 253 6.18 1.48 25.13
CA GLU B 253 5.99 2.90 24.85
C GLU B 253 5.60 3.19 23.40
N ILE B 254 6.33 2.59 22.47
CA ILE B 254 6.09 2.84 21.05
C ILE B 254 4.74 2.29 20.66
N TYR B 255 4.44 1.09 21.14
CA TYR B 255 3.18 0.42 20.84
C TYR B 255 1.96 1.26 21.27
N ARG B 256 2.15 2.14 22.26
CA ARG B 256 1.06 2.99 22.71
C ARG B 256 1.13 4.41 22.14
N TYR B 257 1.99 4.62 21.15
CA TYR B 257 2.02 5.87 20.39
C TYR B 257 0.67 6.12 19.73
N ALA B 267 5.83 11.60 21.55
CA ALA B 267 7.21 11.19 21.33
C ALA B 267 7.35 10.40 20.04
N ASN B 268 6.27 10.31 19.27
CA ASN B 268 6.31 9.64 17.98
C ASN B 268 6.67 10.66 16.92
N LYS B 269 7.91 11.14 17.01
CA LYS B 269 8.46 12.13 16.10
C LYS B 269 8.46 11.60 14.67
N PHE B 270 8.84 10.33 14.56
CA PHE B 270 9.03 9.66 13.29
C PHE B 270 7.77 9.01 12.72
N ASN B 271 6.66 9.14 13.45
CA ASN B 271 5.37 8.62 13.01
C ASN B 271 5.37 7.12 12.76
N ILE B 272 5.88 6.37 13.74
CA ILE B 272 5.74 4.91 13.76
C ILE B 272 4.31 4.49 14.09
N PHE B 273 3.71 3.68 13.22
CA PHE B 273 2.38 3.14 13.45
C PHE B 273 2.51 1.81 14.19
N SER B 274 1.96 1.73 15.39
CA SER B 274 2.16 0.58 16.27
C SER B 274 1.76 -0.75 15.60
N GLN B 275 0.84 -0.68 14.64
CA GLN B 275 0.44 -1.89 13.90
C GLN B 275 1.66 -2.42 13.13
N SER B 276 2.48 -1.48 12.68
CA SER B 276 3.69 -1.78 11.92
C SER B 276 4.69 -2.60 12.72
N ILE B 277 4.75 -2.39 14.04
CA ILE B 277 5.70 -3.15 14.85
C ILE B 277 5.44 -4.62 14.56
N PRO B 278 6.50 -5.36 14.23
CA PRO B 278 6.32 -6.77 13.91
C PRO B 278 6.01 -7.65 15.12
N ASP B 279 5.24 -8.69 14.87
CA ASP B 279 4.85 -9.64 15.90
C ASP B 279 6.00 -10.45 16.51
N TRP B 280 6.95 -10.89 15.68
CA TRP B 280 8.07 -11.71 16.17
C TRP B 280 8.84 -11.07 17.34
N VAL B 281 9.05 -9.75 17.29
CA VAL B 281 9.97 -9.10 18.23
C VAL B 281 9.48 -9.16 19.68
N ILE B 282 8.17 -9.00 19.87
CA ILE B 282 7.57 -8.98 21.20
C ILE B 282 7.81 -10.28 21.97
N GLU B 283 7.66 -11.41 21.28
CA GLU B 283 7.94 -12.71 21.87
C GLU B 283 9.45 -13.00 21.92
N TRP B 284 10.19 -12.44 20.97
CA TRP B 284 11.61 -12.75 20.81
C TRP B 284 12.46 -12.19 21.95
N LEU B 285 12.22 -10.93 22.31
CA LEU B 285 13.03 -10.28 23.34
C LEU B 285 12.78 -10.88 24.71
N PRO B 286 13.86 -11.22 25.43
CA PRO B 286 13.67 -11.53 26.85
C PRO B 286 13.52 -10.27 27.67
N GLU B 287 13.05 -10.42 28.91
CA GLU B 287 12.81 -9.28 29.78
C GLU B 287 14.07 -8.47 30.02
N LYS B 288 15.19 -9.18 30.15
CA LYS B 288 16.47 -8.55 30.43
C LYS B 288 17.32 -8.33 29.17
N GLY B 289 16.72 -8.51 28.01
CA GLY B 289 17.45 -8.34 26.76
C GLY B 289 17.21 -7.00 26.10
N GLY B 290 18.08 -6.66 25.16
CA GLY B 290 17.96 -5.40 24.42
C GLY B 290 18.93 -5.35 23.26
N TYR B 291 18.67 -4.44 22.33
CA TYR B 291 19.54 -4.25 21.17
C TYR B 291 19.25 -2.91 20.48
N LEU B 292 20.16 -2.52 19.59
CA LEU B 292 19.96 -1.32 18.79
C LEU B 292 19.28 -1.70 17.48
N ALA B 293 18.21 -0.97 17.14
CA ALA B 293 17.42 -1.27 15.96
C ALA B 293 18.28 -1.14 14.69
N GLY B 294 17.85 -1.80 13.63
CA GLY B 294 18.59 -1.84 12.39
C GLY B 294 18.57 -0.55 11.57
N ASN B 295 17.55 0.27 11.80
CA ASN B 295 17.34 1.47 11.00
C ASN B 295 16.27 2.36 11.57
N LEU B 296 16.32 3.63 11.20
CA LEU B 296 15.29 4.59 11.60
C LEU B 296 15.16 5.64 10.52
N GLY B 297 13.92 5.94 10.14
CA GLY B 297 13.63 6.97 9.15
C GLY B 297 12.17 7.36 9.19
N PRO B 298 11.76 8.25 8.28
CA PRO B 298 10.37 8.74 8.25
C PRO B 298 9.37 7.60 8.20
N GLY B 299 8.49 7.52 9.18
CA GLY B 299 7.51 6.46 9.24
C GLY B 299 8.13 5.07 9.37
N ARG B 300 9.38 5.01 9.80
CA ARG B 300 10.10 3.74 9.70
C ARG B 300 11.04 3.44 10.82
N MSE B 301 10.89 2.23 11.34
CA MSE B 301 11.84 1.64 12.25
C MSE B 301 12.05 0.20 11.79
O MSE B 301 11.10 -0.56 11.67
CB MSE B 301 11.32 1.70 13.68
CG MSE B 301 12.28 1.26 14.74
SE MSE B 301 11.75 1.97 16.48
CE MSE B 301 13.23 1.28 17.49
N ASP B 302 13.31 -0.17 11.53
CA ASP B 302 13.63 -1.55 11.19
C ASP B 302 14.03 -2.31 12.45
N PHE B 303 13.16 -3.22 12.87
CA PHE B 303 13.37 -3.95 14.12
C PHE B 303 14.28 -5.16 14.00
N ARG B 304 14.68 -5.49 12.76
CA ARG B 304 15.65 -6.56 12.56
C ARG B 304 16.91 -6.33 13.39
N PHE B 305 17.43 -7.41 13.95
CA PHE B 305 18.66 -7.36 14.72
C PHE B 305 19.86 -7.53 13.78
N PHE B 306 20.77 -6.57 13.79
CA PHE B 306 22.00 -6.68 12.97
C PHE B 306 23.23 -6.90 13.85
N ALA B 307 23.95 -7.98 13.57
CA ALA B 307 25.02 -8.45 14.45
C ALA B 307 26.21 -7.51 14.50
N LEU B 308 26.67 -7.06 13.35
CA LEU B 308 27.88 -6.23 13.32
C LEU B 308 27.64 -4.87 13.99
N GLY B 309 26.51 -4.25 13.67
CA GLY B 309 26.16 -2.98 14.27
C GLY B 309 26.13 -3.02 15.78
N ASN B 310 25.51 -4.06 16.34
CA ASN B 310 25.35 -4.16 17.78
C ASN B 310 26.65 -4.54 18.52
N LEU B 311 27.41 -5.47 17.95
CA LEU B 311 28.68 -5.86 18.56
C LEU B 311 29.67 -4.72 18.55
N MSE B 312 29.75 -4.04 17.42
CA MSE B 312 30.69 -2.93 17.25
C MSE B 312 30.26 -1.74 18.11
O MSE B 312 31.11 -0.96 18.54
CB MSE B 312 30.79 -2.53 15.78
CG MSE B 312 31.96 -1.61 15.43
SE MSE B 312 33.74 -2.40 15.73
CE MSE B 312 34.76 -0.74 15.89
N ALA B 313 28.97 -1.61 18.36
CA ALA B 313 28.47 -0.59 19.27
C ALA B 313 28.99 -0.83 20.68
N ILE B 314 29.07 -2.10 21.07
CA ILE B 314 29.66 -2.48 22.35
C ILE B 314 31.12 -2.06 22.37
N LEU B 315 31.86 -2.45 21.33
CA LEU B 315 33.30 -2.22 21.27
C LEU B 315 33.64 -0.72 21.25
N ALA B 316 32.88 0.05 20.49
CA ALA B 316 33.17 1.48 20.33
C ALA B 316 32.72 2.33 21.51
N GLY B 317 32.01 1.71 22.45
CA GLY B 317 31.53 2.43 23.61
C GLY B 317 30.33 3.30 23.30
N LEU B 318 29.69 3.04 22.16
CA LEU B 318 28.46 3.72 21.79
C LEU B 318 27.32 3.27 22.69
N ALA B 319 27.16 1.96 22.81
CA ALA B 319 26.26 1.37 23.79
C ALA B 319 26.81 1.60 25.20
N SER B 320 25.92 1.87 26.16
CA SER B 320 26.35 2.00 27.54
C SER B 320 26.78 0.64 28.09
N GLU B 321 27.25 0.63 29.33
CA GLU B 321 27.65 -0.61 30.00
C GLU B 321 26.46 -1.56 30.13
N GLU B 322 25.35 -1.02 30.62
CA GLU B 322 24.13 -1.81 30.78
C GLU B 322 23.57 -2.28 29.45
N GLU B 323 23.54 -1.40 28.45
CA GLU B 323 23.06 -1.76 27.12
C GLU B 323 23.88 -2.91 26.54
N SER B 324 25.20 -2.85 26.73
CA SER B 324 26.09 -3.89 26.25
C SER B 324 25.79 -5.23 26.92
N GLN B 325 25.49 -5.19 28.22
CA GLN B 325 25.09 -6.39 28.94
C GLN B 325 23.78 -6.94 28.42
N ARG B 326 22.85 -6.05 28.14
CA ARG B 326 21.56 -6.42 27.59
C ARG B 326 21.62 -7.02 26.17
N ILE B 327 22.57 -6.55 25.36
CA ILE B 327 22.81 -7.15 24.05
C ILE B 327 23.36 -8.56 24.22
N MSE B 328 24.32 -8.71 25.15
CA MSE B 328 24.89 -10.01 25.46
C MSE B 328 23.81 -10.94 26.03
O MSE B 328 23.79 -12.13 25.73
CB MSE B 328 26.05 -9.86 26.45
CG MSE B 328 27.35 -9.33 25.87
SE MSE B 328 27.75 -9.79 23.98
CE MSE B 328 28.21 -11.67 24.19
N ASN B 329 22.92 -10.38 26.84
CA ASN B 329 21.78 -11.15 27.37
C ASN B 329 20.93 -11.71 26.24
N LEU B 330 20.72 -10.88 25.21
CA LEU B 330 19.91 -11.27 24.06
C LEU B 330 20.57 -12.46 23.36
N PHE B 331 21.85 -12.32 23.05
CA PHE B 331 22.64 -13.40 22.44
C PHE B 331 22.56 -14.70 23.24
N ALA B 332 22.66 -14.59 24.56
CA ALA B 332 22.59 -15.74 25.46
C ALA B 332 21.21 -16.39 25.42
N HIS B 333 20.18 -15.55 25.54
CA HIS B 333 18.78 -15.99 25.53
C HIS B 333 18.35 -16.58 24.19
N ARG B 334 18.80 -15.97 23.09
CA ARG B 334 18.43 -16.42 21.75
C ARG B 334 19.65 -16.95 21.02
N TRP B 335 20.39 -17.83 21.70
CA TRP B 335 21.63 -18.40 21.18
C TRP B 335 21.46 -19.18 19.88
N GLU B 336 20.40 -19.96 19.76
CA GLU B 336 20.20 -20.73 18.52
C GLU B 336 19.90 -19.84 17.32
N ASP B 337 19.14 -18.77 17.52
CA ASP B 337 18.87 -17.81 16.45
C ASP B 337 20.13 -17.06 16.03
N LEU B 338 20.86 -16.51 17.00
CA LEU B 338 21.98 -15.64 16.70
C LEU B 338 23.32 -16.35 16.52
N ILE B 339 23.44 -17.58 17.04
CA ILE B 339 24.67 -18.34 16.90
C ILE B 339 24.39 -19.67 16.19
N GLY B 340 23.56 -20.51 16.80
CA GLY B 340 23.24 -21.81 16.25
C GLY B 340 24.45 -22.69 15.98
N TYR B 341 24.58 -23.14 14.74
CA TYR B 341 25.66 -24.03 14.34
C TYR B 341 26.82 -23.31 13.67
N MSE B 342 26.75 -21.98 13.63
CA MSE B 342 27.85 -21.18 13.10
C MSE B 342 27.68 -19.72 13.49
O MSE B 342 26.78 -19.06 12.98
CB MSE B 342 27.93 -21.31 11.57
CG MSE B 342 29.07 -20.52 10.95
SE MSE B 342 30.83 -20.82 11.78
CE MSE B 342 30.98 -22.74 11.54
N PRO B 343 28.51 -19.24 14.41
CA PRO B 343 28.47 -17.80 14.67
C PRO B 343 28.93 -17.07 13.42
N VAL B 344 28.43 -15.86 13.14
CA VAL B 344 27.31 -15.25 13.85
C VAL B 344 26.22 -14.92 12.83
N LYS B 345 24.95 -14.97 13.24
CA LYS B 345 23.87 -14.58 12.34
C LYS B 345 24.06 -13.12 11.97
N ILE B 346 24.17 -12.84 10.68
CA ILE B 346 24.41 -11.47 10.21
C ILE B 346 23.22 -10.58 10.60
N CYS B 347 22.01 -11.07 10.41
CA CYS B 347 20.83 -10.37 10.91
C CYS B 347 19.65 -11.31 11.06
N TYR B 348 18.65 -10.85 11.80
CA TYR B 348 17.51 -11.68 12.17
C TYR B 348 16.27 -10.81 12.31
N PRO B 349 15.11 -11.32 11.88
CA PRO B 349 14.94 -12.57 11.13
C PRO B 349 15.12 -12.34 9.63
N ALA B 350 15.06 -13.41 8.84
CA ALA B 350 15.17 -13.29 7.39
C ALA B 350 13.91 -12.67 6.78
N LEU B 351 14.08 -11.93 5.69
CA LEU B 351 12.94 -11.51 4.87
C LEU B 351 12.44 -12.74 4.11
N GLN B 352 11.14 -12.99 4.16
CA GLN B 352 10.59 -14.17 3.51
C GLN B 352 9.50 -13.87 2.48
N GLY B 353 9.24 -14.82 1.60
CA GLY B 353 8.17 -14.71 0.62
C GLY B 353 8.14 -13.40 -0.14
N LEU B 354 6.97 -12.77 -0.14
CA LEU B 354 6.74 -11.54 -0.88
C LEU B 354 7.58 -10.40 -0.32
N GLU B 355 7.89 -10.48 0.97
CA GLU B 355 8.76 -9.50 1.61
C GLU B 355 10.14 -9.55 0.97
N TRP B 356 10.65 -10.76 0.75
CA TRP B 356 11.93 -10.94 0.07
C TRP B 356 11.86 -10.34 -1.34
N GLN B 357 10.79 -10.66 -2.06
CA GLN B 357 10.58 -10.15 -3.41
C GLN B 357 10.56 -8.62 -3.45
N ILE B 358 9.80 -8.02 -2.53
CA ILE B 358 9.61 -6.58 -2.53
C ILE B 358 10.85 -5.81 -2.05
N VAL B 359 11.50 -6.31 -1.00
CA VAL B 359 12.63 -5.59 -0.42
C VAL B 359 13.95 -5.79 -1.18
N THR B 360 14.19 -7.00 -1.69
CA THR B 360 15.45 -7.27 -2.40
C THR B 360 15.31 -7.22 -3.94
N GLY B 361 14.09 -7.14 -4.45
CA GLY B 361 13.86 -7.24 -5.88
C GLY B 361 14.10 -8.65 -6.40
N CYS B 362 13.68 -9.64 -5.60
CA CYS B 362 13.87 -11.05 -5.91
C CYS B 362 15.33 -11.37 -6.19
N ASP B 363 16.20 -10.90 -5.31
CA ASP B 363 17.64 -11.16 -5.43
C ASP B 363 17.92 -12.61 -5.04
N PRO B 364 18.34 -13.44 -6.01
CA PRO B 364 18.52 -14.87 -5.79
C PRO B 364 19.70 -15.22 -4.87
N LYS B 365 20.60 -14.29 -4.63
CA LYS B 365 21.70 -14.58 -3.72
C LYS B 365 21.28 -14.36 -2.28
N ASN B 366 20.17 -13.66 -2.08
CA ASN B 366 19.70 -13.35 -0.74
C ASN B 366 18.31 -13.90 -0.44
N ILE B 367 18.06 -15.13 -0.87
CA ILE B 367 16.84 -15.85 -0.51
C ILE B 367 16.83 -16.05 1.01
N PRO B 368 15.66 -16.35 1.60
CA PRO B 368 15.57 -16.38 3.07
C PRO B 368 16.58 -17.29 3.76
N TRP B 369 17.21 -16.77 4.81
CA TRP B 369 18.22 -17.49 5.60
C TRP B 369 19.45 -17.80 4.78
N SER B 370 19.73 -16.96 3.78
CA SER B 370 20.93 -17.15 2.97
C SER B 370 21.68 -15.83 2.81
N TYR B 371 23.00 -15.89 2.97
CA TYR B 371 23.89 -14.77 2.70
C TYR B 371 23.59 -13.58 3.63
N HIS B 372 23.29 -12.43 3.04
CA HIS B 372 22.95 -11.23 3.81
C HIS B 372 21.61 -11.39 4.50
N ASN B 373 20.75 -12.20 3.89
CA ASN B 373 19.37 -12.32 4.35
C ASN B 373 19.22 -13.36 5.45
N GLY B 374 19.91 -13.16 6.57
CA GLY B 374 19.81 -14.07 7.69
C GLY B 374 20.70 -15.30 7.58
N GLY B 375 21.82 -15.17 6.87
CA GLY B 375 22.84 -16.20 6.87
C GLY B 375 23.76 -16.07 8.08
N ASN B 376 24.61 -17.07 8.28
CA ASN B 376 25.56 -17.05 9.38
C ASN B 376 27.00 -16.91 8.87
N TRP B 377 27.69 -15.89 9.37
CA TRP B 377 29.00 -15.52 8.84
C TRP B 377 30.12 -15.72 9.86
N PRO B 378 31.02 -16.68 9.59
CA PRO B 378 32.13 -17.00 10.49
C PRO B 378 33.00 -15.79 10.86
N VAL B 379 33.25 -14.89 9.91
CA VAL B 379 34.10 -13.72 10.19
C VAL B 379 33.66 -12.98 11.46
N LEU B 380 32.35 -12.85 11.66
CA LEU B 380 31.84 -12.04 12.78
C LEU B 380 32.17 -12.63 14.14
N LEU B 381 32.73 -13.84 14.15
CA LEU B 381 33.22 -14.47 15.37
C LEU B 381 34.24 -13.62 16.14
N TRP B 382 35.07 -12.86 15.42
CA TRP B 382 36.09 -12.04 16.09
C TRP B 382 35.46 -10.84 16.79
N LEU B 383 34.47 -10.22 16.17
CA LEU B 383 33.75 -9.13 16.83
C LEU B 383 32.96 -9.64 18.03
N PHE B 384 32.44 -10.86 17.92
CA PHE B 384 31.67 -11.44 19.02
C PHE B 384 32.55 -11.78 20.21
N THR B 385 33.72 -12.35 19.92
CA THR B 385 34.69 -12.69 20.94
C THR B 385 35.14 -11.43 21.66
N ALA B 386 35.42 -10.38 20.88
CA ALA B 386 35.84 -9.11 21.43
C ALA B 386 34.76 -8.50 22.34
N ALA B 387 33.52 -8.48 21.87
CA ALA B 387 32.42 -7.92 22.66
C ALA B 387 32.14 -8.77 23.91
N ALA B 388 32.27 -10.08 23.76
CA ALA B 388 32.08 -10.99 24.88
C ALA B 388 33.10 -10.74 25.98
N LEU B 389 34.35 -10.51 25.57
CA LEU B 389 35.43 -10.23 26.51
C LEU B 389 35.26 -8.91 27.25
N LYS B 390 34.94 -7.87 26.48
CA LYS B 390 34.76 -6.52 27.02
C LYS B 390 33.59 -6.44 28.01
N THR B 391 32.66 -7.38 27.89
CA THR B 391 31.49 -7.41 28.75
C THR B 391 31.55 -8.52 29.81
N GLY B 392 32.72 -9.14 29.93
CA GLY B 392 32.92 -10.20 30.90
C GLY B 392 32.07 -11.44 30.69
N LYS B 393 31.91 -11.86 29.44
CA LYS B 393 31.16 -13.06 29.12
C LYS B 393 32.08 -13.93 28.29
N VAL B 394 33.13 -14.39 28.95
CA VAL B 394 34.14 -15.24 28.34
C VAL B 394 33.60 -16.61 27.92
N GLU B 395 32.73 -17.19 28.74
CA GLU B 395 32.17 -18.51 28.47
C GLU B 395 31.44 -18.55 27.12
N LEU B 396 30.77 -17.45 26.80
CA LEU B 396 30.08 -17.32 25.51
C LEU B 396 31.08 -17.34 24.36
N ALA B 397 32.19 -16.64 24.55
CA ALA B 397 33.28 -16.64 23.58
C ALA B 397 33.81 -18.05 23.36
N HIS B 398 34.04 -18.79 24.46
CA HIS B 398 34.53 -20.16 24.37
C HIS B 398 33.59 -21.04 23.54
N GLU B 399 32.29 -20.95 23.83
CA GLU B 399 31.30 -21.76 23.15
C GLU B 399 31.18 -21.45 21.66
N ALA B 400 31.05 -20.16 21.33
CA ALA B 400 30.99 -19.74 19.93
C ALA B 400 32.22 -20.21 19.15
N ILE B 401 33.40 -20.06 19.75
CA ILE B 401 34.65 -20.50 19.13
C ILE B 401 34.68 -22.01 18.91
N ALA B 402 34.21 -22.76 19.90
CA ALA B 402 34.19 -24.22 19.82
C ALA B 402 33.30 -24.68 18.66
N ILE B 403 32.16 -24.01 18.50
CA ILE B 403 31.21 -24.30 17.43
C ILE B 403 31.86 -24.12 16.05
N ALA B 404 32.44 -22.95 15.82
CA ALA B 404 33.10 -22.66 14.55
C ALA B 404 34.26 -23.62 14.28
N GLU B 405 35.08 -23.88 15.28
CA GLU B 405 36.24 -24.75 15.12
C GLU B 405 35.83 -26.16 14.69
N GLY B 406 34.75 -26.66 15.26
CA GLY B 406 34.25 -27.98 14.93
C GLY B 406 33.86 -28.15 13.47
N ARG B 407 33.63 -27.04 12.77
CA ARG B 407 33.12 -27.10 11.39
C ARG B 407 34.05 -26.50 10.34
N LEU B 408 34.58 -25.31 10.61
CA LEU B 408 35.23 -24.50 9.58
C LEU B 408 36.29 -25.23 8.76
N SER B 409 37.24 -25.86 9.45
CA SER B 409 38.33 -26.53 8.78
C SER B 409 37.81 -27.67 7.91
N ASN B 410 36.90 -28.46 8.47
CA ASN B 410 36.30 -29.57 7.74
C ASN B 410 35.50 -29.07 6.53
N ASP B 411 34.85 -27.91 6.70
CA ASP B 411 34.03 -27.33 5.64
C ASP B 411 34.85 -26.48 4.67
N LYS B 412 36.16 -26.40 4.90
CA LYS B 412 37.08 -25.62 4.09
C LYS B 412 36.80 -24.12 4.14
N PHE B 413 36.41 -23.64 5.32
CA PHE B 413 36.25 -22.21 5.61
C PHE B 413 35.34 -21.49 4.61
N PRO B 414 34.06 -21.86 4.57
CA PRO B 414 33.12 -21.19 3.66
C PRO B 414 32.92 -19.72 4.02
N GLU B 415 32.56 -18.94 3.01
CA GLU B 415 32.28 -17.52 3.15
C GLU B 415 31.16 -17.29 4.15
N TYR B 416 30.14 -18.15 4.07
CA TYR B 416 28.97 -18.04 4.93
C TYR B 416 28.20 -19.36 5.02
N TYR B 417 27.26 -19.39 5.95
CA TYR B 417 26.40 -20.55 6.18
C TYR B 417 24.95 -20.11 6.09
N ASP B 418 24.05 -21.06 5.80
CA ASP B 418 22.64 -20.72 5.58
C ASP B 418 21.69 -21.48 6.49
N GLY B 419 20.44 -21.03 6.54
CA GLY B 419 19.44 -21.69 7.35
C GLY B 419 19.10 -20.90 8.59
N ASN B 420 17.91 -21.16 9.16
CA ASN B 420 17.51 -20.57 10.43
C ASN B 420 18.60 -20.68 11.49
N ASN B 421 19.35 -21.79 11.45
CA ASN B 421 20.35 -22.07 12.47
C ASN B 421 21.76 -22.27 11.92
N GLY B 422 21.98 -21.88 10.67
CA GLY B 422 23.29 -22.00 10.05
C GLY B 422 23.75 -23.42 9.80
N ARG B 423 22.79 -24.34 9.68
CA ARG B 423 23.11 -25.75 9.43
C ARG B 423 23.75 -25.99 8.06
N LEU B 424 23.28 -25.25 7.08
CA LEU B 424 23.76 -25.41 5.70
C LEU B 424 25.01 -24.60 5.42
N ILE B 425 25.90 -25.16 4.62
CA ILE B 425 26.98 -24.37 4.05
C ILE B 425 26.34 -23.45 3.01
N GLY B 426 26.77 -22.20 2.98
CA GLY B 426 26.19 -21.18 2.13
C GLY B 426 25.94 -21.64 0.70
N LYS B 427 24.78 -21.28 0.17
CA LYS B 427 24.35 -21.71 -1.15
C LYS B 427 25.40 -21.43 -2.23
N GLU B 428 25.89 -20.20 -2.26
CA GLU B 428 26.91 -19.79 -3.23
C GLU B 428 28.23 -19.43 -2.55
N ALA B 429 28.42 -19.89 -1.32
CA ALA B 429 29.60 -19.53 -0.54
C ALA B 429 30.90 -19.98 -1.18
N ARG B 430 31.85 -19.05 -1.27
CA ARG B 430 33.22 -19.38 -1.62
C ARG B 430 33.85 -20.21 -0.53
N ILE B 431 34.75 -21.12 -0.89
CA ILE B 431 35.49 -21.88 0.11
C ILE B 431 36.84 -21.18 0.29
N TYR B 432 37.50 -21.41 1.41
CA TYR B 432 38.78 -20.77 1.72
C TYR B 432 38.63 -19.25 1.72
N GLN B 433 37.53 -18.79 2.30
CA GLN B 433 37.25 -17.36 2.43
C GLN B 433 38.17 -16.80 3.50
N THR B 434 39.00 -15.83 3.12
CA THR B 434 40.08 -15.36 3.97
C THR B 434 39.61 -14.86 5.34
N TRP B 435 38.57 -14.02 5.37
CA TRP B 435 38.17 -13.43 6.64
C TRP B 435 37.39 -14.43 7.52
N SER B 436 37.03 -15.58 6.96
CA SER B 436 36.52 -16.68 7.78
C SER B 436 37.69 -17.34 8.52
N ILE B 437 38.83 -17.45 7.85
CA ILE B 437 40.04 -18.02 8.43
C ILE B 437 40.58 -17.05 9.49
N ALA B 438 40.76 -15.80 9.09
CA ALA B 438 41.26 -14.76 9.99
C ALA B 438 40.35 -14.58 11.21
N GLY B 439 39.04 -14.56 10.97
CA GLY B 439 38.06 -14.37 12.02
C GLY B 439 38.23 -15.32 13.20
N LEU B 440 38.39 -16.61 12.89
CA LEU B 440 38.65 -17.62 13.89
C LEU B 440 39.99 -17.37 14.59
N LEU B 441 41.02 -17.10 13.80
CA LEU B 441 42.36 -16.83 14.31
C LEU B 441 42.39 -15.61 15.22
N VAL B 442 41.70 -14.54 14.82
CA VAL B 442 41.64 -13.33 15.64
C VAL B 442 40.92 -13.62 16.95
N ALA B 443 39.82 -14.37 16.88
CA ALA B 443 39.08 -14.75 18.08
C ALA B 443 39.98 -15.50 19.07
N LYS B 444 40.72 -16.49 18.58
CA LYS B 444 41.61 -17.27 19.43
C LYS B 444 42.72 -16.42 20.03
N GLN B 445 43.27 -15.51 19.22
CA GLN B 445 44.32 -14.61 19.70
C GLN B 445 43.75 -13.70 20.79
N PHE B 446 42.52 -13.23 20.59
CA PHE B 446 41.86 -12.36 21.56
C PHE B 446 41.68 -13.08 22.88
N LEU B 447 41.30 -14.34 22.78
CA LEU B 447 41.07 -15.17 23.95
C LEU B 447 42.37 -15.35 24.73
N ALA B 448 43.46 -15.58 23.99
CA ALA B 448 44.78 -15.75 24.59
C ALA B 448 45.26 -14.47 25.27
N ASN B 449 45.05 -13.33 24.61
CA ASN B 449 45.46 -12.05 25.16
C ASN B 449 44.39 -10.97 25.02
N PRO B 450 43.40 -10.97 25.92
CA PRO B 450 42.27 -10.03 25.89
C PRO B 450 42.65 -8.55 25.72
N ASP B 451 43.87 -8.17 26.12
CA ASP B 451 44.31 -6.79 26.00
C ASP B 451 44.36 -6.31 24.55
N HIS B 452 44.63 -7.24 23.63
CA HIS B 452 44.60 -6.97 22.19
C HIS B 452 43.29 -6.39 21.69
N VAL B 453 42.20 -6.67 22.40
CA VAL B 453 40.89 -6.13 22.03
C VAL B 453 40.93 -4.60 21.96
N GLU B 454 41.83 -4.01 22.76
CA GLU B 454 41.99 -2.56 22.81
C GLU B 454 42.39 -1.95 21.47
N PHE B 455 42.95 -2.76 20.57
CA PHE B 455 43.27 -2.29 19.21
C PHE B 455 42.02 -1.86 18.45
N ILE B 456 40.88 -2.49 18.75
CA ILE B 456 39.64 -2.14 18.08
C ILE B 456 38.62 -1.50 19.02
N SER B 457 38.65 -1.86 20.30
CA SER B 457 37.71 -1.26 21.25
C SER B 457 38.13 0.15 21.64
N PHE B 458 37.20 0.88 22.23
CA PHE B 458 37.47 2.20 22.77
C PHE B 458 37.12 2.25 24.26
N PRO B 459 37.89 3.04 25.04
CA PRO B 459 37.57 3.32 26.44
C PRO B 459 36.26 4.09 26.57
N ASP B 460 35.71 4.12 27.79
CA ASP B 460 34.41 4.72 28.00
C ASP B 460 34.53 6.24 28.16
N GLU C 14 -12.79 36.35 -13.77
CA GLU C 14 -12.73 36.45 -12.32
C GLU C 14 -13.99 35.87 -11.67
N THR C 15 -14.09 34.55 -11.81
CA THR C 15 -15.09 33.67 -11.21
C THR C 15 -14.96 33.47 -9.69
N GLU C 16 -15.80 32.56 -9.18
CA GLU C 16 -15.83 32.24 -7.76
C GLU C 16 -14.46 31.78 -7.29
N SER C 17 -13.81 30.98 -8.14
CA SER C 17 -12.46 30.49 -7.87
C SER C 17 -11.52 31.64 -7.55
N TRP C 18 -11.70 32.75 -8.25
CA TRP C 18 -10.89 33.93 -8.01
C TRP C 18 -11.12 34.49 -6.60
N LYS C 19 -12.39 34.53 -6.18
CA LYS C 19 -12.73 35.01 -4.85
C LYS C 19 -12.15 34.14 -3.75
N LEU C 20 -12.16 32.83 -3.96
CA LEU C 20 -11.64 31.89 -2.96
C LEU C 20 -10.13 32.05 -2.79
N LEU C 21 -9.43 32.27 -3.90
CA LEU C 21 -8.01 32.51 -3.86
C LEU C 21 -7.68 33.83 -3.18
N GLU C 22 -8.51 34.85 -3.44
CA GLU C 22 -8.36 36.13 -2.78
C GLU C 22 -8.49 35.98 -1.27
N SER C 23 -9.48 35.18 -0.87
CA SER C 23 -9.76 34.91 0.53
C SER C 23 -8.68 34.06 1.20
N SER C 24 -7.93 33.31 0.39
CA SER C 24 -6.85 32.46 0.89
C SER C 24 -5.60 33.25 1.28
N ILE C 25 -5.50 34.48 0.77
CA ILE C 25 -4.29 35.29 0.93
C ILE C 25 -4.00 35.60 2.40
N ILE C 26 -2.74 35.40 2.78
CA ILE C 26 -2.29 35.68 4.14
C ILE C 26 -1.63 37.07 4.18
N TYR C 27 -1.89 37.81 5.25
CA TYR C 27 -1.28 39.12 5.43
C TYR C 27 -0.37 39.14 6.66
N TYR C 28 0.73 39.86 6.53
CA TYR C 28 1.70 39.97 7.60
C TYR C 28 2.22 41.41 7.64
N GLU C 29 1.85 42.12 8.69
CA GLU C 29 2.21 43.53 8.86
C GLU C 29 1.70 44.36 7.69
N GLY C 30 0.47 44.08 7.28
CA GLY C 30 -0.21 44.81 6.22
C GLY C 30 0.17 44.42 4.81
N ASN C 31 0.82 43.27 4.65
CA ASN C 31 1.31 42.84 3.33
C ASN C 31 0.98 41.40 2.98
N PRO C 32 0.53 41.16 1.75
CA PRO C 32 0.24 39.79 1.32
C PRO C 32 1.53 39.00 1.14
N ILE C 33 1.70 37.91 1.87
CA ILE C 33 2.96 37.17 1.84
C ILE C 33 2.83 35.71 1.43
N GLY C 34 1.60 35.25 1.16
CA GLY C 34 1.37 33.87 0.83
C GLY C 34 -0.10 33.51 0.81
N THR C 35 -0.38 32.21 0.73
CA THR C 35 -1.76 31.72 0.75
C THR C 35 -1.90 30.49 1.65
N VAL C 36 -3.07 30.34 2.28
CA VAL C 36 -3.30 29.21 3.16
C VAL C 36 -3.47 27.94 2.33
N ALA C 37 -3.18 26.79 2.95
CA ALA C 37 -3.31 25.51 2.28
C ALA C 37 -4.76 25.21 1.93
N ALA C 38 -5.66 25.55 2.85
CA ALA C 38 -7.08 25.28 2.66
C ALA C 38 -7.98 26.23 3.46
N GLN C 39 -9.17 26.48 2.93
CA GLN C 39 -10.17 27.27 3.64
C GLN C 39 -11.29 26.36 4.08
N ASP C 40 -10.91 25.22 4.63
CA ASP C 40 -11.85 24.21 5.09
C ASP C 40 -12.50 24.73 6.36
N PRO C 41 -13.85 24.77 6.39
CA PRO C 41 -14.59 25.25 7.55
C PRO C 41 -14.18 24.53 8.84
N GLU C 42 -13.57 23.35 8.68
CA GLU C 42 -13.04 22.51 9.76
C GLU C 42 -14.11 21.60 10.34
N GLN C 50 -2.11 27.78 7.43
CA GLN C 50 -0.72 28.17 7.22
C GLN C 50 -0.33 28.12 5.74
N CYS C 51 0.88 28.57 5.42
CA CYS C 51 1.35 28.58 4.04
C CYS C 51 2.40 27.52 3.76
N PHE C 52 2.09 26.64 2.80
CA PHE C 52 3.03 25.65 2.33
C PHE C 52 3.75 26.21 1.10
N LEU C 53 5.07 26.08 1.07
CA LEU C 53 5.86 26.69 0.00
C LEU C 53 5.55 26.05 -1.35
N ARG C 54 5.48 24.73 -1.39
CA ARG C 54 5.13 24.06 -2.65
C ARG C 54 3.70 24.44 -3.05
N ASP C 55 2.79 24.55 -2.09
CA ASP C 55 1.40 24.89 -2.39
C ASP C 55 1.26 26.27 -2.99
N PHE C 56 2.08 27.20 -2.51
CA PHE C 56 2.02 28.58 -2.96
C PHE C 56 2.32 28.77 -4.45
N VAL C 57 3.12 27.88 -5.02
CA VAL C 57 3.56 28.00 -6.40
C VAL C 57 2.39 28.25 -7.38
N PRO C 58 1.39 27.33 -7.49
CA PRO C 58 0.32 27.65 -8.44
C PRO C 58 -0.45 28.95 -8.14
N SER C 59 -0.58 29.31 -6.86
CA SER C 59 -1.16 30.60 -6.50
C SER C 59 -0.33 31.73 -7.09
N ALA C 60 0.97 31.67 -6.84
CA ALA C 60 1.91 32.67 -7.33
C ALA C 60 1.72 32.90 -8.83
N PHE C 61 1.63 31.82 -9.59
CA PHE C 61 1.47 31.90 -11.03
C PHE C 61 0.24 32.73 -11.43
N VAL C 62 -0.87 32.51 -10.73
CA VAL C 62 -2.08 33.29 -11.00
C VAL C 62 -1.86 34.77 -10.72
N PHE C 63 -1.18 35.07 -9.62
CA PHE C 63 -0.90 36.45 -9.25
C PHE C 63 0.03 37.12 -10.26
N LEU C 64 1.05 36.41 -10.71
CA LEU C 64 1.99 36.97 -11.68
C LEU C 64 1.30 37.29 -13.01
N MSE C 65 0.44 36.39 -13.45
CA MSE C 65 -0.31 36.59 -14.69
C MSE C 65 -1.34 37.69 -14.56
O MSE C 65 -1.74 38.31 -15.55
CB MSE C 65 -0.97 35.29 -15.13
CG MSE C 65 -0.01 34.25 -15.69
SE MSE C 65 -0.92 32.68 -16.39
CE MSE C 65 -0.88 31.57 -14.78
N ASP C 66 -1.81 37.93 -13.33
CA ASP C 66 -2.79 38.99 -13.08
C ASP C 66 -2.13 40.31 -12.68
N GLY C 67 -0.81 40.33 -12.59
CA GLY C 67 -0.10 41.55 -12.24
C GLY C 67 0.01 41.85 -10.75
N GLN C 68 -0.51 40.96 -9.91
CA GLN C 68 -0.34 41.11 -8.46
C GLN C 68 0.98 40.48 -8.03
N THR C 69 2.07 41.15 -8.37
CA THR C 69 3.41 40.59 -8.22
C THR C 69 3.97 40.74 -6.80
N ASP C 70 3.48 41.72 -6.05
CA ASP C 70 4.07 42.04 -4.75
C ASP C 70 3.93 40.90 -3.74
N ILE C 71 2.81 40.19 -3.76
CA ILE C 71 2.62 39.02 -2.91
C ILE C 71 3.69 37.94 -3.17
N VAL C 72 4.03 37.76 -4.45
CA VAL C 72 5.04 36.78 -4.84
C VAL C 72 6.42 37.24 -4.40
N ARG C 73 6.67 38.53 -4.56
CA ARG C 73 7.92 39.14 -4.12
C ARG C 73 8.12 38.99 -2.61
N ASN C 74 7.06 39.28 -1.86
CA ASN C 74 7.10 39.21 -0.40
C ASN C 74 7.33 37.79 0.10
N PHE C 75 6.67 36.83 -0.56
CA PHE C 75 6.84 35.41 -0.25
C PHE C 75 8.29 34.99 -0.38
N LEU C 76 8.90 35.36 -1.51
CA LEU C 76 10.31 35.03 -1.76
C LEU C 76 11.20 35.68 -0.71
N ILE C 77 10.88 36.91 -0.35
CA ILE C 77 11.64 37.65 0.67
C ILE C 77 11.47 37.02 2.04
N GLU C 78 10.23 36.80 2.45
CA GLU C 78 9.95 36.22 3.77
C GLU C 78 10.47 34.79 3.95
N THR C 79 10.31 33.94 2.94
CA THR C 79 10.80 32.57 3.03
C THR C 79 12.33 32.56 3.06
N LEU C 80 12.94 33.52 2.40
CA LEU C 80 14.39 33.67 2.43
C LEU C 80 14.89 33.98 3.84
N THR C 81 14.11 34.76 4.57
CA THR C 81 14.43 35.10 5.94
C THR C 81 14.36 33.86 6.84
N LEU C 82 13.36 33.03 6.58
CA LEU C 82 13.16 31.79 7.33
C LEU C 82 14.36 30.84 7.23
N GLN C 83 14.96 30.79 6.05
CA GLN C 83 16.11 29.93 5.77
C GLN C 83 17.26 30.14 6.76
N SER C 84 17.51 31.40 7.10
CA SER C 84 18.64 31.78 7.94
C SER C 84 18.44 31.48 9.42
N HIS C 85 17.23 31.09 9.79
CA HIS C 85 16.92 30.76 11.17
C HIS C 85 17.77 29.60 11.69
N GLU C 86 18.34 29.77 12.87
CA GLU C 86 19.09 28.69 13.51
C GLU C 86 18.11 27.67 14.09
N LYS C 87 18.24 26.42 13.65
CA LYS C 87 17.35 25.35 14.08
C LYS C 87 18.12 24.10 14.48
N GLU C 88 17.53 23.30 15.35
CA GLU C 88 18.17 22.07 15.78
C GLU C 88 17.23 21.05 16.39
N MSE C 89 17.64 19.79 16.33
CA MSE C 89 16.90 18.72 16.94
C MSE C 89 17.92 17.94 17.78
O MSE C 89 18.90 17.44 17.24
CB MSE C 89 16.22 17.83 15.89
CG MSE C 89 15.46 16.62 16.41
SE MSE C 89 14.62 15.58 14.97
CE MSE C 89 15.37 13.82 15.38
N ASP C 90 17.69 17.87 19.09
CA ASP C 90 18.56 17.12 20.00
C ASP C 90 20.07 17.46 20.03
N CYS C 91 20.41 18.75 20.03
CA CYS C 91 21.82 19.21 20.10
C CYS C 91 22.59 19.11 18.77
N PHE C 92 21.88 18.98 17.66
CA PHE C 92 22.56 18.89 16.37
C PHE C 92 22.13 20.02 15.45
N GLN C 93 23.10 20.67 14.81
CA GLN C 93 22.82 21.76 13.89
C GLN C 93 22.99 21.31 12.44
N PRO C 94 21.91 21.39 11.65
CA PRO C 94 21.99 20.94 10.25
C PRO C 94 22.46 22.03 9.29
N GLY C 95 22.42 21.71 7.99
CA GLY C 95 22.82 22.65 6.95
C GLY C 95 21.96 23.90 6.95
N ALA C 96 22.58 25.05 6.74
CA ALA C 96 21.86 26.33 6.78
C ALA C 96 20.86 26.50 5.64
N GLY C 97 21.19 25.96 4.46
CA GLY C 97 20.37 26.15 3.27
C GLY C 97 18.94 25.67 3.33
N LEU C 98 18.61 24.88 4.35
CA LEU C 98 17.30 24.25 4.47
C LEU C 98 16.14 25.25 4.48
N MSE C 99 15.07 24.90 3.78
CA MSE C 99 13.86 25.71 3.70
C MSE C 99 12.74 24.93 4.36
O MSE C 99 12.69 23.70 4.26
CB MSE C 99 13.51 26.08 2.26
CG MSE C 99 14.49 27.04 1.61
SE MSE C 99 13.79 28.86 1.74
CE MSE C 99 15.01 29.81 0.54
N PRO C 100 11.82 25.62 5.02
CA PRO C 100 10.77 24.85 5.68
C PRO C 100 9.70 24.39 4.70
N ALA C 101 8.89 23.41 5.10
CA ALA C 101 7.81 22.94 4.26
C ALA C 101 6.72 23.99 4.26
N SER C 102 6.52 24.59 5.43
CA SER C 102 5.48 25.57 5.61
C SER C 102 5.83 26.60 6.68
N PHE C 103 5.05 27.66 6.72
CA PHE C 103 5.16 28.67 7.76
C PHE C 103 3.78 29.20 8.10
N LYS C 104 3.65 29.81 9.27
CA LYS C 104 2.38 30.40 9.67
C LYS C 104 2.62 31.72 10.40
N VAL C 105 1.63 32.59 10.32
CA VAL C 105 1.71 33.91 10.92
C VAL C 105 1.21 33.87 12.35
N GLU C 106 2.03 34.35 13.27
CA GLU C 106 1.65 34.40 14.68
C GLU C 106 2.17 35.65 15.36
N GLU C 112 2.99 40.73 15.49
CA GLU C 112 2.97 39.35 15.06
C GLU C 112 4.30 38.94 14.42
N TYR C 113 4.52 37.62 14.32
CA TYR C 113 5.78 37.08 13.83
C TYR C 113 5.59 35.81 12.99
N LEU C 114 6.63 35.43 12.27
CA LEU C 114 6.59 34.24 11.43
C LEU C 114 7.26 33.06 12.11
N VAL C 115 6.59 31.92 12.06
CA VAL C 115 7.12 30.67 12.60
C VAL C 115 7.14 29.62 11.50
N ALA C 116 8.21 28.84 11.43
CA ALA C 116 8.42 27.88 10.35
C ALA C 116 8.50 26.44 10.85
N ASP C 117 7.91 25.52 10.10
CA ASP C 117 8.10 24.09 10.33
C ASP C 117 9.15 23.57 9.34
N PHE C 118 10.31 23.17 9.87
CA PHE C 118 11.43 22.67 9.07
C PHE C 118 11.54 21.15 9.06
N GLY C 119 10.46 20.49 9.41
CA GLY C 119 10.47 19.05 9.53
C GLY C 119 10.71 18.74 10.99
N GLU C 120 10.89 19.81 11.78
CA GLU C 120 11.13 19.67 13.21
C GLU C 120 9.85 19.20 13.89
N LYS C 121 8.74 19.82 13.52
CA LYS C 121 7.43 19.49 14.07
C LYS C 121 6.63 18.69 13.04
N ALA C 122 7.20 18.58 11.84
CA ALA C 122 6.56 17.85 10.75
C ALA C 122 6.45 16.38 11.09
N ILE C 123 5.36 15.76 10.66
CA ILE C 123 5.12 14.36 10.91
C ILE C 123 6.21 13.54 10.23
N ALA C 124 6.74 12.55 10.94
CA ALA C 124 7.77 11.64 10.44
C ALA C 124 9.15 12.27 10.30
N ARG C 125 9.25 13.55 10.65
CA ARG C 125 10.50 14.29 10.55
C ARG C 125 10.98 14.35 9.11
N VAL C 126 10.04 14.39 8.18
CA VAL C 126 10.37 14.46 6.76
C VAL C 126 11.05 15.80 6.41
N PRO C 127 12.03 15.76 5.52
CA PRO C 127 12.71 16.99 5.13
C PRO C 127 12.12 17.54 3.83
N PRO C 128 11.71 18.79 3.82
CA PRO C 128 11.11 19.38 2.62
C PRO C 128 12.18 19.79 1.60
N VAL C 129 12.75 18.79 0.95
CA VAL C 129 13.78 19.01 -0.06
C VAL C 129 13.24 19.79 -1.26
N ASP C 130 12.03 19.47 -1.69
CA ASP C 130 11.42 20.12 -2.84
C ASP C 130 11.09 21.59 -2.60
N SER C 131 10.93 21.98 -1.34
CA SER C 131 10.59 23.35 -1.00
C SER C 131 11.61 24.34 -1.56
N CYS C 132 12.88 24.11 -1.28
CA CYS C 132 13.92 25.06 -1.65
C CYS C 132 14.13 25.10 -3.17
N MSE C 133 13.91 23.97 -3.83
CA MSE C 133 13.98 23.95 -5.29
C MSE C 133 12.80 24.67 -5.94
O MSE C 133 12.96 25.34 -6.96
CB MSE C 133 14.04 22.51 -5.79
CG MSE C 133 15.40 21.89 -5.61
SE MSE C 133 15.28 19.96 -5.63
CE MSE C 133 16.93 19.64 -4.66
N TRP C 134 11.62 24.52 -5.35
CA TRP C 134 10.47 25.30 -5.78
C TRP C 134 10.71 26.78 -5.52
N TRP C 135 11.40 27.09 -4.42
CA TRP C 135 11.78 28.47 -4.13
C TRP C 135 12.61 29.06 -5.26
N ILE C 136 13.62 28.31 -5.71
CA ILE C 136 14.49 28.76 -6.78
C ILE C 136 13.71 28.93 -8.09
N LEU C 137 12.88 27.95 -8.42
CA LEU C 137 12.08 28.00 -9.64
C LEU C 137 11.09 29.15 -9.62
N LEU C 138 10.62 29.49 -8.43
CA LEU C 138 9.67 30.58 -8.26
C LEU C 138 10.32 31.94 -8.43
N LEU C 139 11.55 32.06 -7.92
CA LEU C 139 12.35 33.26 -8.10
C LEU C 139 12.58 33.55 -9.58
N ARG C 140 12.90 32.48 -10.33
CA ARG C 140 13.06 32.57 -11.77
C ARG C 140 11.77 33.01 -12.44
N ALA C 141 10.67 32.35 -12.10
CA ALA C 141 9.36 32.66 -12.67
C ALA C 141 8.97 34.11 -12.40
N TYR C 142 9.25 34.58 -11.19
CA TYR C 142 8.99 35.97 -10.82
C TYR C 142 9.72 36.91 -11.77
N GLU C 143 11.00 36.64 -11.97
CA GLU C 143 11.84 37.44 -12.85
C GLU C 143 11.35 37.42 -14.30
N LYS C 144 11.01 36.24 -14.80
CA LYS C 144 10.49 36.12 -16.16
C LYS C 144 9.17 36.89 -16.32
N ALA C 145 8.33 36.78 -15.30
CA ALA C 145 7.00 37.41 -15.33
C ALA C 145 7.06 38.93 -15.21
N THR C 146 7.99 39.44 -14.42
CA THR C 146 8.05 40.87 -14.13
C THR C 146 9.19 41.59 -14.86
N GLY C 147 10.15 40.81 -15.38
CA GLY C 147 11.32 41.39 -16.02
C GLY C 147 12.19 42.14 -15.04
N ASP C 148 11.94 41.92 -13.75
CA ASP C 148 12.74 42.54 -12.69
C ASP C 148 13.92 41.64 -12.38
N LEU C 149 15.11 42.08 -12.77
CA LEU C 149 16.29 41.26 -12.64
C LEU C 149 17.00 41.55 -11.33
N THR C 150 16.54 42.60 -10.65
CA THR C 150 17.22 43.12 -9.47
C THR C 150 17.11 42.23 -8.23
N LEU C 151 15.96 41.60 -8.03
CA LEU C 151 15.70 40.84 -6.82
C LEU C 151 16.68 39.70 -6.61
N ALA C 152 16.85 38.86 -7.64
CA ALA C 152 17.78 37.75 -7.58
C ALA C 152 19.23 38.21 -7.41
N ARG C 153 19.55 39.39 -7.91
CA ARG C 153 20.94 39.88 -7.88
C ARG C 153 21.31 40.36 -6.48
N GLU C 154 20.31 40.60 -5.65
CA GLU C 154 20.56 41.07 -4.29
C GLU C 154 21.38 40.03 -3.53
N PRO C 155 22.34 40.50 -2.71
CA PRO C 155 23.26 39.64 -1.97
C PRO C 155 22.57 38.60 -1.11
N LYS C 156 21.45 38.99 -0.49
CA LYS C 156 20.69 38.08 0.35
C LYS C 156 20.07 36.95 -0.47
N PHE C 157 19.57 37.30 -1.66
CA PHE C 157 19.01 36.32 -2.57
C PHE C 157 20.11 35.44 -3.16
N GLN C 158 21.21 36.07 -3.57
CA GLN C 158 22.37 35.34 -4.06
C GLN C 158 22.92 34.39 -3.00
N ALA C 159 22.97 34.86 -1.75
CA ALA C 159 23.41 34.02 -0.64
C ALA C 159 22.43 32.87 -0.40
N GLY C 160 21.14 33.16 -0.53
CA GLY C 160 20.12 32.15 -0.33
C GLY C 160 20.27 31.01 -1.32
N ILE C 161 20.50 31.36 -2.58
CA ILE C 161 20.67 30.37 -3.64
C ILE C 161 21.88 29.48 -3.38
N LYS C 162 22.98 30.11 -2.97
CA LYS C 162 24.24 29.41 -2.71
C LYS C 162 24.11 28.40 -1.57
N LEU C 163 23.35 28.75 -0.55
CA LEU C 163 23.11 27.85 0.57
C LEU C 163 22.34 26.62 0.12
N ILE C 164 21.34 26.82 -0.73
CA ILE C 164 20.57 25.70 -1.29
C ILE C 164 21.48 24.79 -2.13
N LEU C 165 22.37 25.40 -2.92
CA LEU C 165 23.29 24.66 -3.76
C LEU C 165 24.32 23.87 -2.95
N ASP C 166 24.79 24.46 -1.86
CA ASP C 166 25.70 23.77 -0.94
C ASP C 166 25.15 22.41 -0.54
N LEU C 167 23.87 22.39 -0.21
CA LEU C 167 23.20 21.17 0.23
C LEU C 167 22.96 20.21 -0.92
N CYS C 168 22.42 20.74 -2.01
CA CYS C 168 22.14 19.97 -3.22
C CYS C 168 23.38 19.31 -3.81
N LEU C 169 24.47 20.07 -3.87
CA LEU C 169 25.71 19.60 -4.49
C LEU C 169 26.69 19.02 -3.48
N ALA C 170 26.20 18.70 -2.28
CA ALA C 170 27.02 18.06 -1.27
C ALA C 170 27.64 16.80 -1.87
N HIS C 171 28.91 16.53 -1.53
CA HIS C 171 29.59 15.37 -2.10
C HIS C 171 28.98 14.05 -1.65
N ARG C 172 29.02 13.08 -2.55
CA ARG C 172 28.42 11.77 -2.34
C ARG C 172 29.48 10.67 -2.20
N PHE C 173 29.05 9.54 -1.63
CA PHE C 173 29.89 8.33 -1.57
C PHE C 173 29.74 7.50 -2.83
N SER C 174 28.61 7.64 -3.51
CA SER C 174 28.28 6.82 -4.66
C SER C 174 28.61 7.49 -6.00
N MSE C 175 28.53 6.71 -7.07
CA MSE C 175 28.82 7.17 -8.41
C MSE C 175 27.60 7.80 -9.07
O MSE C 175 27.65 8.23 -10.21
CB MSE C 175 29.33 6.00 -9.27
CG MSE C 175 30.60 5.37 -8.74
SE MSE C 175 32.07 6.63 -8.89
CE MSE C 175 33.39 5.72 -7.84
N TYR C 176 26.50 7.85 -8.32
CA TYR C 176 25.27 8.42 -8.84
C TYR C 176 25.35 9.95 -8.73
N PRO C 177 25.12 10.65 -9.86
CA PRO C 177 25.06 12.12 -9.81
C PRO C 177 23.69 12.62 -9.39
N THR C 178 22.78 11.71 -9.09
CA THR C 178 21.49 12.09 -8.56
C THR C 178 21.61 12.58 -7.13
N MSE C 179 20.52 13.11 -6.60
CA MSE C 179 20.50 13.57 -5.23
C MSE C 179 19.87 12.55 -4.28
O MSE C 179 18.78 12.05 -4.52
CB MSE C 179 19.76 14.88 -5.13
CG MSE C 179 20.11 15.63 -3.89
SE MSE C 179 19.03 17.19 -3.77
CE MSE C 179 18.57 16.95 -1.92
N LEU C 180 20.57 12.24 -3.20
CA LEU C 180 20.11 11.22 -2.27
C LEU C 180 19.21 11.81 -1.19
N VAL C 181 18.06 11.17 -0.95
CA VAL C 181 17.10 11.63 0.03
C VAL C 181 16.51 10.46 0.82
N PRO C 182 15.96 10.73 2.01
CA PRO C 182 15.17 9.70 2.68
C PRO C 182 13.76 9.61 2.09
N ASP C 183 12.92 8.72 2.61
CA ASP C 183 11.56 8.60 2.10
C ASP C 183 10.77 9.86 2.40
N GLY C 184 9.70 10.09 1.65
CA GLY C 184 8.80 11.21 1.88
C GLY C 184 9.43 12.59 1.82
N ALA C 185 10.31 12.84 0.85
CA ALA C 185 11.05 14.10 0.82
C ALA C 185 10.56 15.15 -0.19
N PHE C 186 9.39 14.94 -0.78
CA PHE C 186 8.84 15.93 -1.72
C PHE C 186 7.33 16.13 -1.53
N MSE C 187 6.59 16.25 -2.64
CA MSE C 187 5.15 16.46 -2.55
C MSE C 187 4.58 15.28 -1.80
O MSE C 187 3.66 15.42 -1.00
CB MSE C 187 4.50 16.58 -3.93
CG MSE C 187 2.99 16.77 -3.88
SE MSE C 187 2.32 16.98 -5.69
CE MSE C 187 0.40 16.85 -5.41
N ILE C 188 5.15 14.10 -2.08
CA ILE C 188 4.74 12.92 -1.36
C ILE C 188 5.64 13.03 -0.14
N ASP C 189 5.07 13.45 0.98
CA ASP C 189 5.84 13.69 2.19
C ASP C 189 5.56 12.68 3.29
N ARG C 190 5.25 11.46 2.88
CA ARG C 190 5.05 10.36 3.80
C ARG C 190 5.75 9.14 3.22
N ARG C 191 5.97 8.13 4.05
CA ARG C 191 6.73 6.96 3.62
C ARG C 191 6.00 6.21 2.52
N MSE C 192 6.59 6.23 1.32
CA MSE C 192 5.90 5.71 0.14
C MSE C 192 6.81 4.94 -0.81
O MSE C 192 6.46 4.74 -1.97
CB MSE C 192 5.25 6.86 -0.62
CG MSE C 192 3.83 7.17 -0.19
SE MSE C 192 2.56 5.79 -0.71
CE MSE C 192 2.99 5.66 -2.60
N GLY C 193 7.97 4.50 -0.33
CA GLY C 193 8.94 3.86 -1.20
C GLY C 193 9.54 4.83 -2.21
N VAL C 194 9.52 6.13 -1.88
CA VAL C 194 10.11 7.15 -2.74
C VAL C 194 11.42 7.68 -2.17
N TYR C 195 12.08 6.83 -1.40
CA TYR C 195 13.39 7.07 -0.80
C TYR C 195 14.46 6.85 -1.85
N GLU C 196 15.70 7.22 -1.52
CA GLU C 196 16.88 7.05 -2.38
C GLU C 196 16.96 8.11 -3.48
N HIS C 197 16.60 7.74 -4.71
CA HIS C 197 16.68 8.68 -5.82
C HIS C 197 15.37 8.87 -6.60
N PRO C 198 14.34 9.40 -5.94
CA PRO C 198 13.03 9.54 -6.59
C PRO C 198 13.07 10.53 -7.75
N LEU C 199 12.31 10.24 -8.81
CA LEU C 199 12.27 11.06 -10.02
C LEU C 199 12.00 12.54 -9.74
N GLU C 200 10.90 12.83 -9.05
CA GLU C 200 10.49 14.20 -8.76
C GLU C 200 11.64 15.04 -8.21
N ILE C 201 12.41 14.48 -7.30
CA ILE C 201 13.54 15.20 -6.72
C ILE C 201 14.63 15.44 -7.76
N GLN C 202 14.93 14.43 -8.58
CA GLN C 202 16.00 14.56 -9.56
C GLN C 202 15.63 15.59 -10.64
N VAL C 203 14.35 15.63 -10.99
CA VAL C 203 13.87 16.56 -12.00
C VAL C 203 13.81 17.99 -11.46
N LEU C 204 13.35 18.14 -10.23
CA LEU C 204 13.33 19.45 -9.59
C LEU C 204 14.75 19.93 -9.31
N PHE C 205 15.64 18.98 -9.03
CA PHE C 205 17.07 19.22 -8.84
C PHE C 205 17.67 19.76 -10.13
N TYR C 206 17.36 19.09 -11.24
CA TYR C 206 17.84 19.51 -12.56
C TYR C 206 17.33 20.90 -12.95
N ALA C 207 16.03 21.12 -12.79
CA ALA C 207 15.42 22.40 -13.11
C ALA C 207 16.00 23.55 -12.28
N ALA C 208 16.18 23.31 -10.99
CA ALA C 208 16.72 24.32 -10.08
C ALA C 208 18.17 24.69 -10.44
N LEU C 209 18.94 23.70 -10.89
CA LEU C 209 20.30 23.94 -11.34
C LEU C 209 20.32 24.81 -12.60
N ARG C 210 19.44 24.50 -13.55
CA ARG C 210 19.30 25.31 -14.75
C ARG C 210 18.85 26.73 -14.42
N ALA C 211 17.95 26.86 -13.46
CA ALA C 211 17.50 28.18 -13.04
C ALA C 211 18.67 28.95 -12.42
N ALA C 212 19.40 28.27 -11.54
CA ALA C 212 20.57 28.84 -10.88
C ALA C 212 21.65 29.26 -11.87
N ARG C 213 21.70 28.58 -13.02
CA ARG C 213 22.68 28.89 -14.05
C ARG C 213 22.47 30.30 -14.59
N GLU C 214 21.21 30.72 -14.67
CA GLU C 214 20.86 32.07 -15.09
C GLU C 214 20.95 33.09 -13.95
N LEU C 215 20.46 32.67 -12.78
CA LEU C 215 20.26 33.56 -11.64
C LEU C 215 21.54 33.99 -10.94
N LEU C 216 22.56 33.13 -10.95
CA LEU C 216 23.78 33.41 -10.23
C LEU C 216 24.56 34.57 -10.83
N LEU C 217 25.08 35.43 -9.95
CA LEU C 217 26.01 36.47 -10.37
C LEU C 217 27.39 35.88 -10.61
N PRO C 218 27.98 36.21 -11.77
CA PRO C 218 29.35 35.75 -12.02
C PRO C 218 30.37 36.58 -11.24
N ASP C 219 30.29 36.49 -9.92
CA ASP C 219 31.26 37.11 -9.02
C ASP C 219 32.37 36.11 -8.75
N GLY C 220 33.43 36.56 -8.11
CA GLY C 220 34.55 35.69 -7.77
C GLY C 220 34.01 34.44 -7.11
N ASP C 221 33.16 34.62 -6.12
CA ASP C 221 32.48 33.52 -5.44
C ASP C 221 31.47 32.84 -6.35
N GLY C 222 30.60 33.65 -6.96
CA GLY C 222 29.57 33.16 -7.86
C GLY C 222 30.08 32.27 -8.97
N GLU C 223 31.33 32.48 -9.37
CA GLU C 223 31.95 31.69 -10.42
C GLU C 223 32.14 30.24 -9.99
N GLN C 224 32.61 30.03 -8.76
CA GLN C 224 32.81 28.69 -8.23
C GLN C 224 31.51 27.89 -8.16
N TYR C 225 30.43 28.57 -7.79
CA TYR C 225 29.13 27.91 -7.75
C TYR C 225 28.71 27.49 -9.14
N LEU C 226 28.89 28.39 -10.10
CA LEU C 226 28.63 28.09 -11.49
C LEU C 226 29.46 26.91 -11.99
N ASN C 227 30.71 26.80 -11.54
CA ASN C 227 31.54 25.64 -11.88
C ASN C 227 30.95 24.33 -11.38
N LYS C 228 30.45 24.32 -10.16
CA LYS C 228 29.87 23.12 -9.57
C LYS C 228 28.56 22.77 -10.28
N VAL C 229 27.81 23.82 -10.65
CA VAL C 229 26.56 23.63 -11.37
C VAL C 229 26.77 22.98 -12.73
N HIS C 230 27.71 23.50 -13.50
CA HIS C 230 28.05 22.92 -14.79
C HIS C 230 28.57 21.49 -14.62
N GLY C 231 29.37 21.30 -13.57
CA GLY C 231 29.92 19.99 -13.25
C GLY C 231 28.92 18.91 -12.84
N ARG C 232 27.71 19.29 -12.48
CA ARG C 232 26.72 18.30 -12.05
C ARG C 232 25.52 18.21 -12.99
N LEU C 233 25.20 19.32 -13.63
CA LEU C 233 24.05 19.43 -14.50
C LEU C 233 24.10 18.48 -15.71
N GLY C 234 25.22 18.47 -16.42
CA GLY C 234 25.36 17.59 -17.57
C GLY C 234 25.30 16.12 -17.17
N ALA C 235 26.02 15.75 -16.12
CA ALA C 235 26.04 14.38 -15.61
C ALA C 235 24.65 13.92 -15.16
N LEU C 236 23.91 14.81 -14.50
CA LEU C 236 22.58 14.49 -14.01
C LEU C 236 21.60 14.20 -15.15
N GLN C 237 21.61 15.07 -16.16
CA GLN C 237 20.70 14.92 -17.29
C GLN C 237 20.97 13.63 -18.03
N TYR C 238 22.25 13.34 -18.25
CA TYR C 238 22.70 12.09 -18.88
C TYR C 238 22.19 10.86 -18.13
N HIS C 239 22.36 10.88 -16.81
CA HIS C 239 21.99 9.76 -15.95
C HIS C 239 20.50 9.50 -16.00
N ILE C 240 19.70 10.56 -15.83
CA ILE C 240 18.25 10.43 -15.84
C ILE C 240 17.73 9.90 -17.18
N ARG C 241 18.19 10.48 -18.27
CA ARG C 241 17.70 10.07 -19.59
C ARG C 241 18.10 8.65 -19.95
N ASN C 242 19.34 8.28 -19.66
CA ASN C 242 19.83 6.97 -20.06
C ASN C 242 19.36 5.83 -19.16
N TYR C 243 19.22 6.08 -17.87
CA TYR C 243 18.88 4.99 -16.95
C TYR C 243 17.46 5.00 -16.39
N TYR C 244 16.79 6.16 -16.39
CA TYR C 244 15.39 6.18 -15.94
C TYR C 244 14.40 6.00 -17.07
N TRP C 245 14.82 6.28 -18.31
CA TRP C 245 13.87 6.23 -19.42
C TRP C 245 13.37 4.82 -19.67
N VAL C 246 12.05 4.68 -19.67
CA VAL C 246 11.42 3.40 -19.92
C VAL C 246 10.55 3.47 -21.16
N ASP C 247 10.85 2.63 -22.15
CA ASP C 247 9.87 2.29 -23.19
C ASP C 247 9.99 0.81 -23.53
N LEU C 248 9.16 0.34 -24.45
CA LEU C 248 9.18 -1.06 -24.89
C LEU C 248 10.57 -1.56 -25.28
N LYS C 249 11.26 -0.77 -26.10
CA LYS C 249 12.57 -1.15 -26.61
C LYS C 249 13.53 -1.30 -25.43
N ARG C 250 13.55 -0.29 -24.57
CA ARG C 250 14.40 -0.29 -23.39
C ARG C 250 14.01 -1.40 -22.42
N LEU C 251 12.71 -1.60 -22.28
CA LEU C 251 12.18 -2.64 -21.40
C LEU C 251 12.62 -4.03 -21.87
N ARG C 252 12.64 -4.21 -23.19
CA ARG C 252 13.09 -5.45 -23.80
C ARG C 252 14.56 -5.74 -23.47
N GLU C 253 15.37 -4.69 -23.44
CA GLU C 253 16.76 -4.82 -23.06
C GLU C 253 16.92 -5.29 -21.62
N ILE C 254 16.25 -4.58 -20.71
CA ILE C 254 16.39 -4.85 -19.29
C ILE C 254 15.90 -6.25 -18.94
N TYR C 255 14.77 -6.62 -19.55
CA TYR C 255 14.21 -7.95 -19.38
C TYR C 255 15.24 -9.03 -19.74
N ARG C 256 16.12 -8.72 -20.69
CA ARG C 256 17.15 -9.67 -21.11
C ARG C 256 18.51 -9.49 -20.43
N TYR C 257 18.60 -8.56 -19.46
CA TYR C 257 19.83 -8.39 -18.69
C TYR C 257 20.26 -9.69 -18.00
N LYS C 258 21.57 -9.92 -17.98
CA LYS C 258 22.14 -10.95 -17.12
C LYS C 258 22.34 -10.35 -15.73
N GLY C 259 22.17 -11.16 -14.70
CA GLY C 259 22.38 -10.70 -13.34
C GLY C 259 23.80 -10.86 -12.84
N ASN C 260 24.15 -10.05 -11.83
CA ASN C 260 25.43 -10.15 -11.14
C ASN C 260 26.65 -9.89 -12.03
N GLU C 261 26.52 -8.92 -12.93
CA GLU C 261 27.64 -8.49 -13.74
C GLU C 261 28.61 -7.62 -12.95
N PHE C 262 29.90 -7.94 -13.06
CA PHE C 262 30.93 -7.16 -12.40
C PHE C 262 31.87 -6.51 -13.40
N GLY C 263 32.08 -5.21 -13.26
CA GLY C 263 32.98 -4.50 -14.15
C GLY C 263 32.49 -3.11 -14.52
N LYS C 264 33.40 -2.32 -15.08
CA LYS C 264 33.09 -0.97 -15.52
C LYS C 264 32.22 -0.97 -16.77
N GLU C 265 32.56 -1.84 -17.72
CA GLU C 265 31.85 -1.90 -19.00
C GLU C 265 30.85 -3.05 -19.02
N ILE C 266 29.69 -2.83 -18.42
CA ILE C 266 28.64 -3.85 -18.37
C ILE C 266 27.30 -3.19 -18.70
N ALA C 267 26.34 -4.00 -19.14
CA ALA C 267 25.02 -3.49 -19.48
C ALA C 267 24.18 -3.29 -18.21
N ASN C 268 24.22 -4.28 -17.32
CA ASN C 268 23.32 -4.27 -16.16
C ASN C 268 24.04 -3.69 -14.94
N LYS C 269 24.31 -2.39 -15.00
CA LYS C 269 25.10 -1.70 -14.00
C LYS C 269 24.48 -1.73 -12.61
N PHE C 270 23.16 -1.61 -12.55
CA PHE C 270 22.46 -1.51 -11.28
C PHE C 270 21.90 -2.87 -10.86
N ASN C 271 22.26 -3.90 -11.62
CA ASN C 271 21.91 -5.28 -11.31
C ASN C 271 20.41 -5.49 -11.09
N ILE C 272 19.61 -5.09 -12.07
CA ILE C 272 18.17 -5.35 -12.06
C ILE C 272 17.91 -6.81 -12.42
N PHE C 273 17.13 -7.49 -11.58
CA PHE C 273 16.71 -8.84 -11.89
C PHE C 273 15.37 -8.85 -12.61
N SER C 274 15.40 -9.30 -13.86
CA SER C 274 14.27 -9.18 -14.77
C SER C 274 13.03 -9.88 -14.25
N GLN C 275 13.21 -11.01 -13.59
CA GLN C 275 12.08 -11.75 -13.01
C GLN C 275 11.29 -10.88 -12.02
N SER C 276 11.91 -9.80 -11.54
CA SER C 276 11.22 -8.89 -10.65
C SER C 276 10.52 -7.74 -11.39
N ILE C 277 10.74 -7.61 -12.69
CA ILE C 277 10.00 -6.61 -13.45
C ILE C 277 8.52 -6.99 -13.43
N PRO C 278 7.68 -6.07 -12.92
CA PRO C 278 6.26 -6.41 -12.72
C PRO C 278 5.49 -6.59 -14.03
N ASP C 279 4.49 -7.47 -14.00
CA ASP C 279 3.74 -7.83 -15.20
C ASP C 279 2.94 -6.67 -15.80
N TRP C 280 2.50 -5.74 -14.95
CA TRP C 280 1.63 -4.66 -15.41
C TRP C 280 2.30 -3.72 -16.41
N VAL C 281 3.57 -3.39 -16.21
CA VAL C 281 4.25 -2.41 -17.07
C VAL C 281 4.39 -2.89 -18.51
N ILE C 282 4.55 -4.20 -18.67
CA ILE C 282 4.73 -4.80 -19.99
C ILE C 282 3.49 -4.60 -20.85
N GLU C 283 2.32 -4.80 -20.25
CA GLU C 283 1.05 -4.60 -20.94
C GLU C 283 0.54 -3.16 -20.87
N TRP C 284 1.13 -2.35 -19.99
CA TRP C 284 0.68 -0.97 -19.83
C TRP C 284 1.21 -0.08 -20.95
N LEU C 285 2.48 -0.26 -21.32
CA LEU C 285 3.07 0.66 -22.27
C LEU C 285 2.48 0.51 -23.65
N PRO C 286 2.08 1.63 -24.25
CA PRO C 286 1.69 1.56 -25.65
C PRO C 286 2.94 1.50 -26.51
N GLU C 287 2.74 1.21 -27.79
CA GLU C 287 3.85 1.06 -28.71
C GLU C 287 4.70 2.33 -28.78
N LYS C 288 4.03 3.48 -28.90
CA LYS C 288 4.72 4.76 -28.99
C LYS C 288 4.86 5.50 -27.65
N GLY C 289 4.46 4.85 -26.56
CA GLY C 289 4.52 5.48 -25.26
C GLY C 289 5.87 5.35 -24.59
N GLY C 290 6.06 6.11 -23.51
CA GLY C 290 7.30 6.07 -22.74
C GLY C 290 7.20 6.97 -21.54
N TYR C 291 8.07 6.75 -20.55
CA TYR C 291 8.09 7.57 -19.34
C TYR C 291 9.40 7.41 -18.57
N LEU C 292 9.69 8.40 -17.72
CA LEU C 292 10.81 8.31 -16.79
C LEU C 292 10.39 7.50 -15.56
N ALA C 293 11.20 6.49 -15.24
CA ALA C 293 10.94 5.63 -14.09
C ALA C 293 10.91 6.43 -12.78
N GLY C 294 10.28 5.85 -11.77
CA GLY C 294 10.06 6.53 -10.51
C GLY C 294 11.32 6.64 -9.66
N ASN C 295 12.19 5.66 -9.76
CA ASN C 295 13.36 5.59 -8.90
C ASN C 295 14.42 4.67 -9.47
N LEU C 296 15.67 4.90 -9.08
CA LEU C 296 16.75 4.04 -9.48
C LEU C 296 17.79 4.00 -8.38
N GLY C 297 18.33 2.82 -8.13
CA GLY C 297 19.40 2.62 -7.16
C GLY C 297 19.87 1.20 -7.23
N PRO C 298 20.77 0.81 -6.31
CA PRO C 298 21.33 -0.55 -6.25
C PRO C 298 20.26 -1.63 -6.22
N GLY C 299 20.25 -2.50 -7.24
CA GLY C 299 19.26 -3.55 -7.35
C GLY C 299 17.82 -3.08 -7.46
N ARG C 300 17.63 -1.83 -7.86
CA ARG C 300 16.29 -1.23 -7.77
C ARG C 300 15.90 -0.36 -8.94
N MSE C 301 14.78 -0.72 -9.55
CA MSE C 301 14.06 0.15 -10.47
C MSE C 301 12.62 0.23 -10.02
O MSE C 301 11.93 -0.77 -9.95
CB MSE C 301 14.16 -0.37 -11.91
CG MSE C 301 15.33 0.21 -12.70
SE MSE C 301 15.24 -0.20 -14.60
CE MSE C 301 14.39 1.42 -15.25
N ASP C 302 12.17 1.44 -9.70
CA ASP C 302 10.76 1.67 -9.43
C ASP C 302 10.08 2.02 -10.75
N PHE C 303 9.27 1.09 -11.24
CA PHE C 303 8.61 1.25 -12.52
C PHE C 303 7.32 2.06 -12.44
N ARG C 304 6.90 2.39 -11.22
CA ARG C 304 5.76 3.27 -11.04
C ARG C 304 5.90 4.57 -11.81
N PHE C 305 4.80 4.99 -12.42
CA PHE C 305 4.74 6.28 -13.12
C PHE C 305 4.39 7.37 -12.12
N PHE C 306 5.22 8.41 -12.06
CA PHE C 306 4.94 9.56 -11.22
C PHE C 306 4.65 10.76 -12.12
N ALA C 307 3.47 11.36 -11.93
CA ALA C 307 2.99 12.40 -12.83
C ALA C 307 3.84 13.68 -12.77
N LEU C 308 4.14 14.16 -11.57
CA LEU C 308 4.84 15.43 -11.45
C LEU C 308 6.26 15.33 -12.03
N GLY C 309 7.01 14.32 -11.60
CA GLY C 309 8.35 14.11 -12.12
C GLY C 309 8.41 14.08 -13.64
N ASN C 310 7.52 13.32 -14.26
CA ASN C 310 7.47 13.24 -15.71
C ASN C 310 7.03 14.51 -16.42
N LEU C 311 6.03 15.20 -15.86
CA LEU C 311 5.55 16.43 -16.48
C LEU C 311 6.57 17.57 -16.35
N MSE C 312 7.24 17.66 -15.20
CA MSE C 312 8.26 18.69 -15.00
C MSE C 312 9.50 18.41 -15.83
O MSE C 312 10.21 19.35 -16.22
CB MSE C 312 8.65 18.83 -13.53
CG MSE C 312 7.83 19.86 -12.76
SE MSE C 312 8.08 21.68 -13.45
CE MSE C 312 9.84 22.11 -12.76
N ALA C 313 9.77 17.15 -16.12
CA ALA C 313 10.90 16.78 -16.97
C ALA C 313 10.69 17.35 -18.38
N ILE C 314 9.44 17.32 -18.84
CA ILE C 314 9.08 17.94 -20.11
C ILE C 314 9.30 19.45 -20.04
N LEU C 315 8.75 20.09 -19.02
CA LEU C 315 8.80 21.55 -18.91
C LEU C 315 10.23 22.06 -18.73
N ALA C 316 10.97 21.42 -17.85
CA ALA C 316 12.37 21.80 -17.60
C ALA C 316 13.30 21.47 -18.77
N GLY C 317 12.79 20.73 -19.75
CA GLY C 317 13.61 20.40 -20.91
C GLY C 317 14.59 19.27 -20.63
N LEU C 318 14.35 18.53 -19.56
CA LEU C 318 15.22 17.42 -19.17
C LEU C 318 14.99 16.25 -20.12
N ALA C 319 13.72 15.93 -20.36
CA ALA C 319 13.36 14.98 -21.40
C ALA C 319 13.54 15.62 -22.77
N SER C 320 14.00 14.84 -23.74
CA SER C 320 14.09 15.31 -25.11
C SER C 320 12.70 15.51 -25.70
N GLU C 321 12.64 16.19 -26.85
CA GLU C 321 11.39 16.41 -27.55
C GLU C 321 10.68 15.09 -27.82
N GLU C 322 11.42 14.11 -28.33
CA GLU C 322 10.86 12.79 -28.59
C GLU C 322 10.30 12.18 -27.31
N GLU C 323 11.07 12.24 -26.23
CA GLU C 323 10.64 11.69 -24.94
C GLU C 323 9.39 12.40 -24.40
N SER C 324 9.34 13.72 -24.55
CA SER C 324 8.15 14.49 -24.14
C SER C 324 6.91 14.02 -24.89
N GLN C 325 7.03 13.85 -26.20
CA GLN C 325 5.94 13.34 -27.03
C GLN C 325 5.50 11.94 -26.60
N ARG C 326 6.48 11.10 -26.29
CA ARG C 326 6.20 9.72 -25.87
C ARG C 326 5.40 9.70 -24.57
N ILE C 327 5.78 10.55 -23.61
CA ILE C 327 5.04 10.67 -22.35
C ILE C 327 3.59 11.11 -22.58
N MSE C 328 3.39 12.08 -23.48
CA MSE C 328 2.04 12.52 -23.80
C MSE C 328 1.27 11.41 -24.50
O MSE C 328 0.07 11.27 -24.32
CB MSE C 328 2.07 13.79 -24.66
CG MSE C 328 2.77 14.96 -23.99
SE MSE C 328 2.04 15.43 -22.23
CE MSE C 328 0.18 15.65 -22.71
N ASN C 329 1.98 10.62 -25.29
CA ASN C 329 1.36 9.49 -25.97
C ASN C 329 0.86 8.51 -24.90
N LEU C 330 1.65 8.35 -23.85
CA LEU C 330 1.30 7.49 -22.73
C LEU C 330 0.03 7.98 -22.04
N PHE C 331 -0.04 9.28 -21.78
CA PHE C 331 -1.24 9.88 -21.19
C PHE C 331 -2.47 9.61 -22.05
N ALA C 332 -2.37 9.89 -23.34
CA ALA C 332 -3.48 9.70 -24.26
C ALA C 332 -3.94 8.24 -24.30
N HIS C 333 -2.98 7.33 -24.41
CA HIS C 333 -3.27 5.90 -24.46
C HIS C 333 -3.86 5.36 -23.15
N ARG C 334 -3.35 5.84 -22.02
CA ARG C 334 -3.80 5.41 -20.70
C ARG C 334 -4.52 6.53 -19.97
N TRP C 335 -5.41 7.21 -20.69
CA TRP C 335 -6.14 8.36 -20.16
C TRP C 335 -6.97 8.01 -18.92
N GLU C 336 -7.61 6.85 -18.94
CA GLU C 336 -8.43 6.42 -17.79
C GLU C 336 -7.58 6.21 -16.53
N ASP C 337 -6.40 5.64 -16.68
CA ASP C 337 -5.51 5.39 -15.56
C ASP C 337 -4.96 6.70 -15.00
N LEU C 338 -4.51 7.58 -15.89
CA LEU C 338 -3.78 8.77 -15.47
C LEU C 338 -4.63 10.04 -15.34
N ILE C 339 -5.77 10.08 -16.02
CA ILE C 339 -6.65 11.24 -15.90
C ILE C 339 -7.98 10.83 -15.30
N GLY C 340 -8.64 9.88 -15.94
CA GLY C 340 -9.90 9.34 -15.47
C GLY C 340 -10.93 10.42 -15.18
N TYR C 341 -11.55 10.30 -14.02
CA TYR C 341 -12.52 11.25 -13.52
C TYR C 341 -11.88 12.56 -13.06
N MSE C 342 -10.71 12.51 -12.42
CA MSE C 342 -10.07 13.75 -12.00
C MSE C 342 -8.57 13.83 -12.33
O MSE C 342 -7.79 12.98 -11.89
CB MSE C 342 -10.27 13.94 -10.50
CG MSE C 342 -9.62 15.17 -9.89
SE MSE C 342 -10.04 16.81 -10.85
CE MSE C 342 -11.89 17.07 -10.28
N PRO C 343 -8.16 14.81 -13.15
CA PRO C 343 -6.73 14.93 -13.40
C PRO C 343 -6.09 15.50 -12.13
N VAL C 344 -4.89 15.04 -11.74
CA VAL C 344 -4.14 14.01 -12.44
C VAL C 344 -3.71 12.97 -11.40
N LYS C 345 -3.62 11.69 -11.79
CA LYS C 345 -3.21 10.68 -10.83
C LYS C 345 -1.75 10.93 -10.44
N ILE C 346 -1.52 11.08 -9.14
CA ILE C 346 -0.18 11.42 -8.64
C ILE C 346 0.83 10.33 -8.96
N CYS C 347 0.44 9.07 -8.81
CA CYS C 347 1.29 7.97 -9.27
C CYS C 347 0.47 6.72 -9.55
N TYR C 348 1.06 5.81 -10.32
CA TYR C 348 0.38 4.65 -10.85
C TYR C 348 1.38 3.49 -10.98
N PRO C 349 0.97 2.26 -10.60
CA PRO C 349 -0.25 1.92 -9.89
C PRO C 349 -0.07 2.04 -8.38
N ALA C 350 -1.16 1.86 -7.65
CA ALA C 350 -1.14 1.97 -6.21
C ALA C 350 -0.46 0.76 -5.56
N LEU C 351 0.18 0.99 -4.43
CA LEU C 351 0.78 -0.10 -3.69
C LEU C 351 -0.44 -0.80 -3.11
N GLN C 352 -0.47 -2.12 -3.15
CA GLN C 352 -1.64 -2.83 -2.64
C GLN C 352 -1.30 -4.05 -1.81
N GLY C 353 -2.20 -4.40 -0.90
CA GLY C 353 -2.04 -5.56 -0.06
C GLY C 353 -0.78 -5.51 0.77
N LEU C 354 -0.03 -6.58 0.74
CA LEU C 354 1.19 -6.71 1.53
C LEU C 354 2.20 -5.64 1.16
N GLU C 355 2.27 -5.29 -0.13
CA GLU C 355 3.21 -4.27 -0.57
C GLU C 355 2.95 -2.94 0.13
N TRP C 356 1.67 -2.57 0.24
CA TRP C 356 1.27 -1.38 0.98
C TRP C 356 1.72 -1.47 2.44
N GLN C 357 1.52 -2.64 3.05
CA GLN C 357 1.94 -2.87 4.43
C GLN C 357 3.44 -2.63 4.60
N ILE C 358 4.24 -3.32 3.79
CA ILE C 358 5.69 -3.28 3.91
C ILE C 358 6.27 -1.91 3.55
N VAL C 359 5.84 -1.36 2.42
CA VAL C 359 6.43 -0.14 1.91
C VAL C 359 5.97 1.13 2.63
N THR C 360 4.71 1.18 3.07
CA THR C 360 4.23 2.36 3.78
C THR C 360 4.22 2.22 5.30
N GLY C 361 4.45 1.00 5.79
CA GLY C 361 4.33 0.75 7.21
C GLY C 361 2.87 0.87 7.65
N CYS C 362 1.99 0.28 6.86
CA CYS C 362 0.56 0.30 7.12
C CYS C 362 0.05 1.72 7.39
N ASP C 363 0.26 2.61 6.43
CA ASP C 363 -0.09 4.02 6.57
C ASP C 363 -1.55 4.22 6.15
N PRO C 364 -2.42 4.47 7.14
CA PRO C 364 -3.88 4.52 6.90
C PRO C 364 -4.30 5.69 6.01
N LYS C 365 -3.49 6.73 5.93
CA LYS C 365 -3.82 7.83 5.02
C LYS C 365 -3.48 7.47 3.58
N ASN C 366 -2.59 6.49 3.39
CA ASN C 366 -2.17 6.12 2.05
C ASN C 366 -2.55 4.70 1.66
N ILE C 367 -3.77 4.31 1.99
CA ILE C 367 -4.34 3.05 1.55
C ILE C 367 -4.39 3.04 0.02
N PRO C 368 -4.55 1.86 -0.61
CA PRO C 368 -4.52 1.78 -2.07
C PRO C 368 -5.48 2.75 -2.77
N TRP C 369 -4.97 3.42 -3.81
CA TRP C 369 -5.73 4.35 -4.63
C TRP C 369 -6.24 5.54 -3.83
N SER C 370 -5.52 5.87 -2.76
CA SER C 370 -5.87 7.01 -1.93
C SER C 370 -4.66 7.91 -1.69
N TYR C 371 -4.86 9.21 -1.82
CA TYR C 371 -3.87 10.22 -1.44
C TYR C 371 -2.58 10.09 -2.25
N HIS C 372 -1.45 9.87 -1.57
CA HIS C 372 -0.18 9.68 -2.28
C HIS C 372 -0.12 8.33 -3.00
N ASN C 373 -0.81 7.34 -2.45
CA ASN C 373 -0.78 5.99 -2.99
C ASN C 373 -1.77 5.81 -4.13
N GLY C 374 -1.67 6.65 -5.15
CA GLY C 374 -2.45 6.50 -6.36
C GLY C 374 -3.79 7.23 -6.36
N GLY C 375 -3.88 8.31 -5.57
CA GLY C 375 -5.01 9.21 -5.65
C GLY C 375 -4.88 10.16 -6.84
N ASN C 376 -5.93 10.91 -7.13
CA ASN C 376 -5.88 11.91 -8.18
C ASN C 376 -5.88 13.33 -7.61
N TRP C 377 -4.94 14.14 -8.07
CA TRP C 377 -4.71 15.44 -7.46
C TRP C 377 -4.96 16.57 -8.46
N PRO C 378 -6.01 17.36 -8.22
CA PRO C 378 -6.39 18.49 -9.06
C PRO C 378 -5.26 19.46 -9.34
N VAL C 379 -4.39 19.74 -8.37
CA VAL C 379 -3.31 20.70 -8.58
C VAL C 379 -2.39 20.31 -9.75
N LEU C 380 -2.20 19.02 -9.95
CA LEU C 380 -1.32 18.52 -11.01
C LEU C 380 -1.79 18.90 -12.42
N LEU C 381 -3.04 19.36 -12.51
CA LEU C 381 -3.63 19.75 -13.79
C LEU C 381 -2.82 20.88 -14.44
N TRP C 382 -2.33 21.83 -13.64
CA TRP C 382 -1.55 22.93 -14.20
C TRP C 382 -0.26 22.40 -14.82
N LEU C 383 0.40 21.43 -14.18
CA LEU C 383 1.61 20.84 -14.78
C LEU C 383 1.27 20.13 -16.08
N PHE C 384 0.15 19.41 -16.07
CA PHE C 384 -0.27 18.66 -17.25
C PHE C 384 -0.64 19.58 -18.41
N THR C 385 -1.35 20.66 -18.10
CA THR C 385 -1.74 21.64 -19.10
C THR C 385 -0.49 22.26 -19.74
N ALA C 386 0.43 22.75 -18.89
CA ALA C 386 1.67 23.33 -19.35
C ALA C 386 2.44 22.36 -20.25
N ALA C 387 2.54 21.11 -19.80
CA ALA C 387 3.27 20.08 -20.54
C ALA C 387 2.60 19.77 -21.88
N ALA C 388 1.27 19.71 -21.87
CA ALA C 388 0.51 19.44 -23.09
C ALA C 388 0.64 20.57 -24.11
N LEU C 389 0.71 21.81 -23.62
CA LEU C 389 0.91 22.98 -24.47
C LEU C 389 2.28 23.00 -25.12
N LYS C 390 3.30 22.64 -24.33
CA LYS C 390 4.67 22.60 -24.79
C LYS C 390 4.91 21.52 -25.83
N THR C 391 4.20 20.42 -25.69
CA THR C 391 4.32 19.31 -26.62
C THR C 391 3.35 19.42 -27.79
N GLY C 392 2.49 20.44 -27.75
CA GLY C 392 1.53 20.67 -28.82
C GLY C 392 0.23 19.88 -28.71
N LYS C 393 0.06 19.14 -27.62
CA LYS C 393 -1.18 18.36 -27.44
C LYS C 393 -2.26 19.22 -26.79
N VAL C 394 -2.76 20.21 -27.54
CA VAL C 394 -3.77 21.13 -27.05
C VAL C 394 -5.06 20.42 -26.67
N GLU C 395 -5.45 19.46 -27.50
CA GLU C 395 -6.67 18.68 -27.26
C GLU C 395 -6.69 18.01 -25.88
N LEU C 396 -5.54 17.49 -25.46
CA LEU C 396 -5.45 16.83 -24.16
C LEU C 396 -5.58 17.83 -23.00
N ALA C 397 -5.02 19.02 -23.17
CA ALA C 397 -5.22 20.11 -22.21
C ALA C 397 -6.71 20.45 -22.07
N HIS C 398 -7.37 20.59 -23.23
CA HIS C 398 -8.79 20.93 -23.27
CA HIS C 398 -8.79 20.91 -23.28
C HIS C 398 -9.64 19.88 -22.53
N GLU C 399 -9.44 18.62 -22.88
CA GLU C 399 -10.21 17.56 -22.26
C GLU C 399 -9.93 17.43 -20.75
N ALA C 400 -8.66 17.54 -20.37
CA ALA C 400 -8.29 17.50 -18.96
C ALA C 400 -8.97 18.60 -18.16
N ILE C 401 -8.85 19.84 -18.62
CA ILE C 401 -9.52 20.98 -17.98
C ILE C 401 -11.04 20.79 -17.88
N ALA C 402 -11.64 20.30 -18.96
CA ALA C 402 -13.07 20.07 -19.00
C ALA C 402 -13.51 19.11 -17.91
N ILE C 403 -12.78 18.00 -17.79
CA ILE C 403 -13.06 17.00 -16.76
C ILE C 403 -13.02 17.63 -15.35
N ALA C 404 -11.99 18.41 -15.07
CA ALA C 404 -11.84 19.09 -13.78
C ALA C 404 -12.95 20.10 -13.50
N GLU C 405 -13.24 20.96 -14.48
CA GLU C 405 -14.28 21.97 -14.34
C GLU C 405 -15.67 21.38 -14.05
N GLY C 406 -15.91 20.20 -14.58
CA GLY C 406 -17.17 19.50 -14.36
C GLY C 406 -17.46 19.13 -12.92
N ARG C 407 -16.42 18.97 -12.10
CA ARG C 407 -16.59 18.46 -10.74
C ARG C 407 -16.17 19.41 -9.61
N LEU C 408 -15.05 20.11 -9.80
CA LEU C 408 -14.34 20.75 -8.68
C LEU C 408 -15.22 21.71 -7.88
N SER C 409 -15.95 22.58 -8.57
CA SER C 409 -16.79 23.56 -7.90
C SER C 409 -17.89 22.87 -7.10
N ASN C 410 -18.59 21.94 -7.74
CA ASN C 410 -19.64 21.16 -7.08
C ASN C 410 -19.12 20.42 -5.84
N ASP C 411 -17.91 19.87 -5.96
CA ASP C 411 -17.29 19.12 -4.89
C ASP C 411 -16.55 20.02 -3.91
N LYS C 412 -16.60 21.33 -4.16
CA LYS C 412 -15.93 22.34 -3.35
C LYS C 412 -14.40 22.27 -3.36
N PHE C 413 -13.83 21.91 -4.50
CA PHE C 413 -12.37 21.87 -4.66
C PHE C 413 -11.59 21.00 -3.67
N PRO C 414 -11.94 19.71 -3.59
CA PRO C 414 -11.26 18.79 -2.67
C PRO C 414 -9.75 18.77 -2.90
N GLU C 415 -9.02 18.53 -1.82
CA GLU C 415 -7.57 18.39 -1.84
C GLU C 415 -7.14 17.31 -2.83
N TYR C 416 -7.86 16.20 -2.81
CA TYR C 416 -7.56 15.08 -3.67
C TYR C 416 -8.75 14.15 -3.87
N TYR C 417 -8.61 13.26 -4.84
CA TYR C 417 -9.65 12.30 -5.19
C TYR C 417 -9.05 10.90 -5.11
N ASP C 418 -9.90 9.90 -4.89
CA ASP C 418 -9.42 8.54 -4.67
C ASP C 418 -10.05 7.56 -5.65
N GLY C 419 -9.51 6.35 -5.67
CA GLY C 419 -10.06 5.30 -6.51
C GLY C 419 -9.18 5.11 -7.72
N ASN C 420 -9.30 3.93 -8.35
CA ASN C 420 -8.60 3.61 -9.58
C ASN C 420 -8.64 4.74 -10.60
N ASN C 421 -9.82 5.35 -10.74
CA ASN C 421 -10.03 6.36 -11.74
C ASN C 421 -10.42 7.73 -11.17
N GLY C 422 -10.29 7.87 -9.85
CA GLY C 422 -10.56 9.14 -9.21
C GLY C 422 -12.03 9.45 -9.01
N ARG C 423 -12.86 8.42 -9.01
CA ARG C 423 -14.30 8.58 -8.84
C ARG C 423 -14.68 9.16 -7.48
N LEU C 424 -14.01 8.68 -6.45
CA LEU C 424 -14.29 9.11 -5.09
C LEU C 424 -13.58 10.38 -4.67
N ILE C 425 -14.28 11.19 -3.88
CA ILE C 425 -13.70 12.39 -3.32
C ILE C 425 -12.74 11.83 -2.27
N GLY C 426 -11.57 12.44 -2.12
CA GLY C 426 -10.55 11.93 -1.20
C GLY C 426 -11.03 11.63 0.21
N LYS C 427 -10.59 10.47 0.71
CA LYS C 427 -10.94 9.97 2.04
C LYS C 427 -10.84 11.01 3.15
N GLU C 428 -9.71 11.71 3.20
CA GLU C 428 -9.50 12.75 4.20
C GLU C 428 -9.19 14.08 3.55
N ALA C 429 -9.83 14.33 2.40
CA ALA C 429 -9.54 15.52 1.62
C ALA C 429 -10.06 16.79 2.28
N ARG C 430 -9.21 17.81 2.31
CA ARG C 430 -9.63 19.10 2.82
C ARG C 430 -10.42 19.80 1.72
N ILE C 431 -11.55 20.42 2.06
CA ILE C 431 -12.31 21.16 1.07
C ILE C 431 -11.69 22.56 0.90
N TYR C 432 -11.93 23.18 -0.24
CA TYR C 432 -11.38 24.50 -0.57
C TYR C 432 -9.85 24.50 -0.45
N GLN C 433 -9.25 23.47 -1.02
CA GLN C 433 -7.80 23.32 -1.06
C GLN C 433 -7.27 24.30 -2.11
N THR C 434 -6.42 25.22 -1.67
CA THR C 434 -6.02 26.35 -2.50
C THR C 434 -5.36 25.98 -3.83
N TRP C 435 -4.38 25.08 -3.81
CA TRP C 435 -3.70 24.72 -5.06
C TRP C 435 -4.56 23.84 -5.98
N SER C 436 -5.67 23.31 -5.47
CA SER C 436 -6.68 22.74 -6.34
C SER C 436 -7.40 23.84 -7.11
N ILE C 437 -7.75 24.91 -6.39
CA ILE C 437 -8.35 26.11 -7.00
C ILE C 437 -7.38 26.83 -7.95
N ALA C 438 -6.18 27.09 -7.47
CA ALA C 438 -5.15 27.78 -8.27
C ALA C 438 -4.70 26.93 -9.45
N GLY C 439 -4.74 25.61 -9.26
CA GLY C 439 -4.33 24.68 -10.30
C GLY C 439 -5.23 24.79 -11.52
N LEU C 440 -6.54 24.84 -11.29
CA LEU C 440 -7.50 25.01 -12.38
C LEU C 440 -7.36 26.39 -13.04
N LEU C 441 -7.18 27.43 -12.25
CA LEU C 441 -7.03 28.78 -12.78
C LEU C 441 -5.80 28.91 -13.68
N VAL C 442 -4.65 28.48 -13.16
CA VAL C 442 -3.41 28.44 -13.93
C VAL C 442 -3.57 27.67 -15.23
N ALA C 443 -4.20 26.50 -15.16
CA ALA C 443 -4.42 25.69 -16.35
C ALA C 443 -5.26 26.44 -17.38
N LYS C 444 -6.35 27.06 -16.93
CA LYS C 444 -7.21 27.82 -17.85
C LYS C 444 -6.49 29.03 -18.44
N GLN C 445 -5.68 29.72 -17.63
CA GLN C 445 -4.97 30.89 -18.13
C GLN C 445 -3.82 30.50 -19.04
N PHE C 446 -3.19 29.35 -18.76
CA PHE C 446 -2.17 28.83 -19.66
C PHE C 446 -2.80 28.54 -21.02
N LEU C 447 -3.95 27.89 -21.00
CA LEU C 447 -4.65 27.51 -22.22
C LEU C 447 -5.02 28.76 -23.01
N ALA C 448 -5.47 29.78 -22.27
CA ALA C 448 -5.85 31.06 -22.87
C ALA C 448 -4.66 31.78 -23.50
N ASN C 449 -3.55 31.85 -22.77
CA ASN C 449 -2.31 32.42 -23.30
C ASN C 449 -1.10 31.54 -23.00
N PRO C 450 -0.75 30.64 -23.94
CA PRO C 450 0.37 29.70 -23.84
C PRO C 450 1.73 30.34 -23.56
N ASP C 451 1.94 31.59 -23.95
CA ASP C 451 3.22 32.27 -23.71
C ASP C 451 3.60 32.25 -22.22
N HIS C 452 2.59 32.23 -21.36
CA HIS C 452 2.80 32.21 -19.90
C HIS C 452 3.48 30.93 -19.38
N VAL C 453 3.44 29.86 -20.16
CA VAL C 453 4.10 28.60 -19.79
C VAL C 453 5.61 28.79 -19.63
N GLU C 454 6.14 29.83 -20.27
CA GLU C 454 7.55 30.17 -20.14
C GLU C 454 7.98 30.58 -18.73
N PHE C 455 7.03 30.85 -17.84
CA PHE C 455 7.39 31.12 -16.44
C PHE C 455 8.02 29.89 -15.77
N ILE C 456 7.45 28.72 -16.06
CA ILE C 456 7.91 27.47 -15.47
C ILE C 456 8.60 26.58 -16.51
N SER C 457 9.04 27.16 -17.61
CA SER C 457 9.65 26.34 -18.63
C SER C 457 10.97 26.92 -19.07
N PHE C 458 11.75 26.13 -19.78
CA PHE C 458 13.05 26.59 -20.25
C PHE C 458 13.11 26.60 -21.77
N PRO C 459 13.77 27.63 -22.34
CA PRO C 459 13.96 27.79 -23.78
C PRO C 459 14.56 26.55 -24.44
C1 GLC D . -33.20 -25.21 -1.71
C2 GLC D . -33.29 -23.71 -1.97
C3 GLC D . -34.62 -23.17 -1.49
C4 GLC D . -35.74 -23.92 -2.16
C5 GLC D . -35.58 -25.42 -1.97
C6 GLC D . -36.63 -26.16 -2.79
O2 GLC D . -32.24 -23.02 -1.30
O3 GLC D . -34.72 -21.79 -1.83
O4 GLC D . -36.98 -23.51 -1.58
O5 GLC D . -34.28 -25.86 -2.37
O6 GLC D . -36.63 -25.69 -4.14
C1 FRU D . -32.53 -27.85 -0.88
C2 FRU D . -32.50 -26.70 0.14
C3 FRU D . -31.04 -26.45 0.51
C4 FRU D . -31.05 -26.32 2.02
C5 FRU D . -32.25 -27.11 2.45
C6 FRU D . -32.87 -26.52 3.71
O1 FRU D . -32.67 -29.09 -0.21
O2 FRU D . -33.16 -25.51 -0.31
O3 FRU D . -30.51 -25.28 -0.11
O4 FRU D . -29.87 -26.86 2.62
O5 FRU D . -33.16 -27.12 1.34
O6 FRU D . -33.04 -27.56 4.69
C1 GLC E . 0.08 17.25 2.62
C2 GLC E . 0.66 16.92 1.24
C3 GLC E . 1.65 17.98 0.78
C4 GLC E . 1.00 19.35 0.83
C5 GLC E . 0.43 19.59 2.22
C6 GLC E . -0.31 20.92 2.24
O2 GLC E . 1.30 15.65 1.26
O3 GLC E . 2.06 17.73 -0.55
O4 GLC E . 1.95 20.36 0.53
O5 GLC E . -0.49 18.56 2.58
O6 GLC E . -1.25 20.94 1.15
C1 FRU E . 0.63 15.14 4.98
C2 FRU E . 0.56 16.67 4.92
C3 FRU E . 1.40 17.23 6.03
C4 FRU E . 0.67 18.49 6.44
C5 FRU E . -0.78 18.09 6.22
C6 FRU E . -1.66 19.28 5.86
O1 FRU E . 0.80 14.62 3.67
O2 FRU E . 1.05 17.15 3.67
O3 FRU E . 2.71 17.50 5.54
O4 FRU E . 0.91 18.85 7.80
O5 FRU E . -0.76 17.13 5.17
O6 FRU E . -3.03 18.87 5.84
C1 FRU F . 30.64 -10.35 -3.62
C2 FRU F . 29.99 -9.01 -3.39
C3 FRU F . 28.48 -9.15 -3.60
C4 FRU F . 28.08 -7.82 -4.18
C5 FRU F . 29.31 -7.44 -4.96
C6 FRU F . 29.46 -5.94 -5.04
O1 FRU F . 30.74 -10.63 -4.99
O2 FRU F . 30.29 -8.63 -2.09
O3 FRU F . 27.82 -9.51 -2.41
O4 FRU F . 26.94 -7.93 -5.00
O5 FRU F . 30.42 -8.01 -4.28
O6 FRU F . 30.42 -5.60 -6.01
#